data_7P2T
#
_entry.id   7P2T
#
_cell.length_a   99.205
_cell.length_b   99.003
_cell.length_c   178.585
_cell.angle_alpha   90.000
_cell.angle_beta   91.300
_cell.angle_gamma   90.000
#
_symmetry.space_group_name_H-M   'C 1 2 1'
#
loop_
_entity.id
_entity.type
_entity.pdbx_description
1 polymer 'Histone deacetylase 8'
2 non-polymer 'ZINC ION'
3 non-polymer 'POTASSIUM ION'
4 non-polymer 5-[[(2R)-7-bromanyl-2-phenyl-2,3-dihydrothieno[3,2-b]indol-4-yl]methyl]-N-oxidanyl-thiophene-2-carboxamide
5 non-polymer TRIS-HYDROXYMETHYL-METHYL-AMMONIUM
6 non-polymer 'CHLORIDE ION'
7 water water
#
_entity_poly.entity_id   1
_entity_poly.type   'polypeptide(L)'
_entity_poly.pdbx_seq_one_letter_code
;MSVGIVYGDQYRQLCCSSPKFGDRYALVMDLINAYKLIPELSRVPPLQWDSPSRMYEAVTAFHSTEYVDALKKLQMLHCE
EKELTADDELLMDSFSLNYDCPGFPSVFDYSLAAVQGSLAAASALICRHCEVVINWGGGWHHAKRSEASGFCYLNDIVLA
IHRLVSSTPPETSPNRQTRVLYVDLDLHHGDGVEEAFWYSPRVVTFSVHHASPGFFPGTGTWNMVDNDKLPIFLNGAGRG
RFSAFNLPLEEGINDLDWSNAIGPILDSLNIVIQPSYVVVQCGADCLATDPHRIFRLTNFYPNLNLDSDCDSECSLSGYL
YAIKKILSWKVPTLILGGGGYNFPDTARLWTRVTALTIEEVKGKKMTISPEIPEHSYFSRYGPDFELDIDYFPHKSHNKT
LDSIQKHHRRILEQLRNYADLNKLIYDYDQVYQLYNLTGM
;
_entity_poly.pdbx_strand_id   A,B,C,D
#
loop_
_chem_comp.id
_chem_comp.type
_chem_comp.name
_chem_comp.formula
144 non-polymer TRIS-HYDROXYMETHYL-METHYL-AMMONIUM 'C4 H12 N O3 1'
4VX non-polymer 5-[[(2R)-7-bromanyl-2-phenyl-2,3-dihydrothieno[3,2-b]indol-4-yl]methyl]-N-oxidanyl-thiophene-2-carboxamide 'C22 H17 Br N2 O2 S2'
CL non-polymer 'CHLORIDE ION' 'Cl -1'
K non-polymer 'POTASSIUM ION' 'K 1'
ZN non-polymer 'ZINC ION' 'Zn 2'
#
# COMPACT_ATOMS: atom_id res chain seq x y z
N MET A 1 48.65 -14.49 1.69
CA MET A 1 49.37 -15.72 2.00
C MET A 1 48.41 -16.82 2.43
N SER A 2 47.98 -17.63 1.47
CA SER A 2 47.14 -18.80 1.72
C SER A 2 45.83 -18.45 2.39
N VAL A 3 44.97 -17.71 1.70
CA VAL A 3 43.61 -17.45 2.19
C VAL A 3 42.85 -18.76 2.25
N GLY A 4 41.97 -18.89 3.23
CA GLY A 4 41.22 -20.12 3.46
C GLY A 4 39.74 -19.97 3.18
N ILE A 5 39.12 -21.08 2.77
CA ILE A 5 37.69 -21.15 2.53
C ILE A 5 37.19 -22.51 3.02
N VAL A 6 36.00 -22.53 3.60
CA VAL A 6 35.42 -23.73 4.19
C VAL A 6 34.33 -24.25 3.27
N TYR A 7 34.50 -25.48 2.78
CA TYR A 7 33.48 -26.13 1.96
C TYR A 7 33.74 -27.61 1.89
N GLY A 8 32.67 -28.38 1.67
CA GLY A 8 32.76 -29.82 1.57
C GLY A 8 31.44 -30.39 1.10
N ASP A 9 31.50 -31.64 0.65
CA ASP A 9 30.32 -32.29 0.08
C ASP A 9 29.22 -32.41 1.12
N GLN A 10 29.54 -33.00 2.28
CA GLN A 10 28.56 -33.05 3.36
C GLN A 10 28.26 -31.65 3.88
N TYR A 11 29.27 -30.78 3.91
CA TYR A 11 29.05 -29.40 4.32
C TYR A 11 28.09 -28.70 3.36
N ARG A 12 28.27 -28.91 2.06
CA ARG A 12 27.36 -28.35 1.08
C ARG A 12 25.95 -28.89 1.27
N GLN A 13 25.83 -30.21 1.43
CA GLN A 13 24.50 -30.81 1.55
C GLN A 13 23.76 -30.31 2.79
N LEU A 14 24.47 -30.20 3.92
CA LEU A 14 23.82 -29.86 5.18
C LEU A 14 23.61 -28.36 5.34
N CYS A 15 24.52 -27.53 4.81
CA CYS A 15 24.31 -26.09 4.85
C CYS A 15 23.16 -25.65 3.96
N CYS A 16 22.85 -26.42 2.91
CA CYS A 16 21.72 -26.16 2.03
C CYS A 16 20.49 -26.98 2.43
N SER A 17 20.39 -27.33 3.71
CA SER A 17 19.28 -28.12 4.22
CA SER A 17 19.27 -28.11 4.21
C SER A 17 18.28 -27.29 5.02
N SER A 18 18.40 -25.97 5.00
CA SER A 18 17.50 -25.09 5.74
C SER A 18 16.36 -24.66 4.85
N PRO A 19 15.10 -24.87 5.24
CA PRO A 19 13.98 -24.37 4.43
C PRO A 19 13.94 -22.85 4.32
N LYS A 20 14.54 -22.13 5.27
CA LYS A 20 14.57 -20.67 5.19
C LYS A 20 15.50 -20.20 4.08
N PHE A 21 16.70 -20.76 4.01
CA PHE A 21 17.69 -20.33 3.04
C PHE A 21 17.69 -21.18 1.77
N GLY A 22 17.12 -22.38 1.81
CA GLY A 22 17.11 -23.24 0.64
C GLY A 22 18.49 -23.69 0.23
N ASP A 23 18.92 -23.26 -0.95
CA ASP A 23 20.25 -23.60 -1.48
C ASP A 23 21.10 -22.36 -1.65
N ARG A 24 21.06 -21.46 -0.65
CA ARG A 24 21.86 -20.24 -0.70
C ARG A 24 23.35 -20.57 -0.70
N TYR A 25 23.77 -21.50 0.16
CA TYR A 25 25.17 -21.87 0.22
C TYR A 25 25.62 -22.50 -1.09
N ALA A 26 24.75 -23.32 -1.70
CA ALA A 26 25.08 -23.92 -3.00
C ALA A 26 25.29 -22.84 -4.05
N LEU A 27 24.41 -21.84 -4.10
CA LEU A 27 24.54 -20.76 -5.06
C LEU A 27 25.83 -19.98 -4.83
N VAL A 28 26.14 -19.67 -3.56
CA VAL A 28 27.35 -18.93 -3.25
C VAL A 28 28.58 -19.72 -3.68
N MET A 29 28.64 -21.00 -3.32
CA MET A 29 29.78 -21.83 -3.67
C MET A 29 29.95 -21.94 -5.17
N ASP A 30 28.83 -22.12 -5.89
CA ASP A 30 28.90 -22.25 -7.33
C ASP A 30 29.30 -20.94 -7.99
N LEU A 31 28.98 -19.81 -7.36
CA LEU A 31 29.42 -18.53 -7.91
C LEU A 31 30.91 -18.29 -7.66
N ILE A 32 31.42 -18.71 -6.51
CA ILE A 32 32.87 -18.64 -6.31
C ILE A 32 33.60 -19.56 -7.28
N ASN A 33 33.06 -20.76 -7.50
CA ASN A 33 33.71 -21.69 -8.41
C ASN A 33 33.61 -21.24 -9.86
N ALA A 34 32.50 -20.58 -10.21
CA ALA A 34 32.29 -20.16 -11.59
C ALA A 34 33.28 -19.08 -12.02
N TYR A 35 33.71 -18.24 -11.09
CA TYR A 35 34.70 -17.22 -11.36
C TYR A 35 36.13 -17.74 -11.20
N LYS A 36 36.29 -19.06 -11.04
CA LYS A 36 37.59 -19.70 -10.91
C LYS A 36 38.40 -19.11 -9.74
N LEU A 37 37.73 -18.94 -8.62
CA LEU A 37 38.37 -18.47 -7.40
C LEU A 37 38.77 -19.60 -6.46
N ILE A 38 38.21 -20.79 -6.64
CA ILE A 38 38.53 -21.96 -5.82
C ILE A 38 40.01 -22.31 -5.93
N PRO A 39 40.62 -22.35 -7.12
CA PRO A 39 42.06 -22.62 -7.19
C PRO A 39 42.91 -21.56 -6.50
N GLU A 40 42.37 -20.38 -6.28
CA GLU A 40 43.07 -19.31 -5.56
C GLU A 40 42.82 -19.38 -4.05
N LEU A 41 42.08 -20.38 -3.58
CA LEU A 41 41.69 -20.50 -2.18
C LEU A 41 42.09 -21.87 -1.65
N SER A 42 42.46 -21.92 -0.38
CA SER A 42 42.83 -23.18 0.27
C SER A 42 41.63 -23.77 0.98
N ARG A 43 41.34 -25.04 0.70
CA ARG A 43 40.19 -25.69 1.30
C ARG A 43 40.44 -25.99 2.77
N VAL A 44 39.46 -25.65 3.61
CA VAL A 44 39.48 -25.97 5.02
C VAL A 44 38.25 -26.83 5.34
N PRO A 45 38.43 -28.15 5.46
CA PRO A 45 37.28 -29.02 5.66
C PRO A 45 36.68 -28.82 7.03
N PRO A 46 35.39 -29.08 7.20
CA PRO A 46 34.76 -28.92 8.52
C PRO A 46 35.35 -29.88 9.55
N LEU A 47 35.37 -29.43 10.80
CA LEU A 47 35.96 -30.22 11.88
C LEU A 47 34.97 -31.26 12.37
N GLN A 48 35.44 -32.50 12.53
CA GLN A 48 34.64 -33.60 13.02
C GLN A 48 35.19 -34.10 14.36
N TRP A 49 34.31 -34.62 15.20
CA TRP A 49 34.66 -35.10 16.52
C TRP A 49 34.79 -36.62 16.53
N ASP A 50 35.79 -37.12 17.25
CA ASP A 50 36.01 -38.56 17.31
C ASP A 50 34.96 -39.29 18.13
N SER A 51 34.21 -38.57 18.96
CA SER A 51 33.12 -39.16 19.73
C SER A 51 32.02 -38.13 19.89
N PRO A 52 30.77 -38.56 20.06
CA PRO A 52 29.71 -37.60 20.36
C PRO A 52 29.93 -36.83 21.65
N SER A 53 30.66 -37.41 22.61
CA SER A 53 30.97 -36.70 23.83
C SER A 53 31.87 -35.49 23.57
N ARG A 54 32.83 -35.63 22.66
CA ARG A 54 33.67 -34.50 22.30
C ARG A 54 32.85 -33.38 21.66
N MET A 55 31.91 -33.74 20.78
CA MET A 55 31.01 -32.74 20.20
C MET A 55 30.17 -32.07 21.29
N TYR A 56 29.69 -32.86 22.24
CA TYR A 56 28.90 -32.31 23.35
C TYR A 56 29.73 -31.32 24.16
N GLU A 57 30.98 -31.67 24.44
CA GLU A 57 31.85 -30.78 25.18
C GLU A 57 32.11 -29.49 24.41
N ALA A 58 32.32 -29.61 23.09
CA ALA A 58 32.60 -28.43 22.28
C ALA A 58 31.39 -27.50 22.22
N VAL A 59 30.21 -28.06 21.97
CA VAL A 59 29.01 -27.24 21.84
C VAL A 59 28.60 -26.64 23.18
N THR A 60 28.65 -27.45 24.25
CA THR A 60 28.23 -27.00 25.56
C THR A 60 29.26 -26.10 26.24
N ALA A 61 30.37 -25.77 25.57
CA ALA A 61 31.30 -24.80 26.12
C ALA A 61 30.63 -23.44 26.29
N PHE A 62 29.64 -23.14 25.45
CA PHE A 62 28.82 -21.94 25.58
C PHE A 62 27.37 -22.27 25.87
N HIS A 63 26.80 -23.23 25.16
CA HIS A 63 25.41 -23.60 25.35
C HIS A 63 25.24 -24.48 26.59
N SER A 64 23.99 -24.85 26.85
CA SER A 64 23.64 -25.67 28.00
C SER A 64 23.27 -27.08 27.56
N THR A 65 23.45 -28.03 28.47
CA THR A 65 23.13 -29.43 28.19
C THR A 65 21.67 -29.61 27.79
N GLU A 66 20.78 -28.92 28.51
CA GLU A 66 19.34 -29.06 28.25
C GLU A 66 18.98 -28.54 26.86
N TYR A 67 19.57 -27.41 26.45
CA TYR A 67 19.26 -26.85 25.14
C TYR A 67 19.71 -27.76 24.01
N VAL A 68 20.93 -28.30 24.11
CA VAL A 68 21.44 -29.20 23.08
C VAL A 68 20.60 -30.47 23.04
N ASP A 69 20.25 -31.02 24.21
CA ASP A 69 19.40 -32.20 24.25
C ASP A 69 18.04 -31.93 23.62
N ALA A 70 17.47 -30.76 23.89
CA ALA A 70 16.17 -30.42 23.31
C ALA A 70 16.26 -30.26 21.79
N LEU A 71 17.34 -29.67 21.30
CA LEU A 71 17.50 -29.54 19.85
C LEU A 71 17.68 -30.90 19.19
N LYS A 72 18.44 -31.78 19.82
CA LYS A 72 18.60 -33.14 19.30
C LYS A 72 17.27 -33.88 19.30
N LYS A 73 16.48 -33.71 20.36
CA LYS A 73 15.16 -34.33 20.41
C LYS A 73 14.25 -33.78 19.33
N LEU A 74 14.33 -32.47 19.06
CA LEU A 74 13.54 -31.87 17.99
C LEU A 74 13.93 -32.47 16.63
N GLN A 75 15.23 -32.60 16.38
CA GLN A 75 15.68 -33.22 15.13
C GLN A 75 15.18 -34.66 15.02
N MET A 76 15.28 -35.41 16.12
CA MET A 76 14.86 -36.81 16.10
C MET A 76 13.35 -36.93 15.85
N LEU A 77 12.56 -36.07 16.49
CA LEU A 77 11.10 -36.20 16.39
C LEU A 77 10.58 -35.71 15.05
N HIS A 78 11.21 -34.67 14.47
CA HIS A 78 10.77 -34.22 13.16
C HIS A 78 11.09 -35.22 12.06
N CYS A 79 12.02 -36.15 12.30
CA CYS A 79 12.30 -37.22 11.34
C CYS A 79 11.31 -38.35 11.51
N GLU A 83 2.24 -37.08 16.02
CA GLU A 83 2.64 -35.68 16.01
C GLU A 83 3.36 -35.29 17.30
N LEU A 84 3.63 -33.99 17.43
CA LEU A 84 4.28 -33.48 18.63
C LEU A 84 3.39 -33.67 19.85
N THR A 85 4.00 -34.13 20.94
CA THR A 85 3.28 -34.30 22.19
C THR A 85 3.22 -32.98 22.95
N ALA A 86 2.32 -32.92 23.93
CA ALA A 86 2.15 -31.70 24.71
C ALA A 86 3.43 -31.33 25.46
N ASP A 87 4.10 -32.32 26.05
CA ASP A 87 5.37 -32.06 26.73
C ASP A 87 6.45 -31.65 25.74
N ASP A 88 6.44 -32.25 24.55
CA ASP A 88 7.41 -31.86 23.52
C ASP A 88 7.20 -30.43 23.07
N GLU A 89 5.94 -30.04 22.83
CA GLU A 89 5.62 -28.66 22.51
C GLU A 89 6.07 -27.72 23.63
N LEU A 90 5.81 -28.12 24.87
CA LEU A 90 6.18 -27.28 26.01
C LEU A 90 7.68 -27.06 26.06
N LEU A 91 8.45 -28.15 25.88
CA LEU A 91 9.91 -28.05 25.96
C LEU A 91 10.48 -27.24 24.80
N MET A 92 9.89 -27.36 23.60
CA MET A 92 10.37 -26.58 22.48
C MET A 92 10.02 -25.10 22.62
N ASP A 93 8.85 -24.81 23.21
CA ASP A 93 8.50 -23.42 23.46
C ASP A 93 9.39 -22.80 24.53
N SER A 94 9.75 -23.57 25.55
CA SER A 94 10.58 -23.04 26.62
C SER A 94 11.95 -22.60 26.10
N PHE A 95 12.46 -23.28 25.08
CA PHE A 95 13.74 -22.93 24.46
C PHE A 95 13.58 -22.15 23.16
N SER A 96 12.36 -21.69 22.87
CA SER A 96 12.08 -20.92 21.66
C SER A 96 12.46 -21.69 20.39
N LEU A 97 12.25 -22.99 20.42
CA LEU A 97 12.57 -23.85 19.28
C LEU A 97 11.35 -24.01 18.37
N ASN A 98 10.79 -22.87 18.00
CA ASN A 98 9.62 -22.81 17.11
C ASN A 98 9.40 -21.39 16.62
N TYR A 99 8.25 -21.14 16.00
CA TYR A 99 7.88 -19.83 15.47
C TYR A 99 8.87 -19.38 14.40
N ASP A 100 9.78 -18.48 14.75
CA ASP A 100 10.81 -18.01 13.82
C ASP A 100 11.99 -18.95 13.73
N CYS A 101 12.01 -20.02 14.53
CA CYS A 101 13.03 -21.08 14.45
C CYS A 101 12.30 -22.41 14.34
N PRO A 102 11.66 -22.67 13.20
CA PRO A 102 10.84 -23.89 13.08
C PRO A 102 11.69 -25.14 13.01
N GLY A 103 11.06 -26.26 13.34
CA GLY A 103 11.74 -27.54 13.28
C GLY A 103 11.68 -28.15 11.88
N PHE A 104 12.71 -28.93 11.58
CA PHE A 104 12.79 -29.68 10.34
C PHE A 104 13.80 -30.81 10.54
N PRO A 105 13.76 -31.86 9.70
CA PRO A 105 14.53 -33.07 10.00
C PRO A 105 16.03 -32.87 10.15
N SER A 106 16.57 -31.73 9.71
CA SER A 106 18.00 -31.48 9.74
C SER A 106 18.31 -30.17 10.45
N VAL A 107 17.64 -29.94 11.59
CA VAL A 107 17.93 -28.74 12.37
C VAL A 107 19.29 -28.85 13.04
N PHE A 108 19.49 -29.90 13.85
CA PHE A 108 20.73 -30.05 14.60
C PHE A 108 21.91 -30.24 13.67
N ASP A 109 21.74 -31.02 12.60
CA ASP A 109 22.86 -31.31 11.71
C ASP A 109 23.36 -30.05 11.02
N TYR A 110 22.44 -29.22 10.52
CA TYR A 110 22.82 -27.97 9.85
C TYR A 110 23.42 -26.97 10.84
N SER A 111 22.77 -26.80 11.99
CA SER A 111 23.28 -25.89 13.00
C SER A 111 24.65 -26.32 13.50
N LEU A 112 24.88 -27.62 13.57
CA LEU A 112 26.17 -28.15 14.02
C LEU A 112 27.22 -28.03 12.92
N ALA A 113 26.82 -28.20 11.66
CA ALA A 113 27.76 -28.07 10.55
C ALA A 113 28.31 -26.66 10.46
N ALA A 114 27.46 -25.66 10.73
CA ALA A 114 27.95 -24.29 10.78
C ALA A 114 29.07 -24.14 11.82
N VAL A 115 28.85 -24.70 13.01
CA VAL A 115 29.86 -24.65 14.06
C VAL A 115 31.10 -25.43 13.65
N GLN A 116 30.92 -26.54 12.95
CA GLN A 116 32.06 -27.34 12.49
C GLN A 116 32.95 -26.52 11.57
N GLY A 117 32.33 -25.83 10.61
CA GLY A 117 33.10 -24.98 9.71
C GLY A 117 33.79 -23.85 10.44
N SER A 118 33.09 -23.20 11.38
CA SER A 118 33.68 -22.10 12.11
C SER A 118 34.86 -22.56 12.97
N LEU A 119 34.73 -23.71 13.63
CA LEU A 119 35.83 -24.22 14.45
C LEU A 119 36.99 -24.71 13.59
N ALA A 120 36.72 -25.25 12.41
CA ALA A 120 37.80 -25.60 11.50
C ALA A 120 38.56 -24.36 11.06
N ALA A 121 37.84 -23.28 10.76
CA ALA A 121 38.51 -22.01 10.43
C ALA A 121 39.31 -21.49 11.62
N ALA A 122 38.76 -21.63 12.83
CA ALA A 122 39.48 -21.20 14.03
C ALA A 122 40.79 -21.97 14.19
N SER A 123 40.73 -23.30 14.02
CA SER A 123 41.94 -24.11 14.12
C SER A 123 42.94 -23.74 13.03
N ALA A 124 42.45 -23.49 11.81
CA ALA A 124 43.34 -23.06 10.73
C ALA A 124 44.03 -21.74 11.06
N LEU A 125 43.31 -20.82 11.68
CA LEU A 125 43.93 -19.55 12.08
C LEU A 125 44.93 -19.74 13.21
N ILE A 126 44.61 -20.60 14.19
CA ILE A 126 45.52 -20.80 15.31
C ILE A 126 46.79 -21.51 14.87
N CYS A 127 46.67 -22.50 13.98
CA CYS A 127 47.82 -23.23 13.49
C CYS A 127 48.66 -22.45 12.49
N ARG A 128 48.23 -21.22 12.15
CA ARG A 128 48.96 -20.35 11.23
C ARG A 128 49.03 -20.93 9.82
N HIS A 129 48.12 -21.86 9.50
CA HIS A 129 48.06 -22.41 8.17
C HIS A 129 47.56 -21.39 7.16
N CYS A 130 46.52 -20.65 7.53
CA CYS A 130 45.91 -19.64 6.67
C CYS A 130 45.91 -18.29 7.36
N GLU A 131 46.31 -17.25 6.62
CA GLU A 131 46.24 -15.89 7.15
C GLU A 131 44.79 -15.50 7.44
N VAL A 132 43.90 -15.77 6.48
CA VAL A 132 42.48 -15.46 6.60
C VAL A 132 41.70 -16.69 6.13
N VAL A 133 40.67 -17.05 6.90
CA VAL A 133 39.79 -18.17 6.55
C VAL A 133 38.37 -17.65 6.43
N ILE A 134 37.64 -18.16 5.44
CA ILE A 134 36.29 -17.70 5.12
C ILE A 134 35.34 -18.87 5.24
N ASN A 135 34.13 -18.59 5.74
CA ASN A 135 33.10 -19.61 5.88
C ASN A 135 31.75 -18.95 5.61
N TRP A 136 31.14 -19.27 4.47
CA TRP A 136 29.82 -18.76 4.12
C TRP A 136 28.69 -19.62 4.67
N GLY A 137 29.00 -20.76 5.28
CA GLY A 137 27.98 -21.58 5.91
C GLY A 137 27.64 -21.21 7.32
N GLY A 138 28.32 -20.21 7.89
CA GLY A 138 28.05 -19.79 9.25
C GLY A 138 27.76 -18.30 9.36
N GLY A 139 27.85 -17.77 10.58
CA GLY A 139 27.57 -16.38 10.82
C GLY A 139 26.23 -16.16 11.51
N TRP A 140 25.88 -17.05 12.42
CA TRP A 140 24.59 -17.02 13.12
C TRP A 140 24.83 -16.42 14.51
N HIS A 141 24.63 -15.11 14.60
CA HIS A 141 24.96 -14.34 15.80
C HIS A 141 23.79 -14.15 16.74
N HIS A 142 22.62 -14.71 16.43
CA HIS A 142 21.45 -14.54 17.30
C HIS A 142 21.25 -15.70 18.28
N ALA A 143 21.99 -16.79 18.11
CA ALA A 143 21.81 -17.95 18.99
C ALA A 143 22.31 -17.64 20.40
N LYS A 144 21.52 -18.03 21.39
CA LYS A 144 21.83 -17.81 22.80
C LYS A 144 22.20 -19.14 23.47
N ARG A 145 22.54 -19.04 24.75
CA ARG A 145 22.88 -20.23 25.53
C ARG A 145 21.68 -21.17 25.63
N SER A 146 20.53 -20.64 26.02
CA SER A 146 19.31 -21.42 26.20
C SER A 146 18.17 -20.80 25.43
N GLU A 147 18.42 -20.45 24.17
CA GLU A 147 17.40 -19.86 23.31
C GLU A 147 17.87 -19.92 21.86
N ALA A 148 16.90 -20.04 20.96
CA ALA A 148 17.15 -19.99 19.52
C ALA A 148 16.32 -18.85 18.94
N SER A 149 17.00 -17.85 18.38
CA SER A 149 16.35 -16.67 17.84
C SER A 149 16.84 -16.41 16.43
N GLY A 150 15.91 -15.96 15.56
CA GLY A 150 16.26 -15.57 14.21
C GLY A 150 16.88 -16.67 13.38
N PHE A 151 16.34 -17.89 13.47
CA PHE A 151 16.84 -19.05 12.74
C PHE A 151 18.30 -19.33 13.07
N CYS A 152 18.73 -19.02 14.28
CA CYS A 152 20.09 -19.28 14.75
C CYS A 152 19.99 -20.22 15.94
N TYR A 153 20.37 -21.47 15.74
CA TYR A 153 20.25 -22.49 16.78
C TYR A 153 21.53 -22.66 17.57
N LEU A 154 22.65 -22.79 16.87
CA LEU A 154 23.98 -22.86 17.48
C LEU A 154 24.79 -21.65 17.06
N ASN A 155 25.38 -20.96 18.03
CA ASN A 155 26.19 -19.77 17.76
C ASN A 155 27.61 -20.23 17.43
N ASP A 156 27.88 -20.38 16.14
CA ASP A 156 29.22 -20.75 15.70
C ASP A 156 30.24 -19.66 16.00
N ILE A 157 29.80 -18.40 15.96
CA ILE A 157 30.71 -17.28 16.16
C ILE A 157 31.30 -17.31 17.57
N VAL A 158 30.44 -17.51 18.57
CA VAL A 158 30.89 -17.47 19.96
C VAL A 158 31.89 -18.59 20.22
N LEU A 159 31.58 -19.79 19.76
CA LEU A 159 32.46 -20.93 19.97
C LEU A 159 33.79 -20.75 19.23
N ALA A 160 33.74 -20.22 18.01
CA ALA A 160 34.96 -19.97 17.26
C ALA A 160 35.84 -18.95 17.98
N ILE A 161 35.23 -17.87 18.48
CA ILE A 161 35.99 -16.87 19.22
C ILE A 161 36.59 -17.46 20.48
N HIS A 162 35.81 -18.30 21.17
CA HIS A 162 36.32 -18.93 22.40
C HIS A 162 37.50 -19.83 22.10
N ARG A 163 37.45 -20.57 20.99
CA ARG A 163 38.58 -21.43 20.62
C ARG A 163 39.83 -20.60 20.35
N LEU A 164 39.67 -19.40 19.79
CA LEU A 164 40.80 -18.53 19.51
C LEU A 164 41.49 -18.10 20.80
N THR A 172 51.30 -22.14 22.14
CA THR A 172 51.20 -20.72 21.83
C THR A 172 52.58 -20.06 21.81
N SER A 173 52.78 -19.15 20.87
CA SER A 173 54.02 -18.39 20.79
C SER A 173 54.14 -17.52 22.04
N PRO A 174 55.37 -17.11 22.41
CA PRO A 174 55.57 -16.36 23.67
C PRO A 174 54.59 -15.21 23.83
N ASN A 175 54.61 -14.27 22.90
CA ASN A 175 53.59 -13.23 22.76
C ASN A 175 53.15 -12.64 24.10
N ARG A 176 51.85 -12.37 24.23
CA ARG A 176 51.30 -11.94 25.51
C ARG A 176 49.79 -12.21 25.48
N GLN A 177 49.05 -11.61 26.42
CA GLN A 177 47.61 -11.81 26.52
C GLN A 177 46.93 -11.70 25.15
N THR A 178 45.97 -12.60 24.90
CA THR A 178 45.31 -12.70 23.61
C THR A 178 43.98 -11.97 23.63
N ARG A 179 43.77 -11.10 22.65
CA ARG A 179 42.52 -10.34 22.52
C ARG A 179 41.99 -10.51 21.10
N VAL A 180 40.69 -10.68 20.98
CA VAL A 180 40.02 -10.89 19.70
C VAL A 180 38.98 -9.80 19.50
N LEU A 181 38.96 -9.21 18.30
CA LEU A 181 38.03 -8.15 17.97
C LEU A 181 36.95 -8.71 17.05
N TYR A 182 35.70 -8.66 17.50
CA TYR A 182 34.55 -9.09 16.72
C TYR A 182 33.85 -7.87 16.15
N VAL A 183 33.64 -7.86 14.85
CA VAL A 183 32.92 -6.80 14.15
C VAL A 183 31.76 -7.43 13.41
N ASP A 184 30.56 -6.92 13.64
CA ASP A 184 29.33 -7.45 13.05
C ASP A 184 28.75 -6.40 12.11
N LEU A 185 28.55 -6.82 10.85
CA LEU A 185 28.07 -5.89 9.80
C LEU A 185 26.64 -6.27 9.37
N ASP A 186 26.00 -7.24 10.04
CA ASP A 186 24.64 -7.62 9.69
C ASP A 186 23.68 -6.48 9.98
N LEU A 187 22.55 -6.47 9.27
CA LEU A 187 21.52 -5.46 9.53
C LEU A 187 21.01 -5.55 10.96
N HIS A 188 20.94 -6.76 11.50
CA HIS A 188 20.46 -6.97 12.86
C HIS A 188 21.62 -6.94 13.86
N HIS A 189 21.27 -6.70 15.11
CA HIS A 189 22.29 -6.55 16.15
C HIS A 189 22.87 -7.92 16.53
N GLY A 190 24.17 -7.94 16.81
CA GLY A 190 24.83 -9.13 17.28
C GLY A 190 24.60 -9.37 18.76
N ASP A 191 23.36 -9.67 19.11
CA ASP A 191 23.00 -9.81 20.52
C ASP A 191 23.63 -11.03 21.15
N GLY A 192 23.69 -12.14 20.43
CA GLY A 192 24.22 -13.38 21.01
C GLY A 192 25.68 -13.28 21.38
N VAL A 193 26.51 -12.74 20.48
CA VAL A 193 27.93 -12.63 20.75
C VAL A 193 28.19 -11.62 21.86
N GLU A 194 27.46 -10.51 21.84
CA GLU A 194 27.60 -9.50 22.90
C GLU A 194 27.25 -10.08 24.25
N GLU A 195 26.12 -10.80 24.33
CA GLU A 195 25.70 -11.40 25.58
C GLU A 195 26.68 -12.46 26.06
N ALA A 196 27.22 -13.24 25.14
CA ALA A 196 28.16 -14.29 25.52
C ALA A 196 29.42 -13.69 26.16
N PHE A 197 29.91 -12.59 25.61
CA PHE A 197 31.12 -11.93 26.11
C PHE A 197 30.79 -10.62 26.82
N TRP A 198 29.66 -10.57 27.52
CA TRP A 198 29.24 -9.35 28.20
C TRP A 198 30.20 -8.96 29.32
N TYR A 199 30.77 -9.95 30.02
CA TYR A 199 31.65 -9.71 31.15
C TYR A 199 33.11 -9.92 30.80
N SER A 200 33.45 -10.05 29.51
CA SER A 200 34.80 -10.39 29.09
C SER A 200 35.46 -9.20 28.40
N PRO A 201 36.57 -8.67 28.93
CA PRO A 201 37.28 -7.59 28.22
C PRO A 201 38.18 -8.08 27.11
N ARG A 202 38.62 -9.35 27.15
CA ARG A 202 39.54 -9.84 26.13
C ARG A 202 38.88 -9.85 24.76
N VAL A 203 37.63 -10.27 24.68
CA VAL A 203 36.88 -10.30 23.43
C VAL A 203 36.09 -9.00 23.34
N VAL A 204 36.42 -8.17 22.35
CA VAL A 204 35.78 -6.87 22.18
C VAL A 204 34.75 -6.97 21.07
N THR A 205 33.48 -6.78 21.42
CA THR A 205 32.37 -6.97 20.49
C THR A 205 31.88 -5.62 20.00
N PHE A 206 31.79 -5.46 18.67
CA PHE A 206 31.28 -4.27 18.02
C PHE A 206 30.26 -4.67 16.97
N SER A 207 29.17 -3.91 16.89
CA SER A 207 28.10 -4.18 15.93
C SER A 207 27.68 -2.88 15.26
N VAL A 208 27.34 -2.96 13.98
CA VAL A 208 26.69 -1.87 13.27
C VAL A 208 25.38 -2.40 12.70
N HIS A 209 24.27 -1.74 13.04
CA HIS A 209 22.97 -2.33 12.78
C HIS A 209 21.91 -1.24 12.68
N HIS A 210 20.71 -1.64 12.27
CA HIS A 210 19.54 -0.78 12.30
C HIS A 210 18.75 -1.03 13.58
N ALA A 211 18.26 0.06 14.19
CA ALA A 211 17.50 -0.03 15.44
C ALA A 211 16.27 0.86 15.34
N SER A 212 15.10 0.23 15.37
CA SER A 212 13.82 0.92 15.40
C SER A 212 12.89 0.16 16.33
N PRO A 213 11.91 0.83 16.93
CA PRO A 213 10.96 0.12 17.80
C PRO A 213 10.23 -0.98 17.04
N GLY A 214 10.08 -2.13 17.68
CA GLY A 214 9.46 -3.27 17.07
C GLY A 214 10.32 -4.02 16.07
N PHE A 215 11.59 -3.64 15.92
CA PHE A 215 12.48 -4.28 14.97
C PHE A 215 13.34 -5.33 15.69
N PHE A 216 13.39 -6.51 15.13
CA PHE A 216 14.13 -7.60 15.74
C PHE A 216 15.62 -7.28 15.79
N PRO A 217 16.28 -7.42 16.94
CA PRO A 217 15.67 -7.80 18.21
C PRO A 217 15.29 -6.60 19.07
N GLY A 218 15.67 -5.40 18.64
CA GLY A 218 15.44 -4.20 19.41
C GLY A 218 16.58 -3.82 20.33
N THR A 219 17.64 -4.60 20.39
CA THR A 219 18.78 -4.34 21.25
C THR A 219 19.91 -3.65 20.48
N GLY A 220 20.99 -3.35 21.18
CA GLY A 220 22.08 -2.59 20.61
C GLY A 220 21.72 -1.14 20.34
N THR A 221 20.99 -0.51 21.25
CA THR A 221 20.51 0.85 21.06
C THR A 221 20.41 1.49 22.45
N TRP A 222 19.70 2.63 22.54
CA TRP A 222 19.50 3.27 23.83
C TRP A 222 18.75 2.35 24.79
N ASN A 223 19.20 2.32 26.05
CA ASN A 223 18.60 1.47 27.05
C ASN A 223 17.41 2.16 27.69
N MET A 224 16.24 1.54 27.60
CA MET A 224 15.02 2.09 28.17
C MET A 224 14.91 1.69 29.65
N VAL A 225 14.83 2.70 30.52
CA VAL A 225 14.76 2.48 31.96
C VAL A 225 13.68 3.38 32.55
N ASP A 226 13.46 3.23 33.85
CA ASP A 226 12.39 3.94 34.55
C ASP A 226 13.01 5.06 35.37
N ASN A 227 13.18 6.22 34.73
CA ASN A 227 13.73 7.42 35.37
C ASN A 227 13.49 8.59 34.43
N ASP A 228 13.90 9.78 34.88
CA ASP A 228 13.82 10.99 34.07
C ASP A 228 15.12 11.32 33.34
N LYS A 229 16.18 10.57 33.60
CA LYS A 229 17.46 10.80 32.92
C LYS A 229 17.40 10.27 31.48
N LEU A 230 18.21 10.88 30.62
CA LEU A 230 18.27 10.46 29.22
C LEU A 230 18.79 9.03 29.12
N PRO A 231 18.22 8.21 28.24
CA PRO A 231 18.71 6.83 28.10
C PRO A 231 20.17 6.77 27.67
N ILE A 232 20.88 5.75 28.16
CA ILE A 232 22.29 5.56 27.88
C ILE A 232 22.49 4.24 27.15
N PHE A 233 23.74 3.94 26.81
CA PHE A 233 24.09 2.71 26.09
C PHE A 233 24.78 1.76 27.08
N LEU A 234 24.17 0.59 27.29
CA LEU A 234 24.81 -0.43 28.11
C LEU A 234 25.93 -1.09 27.31
N ASN A 235 27.10 -1.25 27.93
CA ASN A 235 28.30 -1.66 27.20
C ASN A 235 29.14 -2.66 27.98
N GLY A 236 28.53 -3.46 28.84
CA GLY A 236 29.23 -4.49 29.57
C GLY A 236 29.10 -4.30 31.07
N ALA A 237 29.64 -5.29 31.80
CA ALA A 237 29.58 -5.30 33.25
C ALA A 237 30.86 -5.92 33.80
N GLY A 238 31.17 -5.59 35.05
CA GLY A 238 32.41 -6.08 35.65
C GLY A 238 33.61 -5.46 34.95
N ARG A 239 34.59 -6.30 34.63
CA ARG A 239 35.74 -5.84 33.86
C ARG A 239 35.48 -5.85 32.36
N GLY A 240 34.34 -6.39 31.93
CA GLY A 240 33.95 -6.33 30.54
C GLY A 240 33.13 -5.09 30.24
N ARG A 241 33.08 -4.17 31.19
CA ARG A 241 32.38 -2.91 31.00
C ARG A 241 33.12 -2.05 29.97
N PHE A 242 32.34 -1.23 29.25
CA PHE A 242 32.81 -0.36 28.17
C PHE A 242 33.39 -1.12 26.99
N SER A 243 33.20 -2.44 26.95
CA SER A 243 33.78 -3.26 25.89
C SER A 243 32.81 -3.60 24.77
N ALA A 244 31.51 -3.36 24.96
CA ALA A 244 30.51 -3.63 23.94
C ALA A 244 30.18 -2.33 23.20
N PHE A 245 30.37 -2.33 21.89
CA PHE A 245 30.15 -1.15 21.07
C PHE A 245 29.04 -1.43 20.06
N ASN A 246 28.12 -0.48 19.92
CA ASN A 246 26.99 -0.64 19.01
C ASN A 246 26.75 0.68 18.28
N LEU A 247 26.48 0.58 16.97
CA LEU A 247 26.16 1.72 16.13
C LEU A 247 24.77 1.51 15.54
N PRO A 248 23.74 2.08 16.17
CA PRO A 248 22.37 2.01 15.63
C PRO A 248 22.14 3.13 14.62
N LEU A 249 21.79 2.74 13.39
CA LEU A 249 21.60 3.68 12.30
C LEU A 249 20.16 3.66 11.83
N GLU A 250 19.65 4.82 11.44
CA GLU A 250 18.28 4.95 10.97
C GLU A 250 18.12 4.36 9.58
N ILE A 253 20.33 4.06 4.35
CA ILE A 253 21.65 4.66 4.36
C ILE A 253 22.49 4.07 3.23
N ASN A 254 23.21 4.92 2.50
CA ASN A 254 23.95 4.52 1.33
C ASN A 254 25.34 4.01 1.70
N ASP A 255 26.10 3.61 0.68
CA ASP A 255 27.42 3.04 0.88
C ASP A 255 28.36 4.04 1.55
N LEU A 256 28.34 5.29 1.07
CA LEU A 256 29.30 6.28 1.55
C LEU A 256 29.02 6.65 3.01
N ASP A 257 27.75 6.88 3.35
CA ASP A 257 27.41 7.24 4.73
C ASP A 257 27.74 6.09 5.68
N TRP A 258 27.42 4.85 5.28
CA TRP A 258 27.75 3.69 6.09
C TRP A 258 29.26 3.54 6.28
N SER A 259 30.01 3.75 5.20
CA SER A 259 31.47 3.67 5.29
C SER A 259 32.04 4.73 6.22
N ASN A 260 31.54 5.97 6.11
CA ASN A 260 32.01 7.04 6.99
C ASN A 260 31.60 6.78 8.43
N ALA A 261 30.47 6.11 8.64
CA ALA A 261 30.04 5.79 9.99
C ALA A 261 30.87 4.66 10.62
N ILE A 262 31.33 3.72 9.80
CA ILE A 262 32.04 2.55 10.36
C ILE A 262 33.54 2.80 10.48
N GLY A 263 34.14 3.49 9.51
CA GLY A 263 35.58 3.59 9.40
C GLY A 263 36.33 4.01 10.67
N PRO A 264 36.02 5.21 11.17
CA PRO A 264 36.73 5.70 12.36
C PRO A 264 36.60 4.78 13.56
N ILE A 265 35.44 4.17 13.78
CA ILE A 265 35.24 3.31 14.95
C ILE A 265 36.16 2.09 14.87
N LEU A 266 36.13 1.38 13.74
CA LEU A 266 36.93 0.17 13.63
C LEU A 266 38.42 0.49 13.61
N ASP A 267 38.80 1.61 13.00
CA ASP A 267 40.19 2.03 13.06
C ASP A 267 40.63 2.30 14.49
N SER A 268 39.78 2.98 15.27
CA SER A 268 40.09 3.25 16.66
C SER A 268 40.22 1.97 17.47
N LEU A 269 39.31 1.01 17.25
CA LEU A 269 39.37 -0.25 17.97
C LEU A 269 40.64 -1.02 17.62
N ASN A 270 41.01 -1.04 16.35
CA ASN A 270 42.24 -1.72 15.95
C ASN A 270 43.46 -1.06 16.58
N ILE A 271 43.47 0.28 16.62
CA ILE A 271 44.62 0.99 17.17
C ILE A 271 44.74 0.76 18.67
N VAL A 272 43.61 0.82 19.39
CA VAL A 272 43.65 0.78 20.85
C VAL A 272 43.78 -0.64 21.36
N ILE A 273 42.85 -1.52 20.96
CA ILE A 273 42.80 -2.86 21.52
C ILE A 273 44.04 -3.65 21.14
N GLN A 274 44.47 -3.52 19.88
CA GLN A 274 45.59 -4.27 19.32
C GLN A 274 45.31 -5.76 19.43
N PRO A 275 44.29 -6.27 18.74
CA PRO A 275 43.88 -7.66 18.94
C PRO A 275 44.78 -8.65 18.20
N SER A 276 44.77 -9.88 18.71
CA SER A 276 45.53 -10.95 18.05
C SER A 276 44.79 -11.47 16.82
N TYR A 277 43.46 -11.50 16.87
CA TYR A 277 42.65 -11.99 15.77
C TYR A 277 41.41 -11.14 15.59
N VAL A 278 40.89 -11.13 14.38
CA VAL A 278 39.68 -10.37 14.04
C VAL A 278 38.67 -11.34 13.44
N VAL A 279 37.41 -11.19 13.84
CA VAL A 279 36.32 -12.00 13.31
C VAL A 279 35.22 -11.08 12.81
N VAL A 280 34.83 -11.26 11.55
CA VAL A 280 33.91 -10.38 10.85
C VAL A 280 32.66 -11.17 10.50
N GLN A 281 31.49 -10.60 10.81
CA GLN A 281 30.22 -11.11 10.33
C GLN A 281 29.77 -10.26 9.15
N CYS A 282 29.48 -10.91 8.03
CA CYS A 282 29.16 -10.20 6.79
CA CYS A 282 29.15 -10.19 6.80
C CYS A 282 27.76 -10.55 6.32
N GLY A 283 26.78 -10.55 7.22
CA GLY A 283 25.40 -10.82 6.86
C GLY A 283 24.89 -9.87 5.80
N ALA A 284 24.20 -10.41 4.80
CA ALA A 284 23.80 -9.65 3.61
C ALA A 284 22.39 -9.12 3.70
N ASP A 285 21.92 -8.79 4.90
CA ASP A 285 20.62 -8.16 5.07
C ASP A 285 20.64 -6.66 4.81
N CYS A 286 21.83 -6.05 4.74
CA CYS A 286 21.94 -4.61 4.54
C CYS A 286 21.86 -4.20 3.08
N LEU A 287 21.87 -5.17 2.15
CA LEU A 287 21.82 -4.86 0.74
C LEU A 287 20.50 -4.16 0.39
N ALA A 288 20.57 -3.20 -0.53
CA ALA A 288 19.36 -2.50 -0.96
C ALA A 288 18.38 -3.46 -1.64
N THR A 289 18.88 -4.50 -2.28
CA THR A 289 18.03 -5.49 -2.93
C THR A 289 17.43 -6.49 -1.96
N ASP A 290 17.85 -6.46 -0.70
CA ASP A 290 17.32 -7.41 0.27
C ASP A 290 15.83 -7.17 0.48
N PRO A 291 15.04 -8.23 0.65
CA PRO A 291 13.58 -8.04 0.78
C PRO A 291 13.17 -7.21 1.98
N HIS A 292 14.02 -7.14 3.01
CA HIS A 292 13.68 -6.32 4.19
C HIS A 292 13.60 -4.85 3.82
N ARG A 293 14.48 -4.39 2.93
CA ARG A 293 14.49 -3.01 2.44
C ARG A 293 14.66 -2.01 3.59
N ILE A 294 15.82 -2.09 4.21
CA ILE A 294 16.16 -1.19 5.31
C ILE A 294 17.33 -0.29 4.90
N PHE A 295 18.47 -0.90 4.63
CA PHE A 295 19.65 -0.14 4.24
C PHE A 295 19.82 -0.15 2.72
N ARG A 296 20.72 0.71 2.24
CA ARG A 296 20.95 0.86 0.81
C ARG A 296 22.39 0.51 0.45
N LEU A 297 22.90 -0.59 0.99
CA LEU A 297 24.25 -1.03 0.67
C LEU A 297 24.26 -1.80 -0.64
N THR A 298 25.40 -1.73 -1.34
CA THR A 298 25.54 -2.38 -2.64
C THR A 298 26.81 -3.22 -2.69
N ASN A 299 27.16 -3.69 -3.89
CA ASN A 299 28.38 -4.48 -4.10
C ASN A 299 29.24 -3.90 -5.21
N PHE A 300 29.13 -2.61 -5.48
CA PHE A 300 29.77 -2.02 -6.65
C PHE A 300 31.27 -1.84 -6.42
N TYR A 301 32.04 -1.99 -7.51
CA TYR A 301 33.49 -1.85 -7.42
C TYR A 301 33.94 -0.39 -7.33
N PRO A 302 33.50 0.53 -8.19
CA PRO A 302 34.12 1.85 -8.24
C PRO A 302 34.12 2.56 -6.88
N ASN A 303 35.24 3.22 -6.59
CA ASN A 303 35.44 3.89 -5.30
C ASN A 303 36.52 4.96 -5.42
N SER A 317 30.72 0.42 -2.25
CA SER A 317 30.17 -0.60 -1.36
C SER A 317 30.79 -0.50 0.03
N GLY A 318 29.94 -0.39 1.05
CA GLY A 318 30.44 -0.34 2.41
C GLY A 318 31.06 -1.65 2.85
N TYR A 319 30.49 -2.78 2.40
CA TYR A 319 31.02 -4.09 2.73
C TYR A 319 32.49 -4.20 2.32
N LEU A 320 32.77 -3.89 1.05
CA LEU A 320 34.13 -4.03 0.53
C LEU A 320 35.09 -3.06 1.22
N TYR A 321 34.62 -1.83 1.49
CA TYR A 321 35.46 -0.86 2.19
C TYR A 321 35.83 -1.36 3.57
N ALA A 322 34.85 -1.86 4.33
CA ALA A 322 35.11 -2.35 5.67
C ALA A 322 36.05 -3.54 5.64
N ILE A 323 35.82 -4.47 4.70
CA ILE A 323 36.66 -5.66 4.63
C ILE A 323 38.10 -5.28 4.28
N LYS A 324 38.27 -4.38 3.32
CA LYS A 324 39.62 -3.96 2.94
C LYS A 324 40.32 -3.26 4.10
N LYS A 325 39.60 -2.39 4.82
CA LYS A 325 40.22 -1.70 5.94
C LYS A 325 40.58 -2.66 7.07
N ILE A 326 39.77 -3.71 7.27
CA ILE A 326 40.10 -4.74 8.25
C ILE A 326 41.34 -5.52 7.82
N LEU A 327 41.39 -5.91 6.55
CA LEU A 327 42.53 -6.68 6.05
C LEU A 327 43.81 -5.86 6.03
N SER A 328 43.70 -4.53 5.95
CA SER A 328 44.88 -3.67 5.95
C SER A 328 45.63 -3.71 7.28
N TRP A 329 45.03 -4.23 8.34
CA TRP A 329 45.70 -4.30 9.63
C TRP A 329 46.72 -5.42 9.70
N LYS A 330 46.75 -6.31 8.71
CA LYS A 330 47.66 -7.46 8.69
C LYS A 330 47.48 -8.32 9.94
N VAL A 331 46.23 -8.55 10.31
CA VAL A 331 45.87 -9.35 11.48
C VAL A 331 45.09 -10.55 10.98
N PRO A 332 45.38 -11.77 11.48
CA PRO A 332 44.58 -12.93 11.05
C PRO A 332 43.10 -12.74 11.30
N THR A 333 42.29 -13.04 10.29
CA THR A 333 40.88 -12.70 10.28
C THR A 333 40.04 -13.90 9.84
N LEU A 334 38.82 -13.97 10.36
CA LEU A 334 37.86 -15.00 10.00
C LEU A 334 36.58 -14.31 9.53
N ILE A 335 36.19 -14.60 8.29
CA ILE A 335 35.01 -13.97 7.67
C ILE A 335 33.87 -14.98 7.67
N LEU A 336 32.69 -14.54 8.10
CA LEU A 336 31.51 -15.39 8.11
C LEU A 336 30.37 -14.69 7.37
N GLY A 337 29.42 -15.49 6.89
CA GLY A 337 28.24 -14.97 6.23
C GLY A 337 27.13 -14.67 7.22
N GLY A 338 25.95 -15.24 6.98
CA GLY A 338 24.85 -15.06 7.91
C GLY A 338 23.54 -14.64 7.29
N GLY A 339 23.07 -13.45 7.64
CA GLY A 339 21.79 -12.99 7.13
C GLY A 339 21.81 -12.69 5.66
N GLY A 340 20.62 -12.64 5.07
CA GLY A 340 20.45 -12.36 3.67
C GLY A 340 19.45 -13.30 3.00
N TYR A 341 18.43 -12.72 2.38
CA TYR A 341 17.37 -13.49 1.74
C TYR A 341 17.42 -13.46 0.23
N ASN A 342 18.16 -12.52 -0.36
CA ASN A 342 18.35 -12.47 -1.81
C ASN A 342 19.58 -13.32 -2.13
N PHE A 343 19.33 -14.61 -2.40
CA PHE A 343 20.43 -15.55 -2.55
C PHE A 343 21.36 -15.21 -3.70
N PRO A 344 20.87 -14.89 -4.92
CA PRO A 344 21.82 -14.52 -5.98
C PRO A 344 22.64 -13.29 -5.67
N ASP A 345 22.02 -12.25 -5.10
CA ASP A 345 22.75 -11.04 -4.80
C ASP A 345 23.65 -11.21 -3.58
N THR A 346 23.23 -12.02 -2.61
CA THR A 346 24.14 -12.40 -1.52
C THR A 346 25.36 -13.13 -2.07
N ALA A 347 25.15 -14.01 -3.04
CA ALA A 347 26.27 -14.71 -3.68
C ALA A 347 27.19 -13.73 -4.39
N ARG A 348 26.62 -12.77 -5.11
CA ARG A 348 27.44 -11.76 -5.79
C ARG A 348 28.29 -10.99 -4.79
N LEU A 349 27.66 -10.53 -3.70
CA LEU A 349 28.38 -9.76 -2.68
C LEU A 349 29.50 -10.60 -2.06
N TRP A 350 29.20 -11.84 -1.69
CA TRP A 350 30.19 -12.66 -1.01
C TRP A 350 31.31 -13.08 -1.95
N THR A 351 31.00 -13.30 -3.23
CA THR A 351 32.05 -13.61 -4.19
C THR A 351 32.99 -12.43 -4.38
N ARG A 352 32.42 -11.21 -4.48
CA ARG A 352 33.27 -10.04 -4.57
C ARG A 352 34.13 -9.87 -3.33
N VAL A 353 33.55 -10.12 -2.15
CA VAL A 353 34.31 -10.02 -0.90
C VAL A 353 35.44 -11.04 -0.89
N THR A 354 35.16 -12.28 -1.33
CA THR A 354 36.19 -13.30 -1.38
C THR A 354 37.32 -12.91 -2.33
N ALA A 355 36.97 -12.40 -3.51
CA ALA A 355 37.99 -11.98 -4.47
C ALA A 355 38.84 -10.85 -3.91
N LEU A 356 38.20 -9.88 -3.24
CA LEU A 356 38.96 -8.78 -2.67
C LEU A 356 39.87 -9.25 -1.54
N THR A 357 39.41 -10.22 -0.74
CA THR A 357 40.28 -10.80 0.28
C THR A 357 41.48 -11.48 -0.33
N ILE A 358 41.28 -12.24 -1.41
CA ILE A 358 42.41 -12.84 -2.11
C ILE A 358 43.38 -11.76 -2.59
N GLU A 359 42.85 -10.68 -3.18
CA GLU A 359 43.71 -9.62 -3.68
C GLU A 359 44.50 -8.97 -2.55
N GLU A 360 43.86 -8.72 -1.41
CA GLU A 360 44.51 -7.99 -0.33
C GLU A 360 45.53 -8.85 0.42
N VAL A 361 45.25 -10.15 0.57
CA VAL A 361 46.10 -11.00 1.38
C VAL A 361 47.19 -11.66 0.53
N LYS A 362 46.81 -12.27 -0.59
CA LYS A 362 47.80 -12.91 -1.46
C LYS A 362 48.56 -11.92 -2.33
N GLY A 363 48.07 -10.69 -2.43
CA GLY A 363 48.72 -9.71 -3.29
C GLY A 363 48.65 -10.03 -4.76
N LYS A 364 47.57 -10.68 -5.21
CA LYS A 364 47.39 -11.04 -6.61
C LYS A 364 46.04 -10.49 -7.06
N LYS A 365 46.05 -9.55 -7.99
CA LYS A 365 44.82 -8.92 -8.44
C LYS A 365 43.92 -9.92 -9.16
N MET A 366 42.61 -9.75 -8.99
CA MET A 366 41.62 -10.61 -9.62
C MET A 366 40.65 -9.73 -10.41
N THR A 367 40.51 -10.03 -11.71
CA THR A 367 39.64 -9.25 -12.60
C THR A 367 38.33 -10.01 -12.75
N ILE A 368 37.38 -9.70 -11.88
CA ILE A 368 36.07 -10.34 -11.90
C ILE A 368 35.31 -9.85 -13.13
N SER A 369 34.84 -10.79 -13.94
CA SER A 369 34.11 -10.43 -15.16
C SER A 369 32.73 -9.89 -14.80
N PRO A 370 32.39 -8.66 -15.25
CA PRO A 370 31.05 -8.13 -14.95
C PRO A 370 29.92 -8.99 -15.51
N GLU A 371 30.14 -9.67 -16.63
CA GLU A 371 29.17 -10.62 -17.15
C GLU A 371 29.36 -11.95 -16.43
N ILE A 372 28.30 -12.46 -15.82
CA ILE A 372 28.35 -13.67 -15.01
C ILE A 372 28.58 -14.89 -15.91
N PRO A 373 29.62 -15.69 -15.66
CA PRO A 373 29.84 -16.88 -16.47
C PRO A 373 28.68 -17.86 -16.34
N GLU A 374 28.43 -18.58 -17.44
CA GLU A 374 27.38 -19.60 -17.43
C GLU A 374 27.78 -20.74 -16.51
N HIS A 375 26.87 -21.11 -15.62
CA HIS A 375 27.12 -22.20 -14.67
C HIS A 375 25.78 -22.86 -14.35
N SER A 376 25.75 -23.63 -13.26
CA SER A 376 24.56 -24.39 -12.90
C SER A 376 23.39 -23.47 -12.57
N TYR A 377 23.57 -22.61 -11.57
CA TYR A 377 22.50 -21.74 -11.10
C TYR A 377 22.39 -20.44 -11.90
N PHE A 378 22.94 -20.43 -13.13
CA PHE A 378 22.94 -19.24 -13.96
C PHE A 378 21.54 -18.65 -14.12
N SER A 379 20.54 -19.51 -14.32
CA SER A 379 19.19 -19.05 -14.64
C SER A 379 18.62 -18.15 -13.56
N ARG A 380 19.13 -18.24 -12.34
CA ARG A 380 18.61 -17.47 -11.22
C ARG A 380 19.28 -16.11 -11.07
N TYR A 381 20.19 -15.75 -11.96
CA TYR A 381 20.88 -14.46 -11.89
C TYR A 381 20.38 -13.46 -12.92
N GLY A 382 19.17 -13.62 -13.42
CA GLY A 382 18.60 -12.69 -14.36
C GLY A 382 18.08 -11.44 -13.69
N PRO A 383 17.47 -10.55 -14.49
CA PRO A 383 17.30 -10.69 -15.93
C PRO A 383 18.41 -10.03 -16.75
N ASP A 384 19.31 -9.32 -16.09
CA ASP A 384 20.39 -8.62 -16.78
C ASP A 384 21.68 -9.43 -16.78
N PHE A 385 21.83 -10.38 -15.87
CA PHE A 385 23.00 -11.25 -15.81
C PHE A 385 24.30 -10.44 -15.72
N GLU A 386 24.29 -9.45 -14.84
CA GLU A 386 25.46 -8.63 -14.54
C GLU A 386 25.93 -8.91 -13.13
N LEU A 387 27.24 -8.91 -12.93
CA LEU A 387 27.79 -9.16 -11.60
C LEU A 387 27.32 -8.09 -10.61
N ASP A 388 27.28 -6.84 -11.04
CA ASP A 388 26.71 -5.79 -10.21
C ASP A 388 25.19 -5.99 -10.08
N ILE A 389 24.66 -5.64 -8.91
CA ILE A 389 23.24 -5.85 -8.64
C ILE A 389 22.42 -4.75 -9.33
N ASP A 390 21.24 -5.12 -9.82
CA ASP A 390 20.35 -4.19 -10.51
C ASP A 390 19.69 -3.26 -9.49
N TYR A 391 20.45 -2.25 -9.07
CA TYR A 391 19.96 -1.20 -8.19
C TYR A 391 20.61 0.11 -8.58
N PHE A 392 19.80 1.13 -8.81
CA PHE A 392 20.29 2.43 -9.26
C PHE A 392 20.13 3.46 -8.15
N PRO A 393 21.21 3.86 -7.47
CA PRO A 393 21.16 4.84 -6.38
C PRO A 393 21.10 6.28 -6.88
N ASP A 402 24.13 16.12 15.14
CA ASP A 402 23.73 15.05 14.25
C ASP A 402 23.86 13.70 14.95
N SER A 403 23.13 12.70 14.44
CA SER A 403 23.18 11.36 15.00
C SER A 403 24.57 10.78 14.93
N ILE A 404 25.22 10.88 13.76
CA ILE A 404 26.48 10.19 13.54
C ILE A 404 27.58 10.80 14.40
N GLN A 405 27.63 12.14 14.50
CA GLN A 405 28.69 12.77 15.27
C GLN A 405 28.51 12.54 16.77
N LYS A 406 27.26 12.56 17.25
CA LYS A 406 27.00 12.23 18.65
C LYS A 406 27.39 10.78 18.93
N HIS A 407 27.07 9.87 18.03
CA HIS A 407 27.51 8.48 18.17
C HIS A 407 29.04 8.41 18.22
N HIS A 408 29.71 9.16 17.35
CA HIS A 408 31.17 9.15 17.31
C HIS A 408 31.75 9.60 18.65
N ARG A 409 31.20 10.69 19.20
CA ARG A 409 31.67 11.19 20.48
C ARG A 409 31.43 10.17 21.60
N ARG A 410 30.24 9.55 21.61
CA ARG A 410 29.91 8.59 22.65
C ARG A 410 30.85 7.38 22.60
N ILE A 411 31.06 6.82 21.41
CA ILE A 411 31.95 5.67 21.28
C ILE A 411 33.39 6.06 21.58
N LEU A 412 33.80 7.29 21.25
CA LEU A 412 35.15 7.72 21.58
C LEU A 412 35.34 7.77 23.10
N GLU A 413 34.36 8.32 23.82
CA GLU A 413 34.45 8.36 25.28
C GLU A 413 34.42 6.94 25.86
N GLN A 414 33.57 6.07 25.31
CA GLN A 414 33.51 4.69 25.78
C GLN A 414 34.83 3.97 25.57
N LEU A 415 35.46 4.19 24.42
CA LEU A 415 36.75 3.57 24.13
C LEU A 415 37.82 4.11 25.07
N ARG A 416 37.78 5.41 25.37
CA ARG A 416 38.72 5.98 26.34
C ARG A 416 38.54 5.32 27.71
N ASN A 417 37.30 5.18 28.16
CA ASN A 417 37.04 4.56 29.46
C ASN A 417 37.50 3.10 29.46
N TYR A 418 37.24 2.36 28.38
CA TYR A 418 37.67 0.97 28.30
C TYR A 418 39.19 0.86 28.33
N ALA A 419 39.88 1.72 27.59
CA ALA A 419 41.33 1.69 27.57
C ALA A 419 41.92 2.00 28.94
N ASP A 420 41.35 2.99 29.64
CA ASP A 420 41.82 3.29 30.99
C ASP A 420 41.50 2.16 31.96
N LEU A 421 40.35 1.49 31.78
CA LEU A 421 39.99 0.38 32.65
C LEU A 421 40.97 -0.78 32.47
N ASN A 422 41.34 -1.08 31.23
CA ASN A 422 42.29 -2.15 30.97
C ASN A 422 43.73 -1.67 30.89
N LYS A 423 43.96 -0.37 31.08
CA LYS A 423 45.30 0.23 31.12
C LYS A 423 46.09 -0.12 29.84
N LEU A 424 45.53 0.33 28.73
CA LEU A 424 46.11 0.10 27.41
C LEU A 424 46.92 1.33 26.99
N ILE A 425 47.97 1.09 26.21
CA ILE A 425 48.90 2.14 25.81
C ILE A 425 48.47 2.68 24.46
N TYR A 426 48.13 3.97 24.43
CA TYR A 426 47.77 4.65 23.20
C TYR A 426 47.95 6.15 23.39
N ASP A 427 48.04 6.86 22.26
CA ASP A 427 48.39 8.28 22.31
C ASP A 427 47.21 9.19 22.60
N TYR A 428 45.98 8.74 22.32
CA TYR A 428 44.77 9.54 22.48
C TYR A 428 44.79 10.79 21.60
N ASP A 429 45.61 10.81 20.57
CA ASP A 429 45.67 11.91 19.62
C ASP A 429 45.31 11.47 18.21
N GLN A 430 45.91 10.38 17.73
CA GLN A 430 45.56 9.85 16.41
C GLN A 430 44.09 9.42 16.38
N VAL A 431 43.64 8.77 17.44
CA VAL A 431 42.27 8.25 17.50
C VAL A 431 41.26 9.39 17.36
N TYR A 432 41.53 10.52 18.02
CA TYR A 432 40.65 11.68 17.86
C TYR A 432 40.71 12.23 16.46
N GLN A 433 41.90 12.18 15.83
CA GLN A 433 42.04 12.70 14.47
C GLN A 433 41.25 11.86 13.47
N LEU A 434 41.08 10.56 13.75
CA LEU A 434 40.22 9.75 12.87
C LEU A 434 38.80 10.29 12.84
N TYR A 435 38.26 10.64 14.00
CA TYR A 435 36.92 11.22 14.08
C TYR A 435 36.93 12.69 13.68
N SER B 2 -1.30 -25.61 24.78
CA SER B 2 -2.66 -25.13 24.65
C SER B 2 -2.87 -23.83 25.42
N VAL B 3 -1.97 -23.58 26.38
CA VAL B 3 -1.99 -22.36 27.18
C VAL B 3 -0.74 -21.57 26.83
N GLY B 4 -0.91 -20.31 26.42
CA GLY B 4 0.18 -19.46 26.02
C GLY B 4 0.38 -18.28 26.95
N ILE B 5 1.65 -17.89 27.12
CA ILE B 5 2.02 -16.74 27.93
C ILE B 5 3.03 -15.92 27.15
N VAL B 6 2.84 -14.60 27.14
CA VAL B 6 3.67 -13.67 26.39
C VAL B 6 4.69 -13.08 27.35
N TYR B 7 5.96 -13.47 27.19
CA TYR B 7 7.03 -12.92 28.01
C TYR B 7 8.34 -13.02 27.24
N GLY B 8 9.24 -12.09 27.54
CA GLY B 8 10.55 -12.05 26.91
C GLY B 8 11.44 -11.07 27.63
N ASP B 9 12.74 -11.15 27.32
CA ASP B 9 13.71 -10.28 27.98
C ASP B 9 13.45 -8.82 27.63
N GLN B 10 13.37 -8.51 26.33
CA GLN B 10 13.06 -7.16 25.91
C GLN B 10 11.61 -6.80 26.22
N TYR B 11 10.70 -7.78 26.14
CA TYR B 11 9.31 -7.53 26.50
C TYR B 11 9.20 -7.13 27.97
N ARG B 12 9.89 -7.86 28.85
CA ARG B 12 9.91 -7.50 30.26
C ARG B 12 10.55 -6.14 30.47
N GLN B 13 11.65 -5.86 29.77
CA GLN B 13 12.35 -4.60 29.95
C GLN B 13 11.47 -3.42 29.54
N LEU B 14 10.77 -3.55 28.41
CA LEU B 14 9.94 -2.46 27.91
C LEU B 14 8.64 -2.31 28.71
N CYS B 15 8.01 -3.43 29.08
CA CYS B 15 6.76 -3.37 29.84
C CYS B 15 6.97 -2.81 31.24
N CYS B 16 8.19 -2.83 31.76
CA CYS B 16 8.49 -2.29 33.08
C CYS B 16 9.14 -0.91 33.00
N SER B 17 9.11 -0.27 31.83
CA SER B 17 9.69 1.05 31.66
C SER B 17 8.70 2.19 31.87
N SER B 18 7.43 1.89 32.10
CA SER B 18 6.44 2.93 32.33
C SER B 18 6.58 3.48 33.74
N PRO B 19 6.71 4.81 33.90
CA PRO B 19 6.84 5.37 35.26
C PRO B 19 5.61 5.14 36.12
N LYS B 20 4.41 5.05 35.53
CA LYS B 20 3.22 4.82 36.32
C LYS B 20 3.16 3.39 36.84
N PHE B 21 3.17 2.41 35.93
CA PHE B 21 3.09 1.02 36.33
C PHE B 21 4.40 0.49 36.91
N GLY B 22 5.50 1.19 36.70
CA GLY B 22 6.77 0.76 37.26
C GLY B 22 7.15 -0.62 36.76
N ASP B 23 7.46 -1.52 37.69
CA ASP B 23 7.84 -2.90 37.38
C ASP B 23 6.73 -3.87 37.77
N ARG B 24 5.48 -3.48 37.54
CA ARG B 24 4.33 -4.33 37.86
C ARG B 24 4.39 -5.63 37.06
N TYR B 25 4.74 -5.54 35.79
CA TYR B 25 4.86 -6.75 34.96
C TYR B 25 5.94 -7.67 35.50
N ALA B 26 7.05 -7.11 35.98
CA ALA B 26 8.12 -7.93 36.54
C ALA B 26 7.63 -8.69 37.77
N LEU B 27 6.90 -8.01 38.65
CA LEU B 27 6.36 -8.67 39.83
C LEU B 27 5.37 -9.77 39.44
N VAL B 28 4.50 -9.49 38.45
CA VAL B 28 3.51 -10.48 38.02
C VAL B 28 4.21 -11.71 37.47
N MET B 29 5.18 -11.52 36.57
CA MET B 29 5.87 -12.64 35.96
C MET B 29 6.70 -13.41 36.97
N ASP B 30 7.31 -12.71 37.92
CA ASP B 30 8.11 -13.39 38.93
C ASP B 30 7.23 -14.20 39.88
N LEU B 31 6.03 -13.71 40.18
CA LEU B 31 5.10 -14.52 40.96
C LEU B 31 4.56 -15.69 40.16
N ILE B 32 4.40 -15.53 38.84
CA ILE B 32 4.03 -16.66 37.99
C ILE B 32 5.11 -17.73 38.05
N ASN B 33 6.37 -17.32 37.92
CA ASN B 33 7.47 -18.28 37.92
C ASN B 33 7.66 -18.92 39.28
N ALA B 34 7.50 -18.15 40.35
CA ALA B 34 7.72 -18.67 41.70
C ALA B 34 6.72 -19.75 42.06
N TYR B 35 5.55 -19.75 41.41
CA TYR B 35 4.56 -20.78 41.63
C TYR B 35 4.71 -21.96 40.67
N LYS B 36 5.80 -22.00 39.92
CA LYS B 36 6.13 -23.11 39.03
C LYS B 36 5.03 -23.34 37.99
N LEU B 37 4.55 -22.23 37.42
CA LEU B 37 3.57 -22.28 36.34
C LEU B 37 4.20 -22.13 34.97
N ILE B 38 5.42 -21.60 34.89
CA ILE B 38 6.13 -21.39 33.63
C ILE B 38 6.35 -22.71 32.89
N PRO B 39 6.83 -23.78 33.54
CA PRO B 39 6.94 -25.06 32.82
C PRO B 39 5.60 -25.61 32.36
N GLU B 40 4.50 -25.18 32.97
CA GLU B 40 3.17 -25.56 32.54
C GLU B 40 2.60 -24.66 31.46
N LEU B 41 3.34 -23.64 31.05
CA LEU B 41 2.89 -22.65 30.08
C LEU B 41 3.75 -22.69 28.82
N SER B 42 3.16 -22.27 27.72
CA SER B 42 3.84 -22.22 26.43
C SER B 42 4.32 -20.80 26.15
N ARG B 43 5.62 -20.65 25.93
CA ARG B 43 6.19 -19.33 25.71
C ARG B 43 5.80 -18.80 24.33
N VAL B 44 5.39 -17.53 24.28
CA VAL B 44 5.07 -16.87 23.02
C VAL B 44 5.83 -15.54 22.97
N PRO B 45 6.82 -15.40 22.11
CA PRO B 45 7.59 -14.15 22.06
C PRO B 45 6.81 -13.05 21.36
N PRO B 46 7.12 -11.79 21.65
CA PRO B 46 6.45 -10.69 20.95
C PRO B 46 6.76 -10.70 19.46
N LEU B 47 5.82 -10.23 18.67
CA LEU B 47 5.93 -10.27 17.22
C LEU B 47 6.75 -9.10 16.72
N GLN B 48 7.77 -9.39 15.91
CA GLN B 48 8.61 -8.37 15.29
C GLN B 48 8.26 -8.24 13.81
N TRP B 49 8.61 -7.09 13.24
CA TRP B 49 8.28 -6.76 11.86
C TRP B 49 9.53 -6.75 10.99
N ASP B 50 9.33 -7.06 9.70
CA ASP B 50 10.45 -7.06 8.76
C ASP B 50 11.05 -5.68 8.58
N SER B 51 10.22 -4.65 8.55
CA SER B 51 10.67 -3.28 8.34
C SER B 51 9.85 -2.35 9.22
N PRO B 52 10.34 -1.14 9.48
CA PRO B 52 9.47 -0.13 10.11
C PRO B 52 8.22 0.15 9.31
N SER B 53 8.27 0.00 7.98
CA SER B 53 7.08 0.18 7.16
C SER B 53 6.04 -0.89 7.48
N ARG B 54 6.49 -2.13 7.67
CA ARG B 54 5.54 -3.20 8.02
C ARG B 54 4.89 -2.93 9.37
N MET B 55 5.67 -2.49 10.35
CA MET B 55 5.10 -2.12 11.65
C MET B 55 4.13 -0.96 11.50
N TYR B 56 4.47 0.00 10.65
CA TYR B 56 3.62 1.17 10.45
C TYR B 56 2.30 0.77 9.83
N GLU B 57 2.33 -0.14 8.84
CA GLU B 57 1.11 -0.65 8.24
C GLU B 57 0.27 -1.42 9.25
N ALA B 58 0.92 -2.22 10.11
CA ALA B 58 0.19 -2.94 11.14
C ALA B 58 -0.47 -1.98 12.11
N VAL B 59 0.23 -0.90 12.49
CA VAL B 59 -0.32 0.05 13.44
C VAL B 59 -1.45 0.87 12.81
N THR B 60 -1.28 1.29 11.55
CA THR B 60 -2.25 2.18 10.93
C THR B 60 -3.54 1.48 10.55
N ALA B 61 -3.66 0.17 10.79
CA ALA B 61 -4.91 -0.53 10.53
C ALA B 61 -6.04 0.07 11.34
N PHE B 62 -5.76 0.49 12.57
CA PHE B 62 -6.71 1.20 13.42
C PHE B 62 -6.29 2.64 13.67
N HIS B 63 -5.03 2.87 14.01
CA HIS B 63 -4.54 4.20 14.31
C HIS B 63 -4.25 4.97 13.01
N SER B 64 -3.94 6.25 13.17
CA SER B 64 -3.62 7.12 12.05
C SER B 64 -2.11 7.36 11.97
N THR B 65 -1.66 7.72 10.76
CA THR B 65 -0.24 7.94 10.54
C THR B 65 0.27 9.11 11.37
N GLU B 66 -0.49 10.20 11.44
CA GLU B 66 -0.06 11.36 12.21
C GLU B 66 0.06 11.03 13.69
N TYR B 67 -0.85 10.19 14.21
CA TYR B 67 -0.84 9.86 15.63
C TYR B 67 0.41 9.07 16.01
N VAL B 68 0.75 8.04 15.22
CA VAL B 68 1.94 7.26 15.53
C VAL B 68 3.20 8.09 15.28
N ASP B 69 3.19 8.95 14.26
CA ASP B 69 4.33 9.84 14.06
C ASP B 69 4.53 10.76 15.26
N ALA B 70 3.45 11.32 15.80
CA ALA B 70 3.53 12.14 16.99
C ALA B 70 4.00 11.34 18.21
N LEU B 71 3.54 10.10 18.34
CA LEU B 71 3.97 9.26 19.45
C LEU B 71 5.48 9.00 19.41
N LYS B 72 6.00 8.60 18.24
CA LYS B 72 7.42 8.34 18.12
C LYS B 72 8.27 9.61 18.23
N LYS B 73 7.78 10.74 17.73
CA LYS B 73 8.53 11.98 17.90
C LYS B 73 8.50 12.46 19.34
N LEU B 74 7.41 12.16 20.07
CA LEU B 74 7.40 12.41 21.51
C LEU B 74 8.46 11.57 22.21
N GLN B 75 8.55 10.29 21.82
CA GLN B 75 9.60 9.44 22.40
C GLN B 75 10.98 9.99 22.09
N MET B 76 11.20 10.46 20.86
CA MET B 76 12.49 11.03 20.49
C MET B 76 12.80 12.29 21.30
N LEU B 77 11.79 13.16 21.47
CA LEU B 77 12.00 14.40 22.19
C LEU B 77 12.30 14.15 23.66
N HIS B 78 11.63 13.18 24.27
CA HIS B 78 11.89 12.87 25.67
C HIS B 78 13.21 12.13 25.88
N CYS B 79 13.78 11.56 24.82
CA CYS B 79 15.12 10.97 24.91
C CYS B 79 16.22 12.01 24.82
N GLU B 80 15.89 13.27 24.52
CA GLU B 80 16.88 14.34 24.46
C GLU B 80 16.57 15.42 25.49
N GLU B 83 14.16 22.61 26.38
CA GLU B 83 13.02 21.75 26.67
C GLU B 83 12.06 21.70 25.49
N LEU B 84 10.81 21.36 25.78
CA LEU B 84 9.81 21.27 24.73
C LEU B 84 9.48 22.65 24.18
N THR B 85 9.17 22.69 22.89
CA THR B 85 8.80 23.93 22.23
C THR B 85 7.29 24.15 22.30
N ALA B 86 6.87 25.38 22.02
CA ALA B 86 5.45 25.70 22.04
C ALA B 86 4.68 24.94 20.96
N ASP B 87 5.24 24.88 19.75
CA ASP B 87 4.59 24.14 18.67
C ASP B 87 4.56 22.65 18.97
N ASP B 88 5.66 22.10 19.49
CA ASP B 88 5.68 20.70 19.87
C ASP B 88 4.68 20.41 20.99
N GLU B 89 4.60 21.30 21.98
CA GLU B 89 3.65 21.10 23.07
C GLU B 89 2.22 21.13 22.56
N LEU B 90 1.93 22.06 21.64
CA LEU B 90 0.61 22.10 21.02
C LEU B 90 0.31 20.81 20.26
N LEU B 91 1.32 20.29 19.55
CA LEU B 91 1.14 19.04 18.83
C LEU B 91 0.83 17.90 19.79
N MET B 92 1.51 17.87 20.93
CA MET B 92 1.22 16.85 21.96
C MET B 92 -0.20 17.00 22.49
N ASP B 93 -0.62 18.25 22.74
CA ASP B 93 -1.96 18.49 23.28
C ASP B 93 -3.04 18.06 22.29
N SER B 94 -2.79 18.25 21.00
CA SER B 94 -3.80 17.91 20.00
C SER B 94 -4.13 16.42 20.00
N PHE B 95 -3.17 15.57 20.38
CA PHE B 95 -3.37 14.13 20.43
C PHE B 95 -3.57 13.63 21.86
N SER B 96 -3.79 14.54 22.81
CA SER B 96 -3.98 14.19 24.22
C SER B 96 -2.80 13.40 24.77
N LEU B 97 -1.60 13.75 24.31
CA LEU B 97 -0.36 13.13 24.82
C LEU B 97 0.22 13.97 25.96
N ASN B 98 -0.58 14.11 27.02
CA ASN B 98 -0.22 14.93 28.16
C ASN B 98 -1.19 14.63 29.29
N TYR B 99 -0.91 15.22 30.46
CA TYR B 99 -1.69 15.04 31.69
C TYR B 99 -1.73 13.59 32.12
N ASP B 100 -2.80 12.88 31.78
CA ASP B 100 -2.96 11.49 32.18
C ASP B 100 -2.20 10.52 31.29
N CYS B 101 -1.63 10.98 30.18
CA CYS B 101 -0.79 10.19 29.30
C CYS B 101 0.53 10.92 29.10
N PRO B 102 1.35 11.00 30.15
CA PRO B 102 2.57 11.82 30.08
C PRO B 102 3.62 11.18 29.20
N GLY B 103 4.55 12.01 28.73
CA GLY B 103 5.65 11.53 27.93
C GLY B 103 6.84 11.13 28.78
N PHE B 104 7.46 10.02 28.41
CA PHE B 104 8.68 9.54 29.02
C PHE B 104 9.53 8.92 27.91
N PRO B 105 10.85 8.80 28.12
CA PRO B 105 11.73 8.38 27.01
C PRO B 105 11.43 7.02 26.43
N SER B 106 10.46 6.29 26.99
CA SER B 106 10.13 4.95 26.51
C SER B 106 8.62 4.78 26.36
N VAL B 107 7.96 5.79 25.81
CA VAL B 107 6.52 5.69 25.58
C VAL B 107 6.22 4.78 24.41
N PHE B 108 6.75 5.12 23.24
CA PHE B 108 6.40 4.40 22.02
C PHE B 108 6.86 2.95 22.07
N ASP B 109 8.05 2.71 22.62
CA ASP B 109 8.58 1.35 22.68
C ASP B 109 7.68 0.45 23.53
N TYR B 110 7.32 0.91 24.72
CA TYR B 110 6.48 0.13 25.62
C TYR B 110 5.07 -0.06 25.04
N SER B 111 4.51 1.02 24.50
CA SER B 111 3.17 0.95 23.91
C SER B 111 3.15 -0.02 22.72
N LEU B 112 4.19 0.00 21.90
CA LEU B 112 4.28 -0.91 20.76
C LEU B 112 4.57 -2.33 21.22
N ALA B 113 5.27 -2.49 22.35
CA ALA B 113 5.53 -3.82 22.88
C ALA B 113 4.24 -4.49 23.30
N ALA B 114 3.32 -3.72 23.90
CA ALA B 114 2.00 -4.27 24.21
C ALA B 114 1.31 -4.81 22.97
N VAL B 115 1.35 -4.04 21.88
CA VAL B 115 0.76 -4.47 20.62
C VAL B 115 1.46 -5.71 20.08
N GLN B 116 2.79 -5.76 20.21
CA GLN B 116 3.55 -6.92 19.76
C GLN B 116 3.09 -8.17 20.49
N GLY B 117 2.94 -8.08 21.81
CA GLY B 117 2.48 -9.22 22.57
C GLY B 117 1.08 -9.66 22.19
N SER B 118 0.17 -8.70 22.05
CA SER B 118 -1.20 -9.06 21.71
C SER B 118 -1.30 -9.66 20.30
N LEU B 119 -0.54 -9.13 19.34
CA LEU B 119 -0.58 -9.67 17.99
C LEU B 119 0.06 -11.04 17.92
N ALA B 120 1.14 -11.26 18.68
CA ALA B 120 1.72 -12.60 18.76
C ALA B 120 0.72 -13.59 19.36
N ALA B 121 -0.01 -13.16 20.38
CA ALA B 121 -1.05 -14.00 20.96
C ALA B 121 -2.13 -14.33 19.94
N ALA B 122 -2.57 -13.33 19.17
CA ALA B 122 -3.59 -13.56 18.16
C ALA B 122 -3.09 -14.52 17.09
N SER B 123 -1.85 -14.36 16.65
CA SER B 123 -1.28 -15.26 15.65
C SER B 123 -1.17 -16.69 16.18
N ALA B 124 -0.81 -16.84 17.46
CA ALA B 124 -0.80 -18.16 18.07
C ALA B 124 -2.20 -18.76 18.11
N LEU B 125 -3.20 -17.94 18.43
CA LEU B 125 -4.58 -18.44 18.48
C LEU B 125 -5.07 -18.88 17.10
N ILE B 126 -4.78 -18.10 16.06
CA ILE B 126 -5.28 -18.42 14.74
C ILE B 126 -4.62 -19.68 14.20
N CYS B 127 -3.32 -19.87 14.46
CA CYS B 127 -2.64 -21.07 14.02
C CYS B 127 -2.92 -22.27 14.90
N ARG B 128 -3.75 -22.11 15.94
CA ARG B 128 -4.19 -23.20 16.80
C ARG B 128 -3.02 -23.83 17.56
N HIS B 129 -1.97 -23.05 17.79
CA HIS B 129 -0.87 -23.51 18.62
C HIS B 129 -1.29 -23.60 20.08
N CYS B 130 -1.93 -22.55 20.58
CA CYS B 130 -2.43 -22.51 21.95
C CYS B 130 -3.92 -22.21 21.92
N GLU B 131 -4.70 -23.00 22.67
CA GLU B 131 -6.13 -22.75 22.74
C GLU B 131 -6.43 -21.47 23.50
N VAL B 132 -5.59 -21.14 24.48
CA VAL B 132 -5.70 -19.89 25.24
C VAL B 132 -4.31 -19.28 25.35
N VAL B 133 -4.22 -17.96 25.18
CA VAL B 133 -2.97 -17.23 25.31
C VAL B 133 -3.16 -16.12 26.33
N ILE B 134 -2.16 -15.92 27.19
CA ILE B 134 -2.20 -14.93 28.26
C ILE B 134 -1.15 -13.88 28.00
N ASN B 135 -1.54 -12.60 28.15
CA ASN B 135 -0.60 -11.48 27.97
C ASN B 135 -0.93 -10.43 29.03
N TRP B 136 -0.19 -10.48 30.14
CA TRP B 136 -0.37 -9.50 31.21
C TRP B 136 0.35 -8.19 30.93
N GLY B 137 1.18 -8.12 29.89
CA GLY B 137 1.85 -6.89 29.55
C GLY B 137 1.02 -5.92 28.72
N GLY B 138 -0.19 -6.33 28.35
CA GLY B 138 -1.06 -5.47 27.57
C GLY B 138 -2.45 -5.32 28.17
N GLY B 139 -3.43 -5.04 27.32
CA GLY B 139 -4.79 -4.83 27.76
C GLY B 139 -5.23 -3.39 27.84
N TRP B 140 -4.69 -2.52 26.98
CA TRP B 140 -4.94 -1.09 27.05
C TRP B 140 -6.13 -0.76 26.15
N HIS B 141 -7.24 -0.37 26.77
CA HIS B 141 -8.54 -0.30 26.10
C HIS B 141 -9.13 1.10 26.13
N HIS B 142 -8.31 2.13 26.24
CA HIS B 142 -8.78 3.51 26.18
C HIS B 142 -8.30 4.27 24.95
N ALA B 143 -7.28 3.76 24.26
CA ALA B 143 -6.71 4.48 23.13
C ALA B 143 -7.67 4.52 21.95
N LYS B 144 -7.86 5.70 21.38
CA LYS B 144 -8.70 5.87 20.21
C LYS B 144 -7.83 5.85 18.96
N ARG B 145 -8.46 6.12 17.81
CA ARG B 145 -7.71 6.13 16.54
C ARG B 145 -6.63 7.19 16.55
N SER B 146 -6.98 8.41 16.96
CA SER B 146 -6.06 9.55 16.96
C SER B 146 -6.11 10.27 18.30
N GLU B 147 -6.10 9.51 19.39
CA GLU B 147 -6.12 10.12 20.71
C GLU B 147 -5.60 9.12 21.73
N ALA B 148 -4.84 9.61 22.70
CA ALA B 148 -4.39 8.82 23.83
C ALA B 148 -5.25 9.11 25.04
N SER B 149 -5.65 8.04 25.74
CA SER B 149 -6.54 8.18 26.88
C SER B 149 -6.16 7.16 27.94
N GLY B 150 -6.24 7.57 29.20
CA GLY B 150 -6.10 6.67 30.32
C GLY B 150 -4.82 5.86 30.35
N PHE B 151 -3.70 6.50 30.03
CA PHE B 151 -2.39 5.84 29.97
C PHE B 151 -2.40 4.69 28.95
N CYS B 152 -3.17 4.86 27.88
CA CYS B 152 -3.23 3.90 26.79
C CYS B 152 -2.91 4.64 25.50
N TYR B 153 -1.78 4.31 24.89
CA TYR B 153 -1.33 5.00 23.69
C TYR B 153 -1.71 4.26 22.41
N LEU B 154 -1.58 2.93 22.42
CA LEU B 154 -2.05 2.09 21.33
C LEU B 154 -2.97 1.01 21.88
N ASN B 155 -4.08 0.78 21.18
CA ASN B 155 -5.04 -0.24 21.60
C ASN B 155 -4.61 -1.58 21.00
N ASP B 156 -3.87 -2.34 21.79
CA ASP B 156 -3.46 -3.67 21.35
C ASP B 156 -4.66 -4.59 21.16
N ILE B 157 -5.70 -4.39 21.96
CA ILE B 157 -6.89 -5.24 21.89
C ILE B 157 -7.55 -5.11 20.52
N VAL B 158 -7.70 -3.87 20.03
CA VAL B 158 -8.40 -3.64 18.77
C VAL B 158 -7.64 -4.27 17.62
N LEU B 159 -6.32 -4.09 17.58
CA LEU B 159 -5.51 -4.66 16.51
C LEU B 159 -5.50 -6.19 16.58
N ALA B 160 -5.42 -6.75 17.79
CA ALA B 160 -5.49 -8.20 17.93
C ALA B 160 -6.81 -8.74 17.42
N ILE B 161 -7.91 -8.07 17.77
CA ILE B 161 -9.23 -8.51 17.31
C ILE B 161 -9.33 -8.37 15.80
N HIS B 162 -8.76 -7.31 15.24
CA HIS B 162 -8.78 -7.13 13.79
C HIS B 162 -8.02 -8.26 13.09
N ARG B 163 -6.87 -8.65 13.64
CA ARG B 163 -6.13 -9.76 13.08
C ARG B 163 -6.91 -11.06 13.21
N LEU B 164 -7.61 -11.25 14.32
CA LEU B 164 -8.42 -12.45 14.51
C LEU B 164 -9.55 -12.53 13.49
N VAL B 165 -10.23 -11.41 13.26
CA VAL B 165 -11.35 -11.39 12.33
C VAL B 165 -10.87 -11.66 10.91
N SER B 166 -9.73 -11.10 10.54
CA SER B 166 -9.14 -11.32 9.22
C SER B 166 -8.73 -12.78 9.03
N GLU B 171 -9.50 -23.59 7.38
CA GLU B 171 -10.62 -23.70 8.32
C GLU B 171 -11.40 -24.98 8.10
N THR B 172 -11.79 -25.63 9.20
CA THR B 172 -12.61 -26.83 9.15
C THR B 172 -14.03 -26.62 9.62
N SER B 173 -14.30 -25.52 10.32
CA SER B 173 -15.63 -25.25 10.84
C SER B 173 -16.58 -24.93 9.69
N PRO B 174 -17.71 -25.63 9.57
CA PRO B 174 -18.66 -25.30 8.49
C PRO B 174 -19.13 -23.85 8.50
N ASN B 175 -19.34 -23.29 9.69
CA ASN B 175 -19.64 -21.87 9.80
C ASN B 175 -18.37 -21.05 9.64
N ARG B 176 -18.10 -20.59 8.42
CA ARG B 176 -16.84 -19.95 8.08
C ARG B 176 -16.85 -18.45 8.30
N GLN B 177 -17.94 -17.90 8.86
CA GLN B 177 -18.00 -16.47 9.17
C GLN B 177 -17.35 -16.22 10.52
N THR B 178 -16.39 -15.31 10.57
CA THR B 178 -15.58 -15.07 11.75
C THR B 178 -16.23 -14.01 12.63
N ARG B 179 -16.35 -14.32 13.93
CA ARG B 179 -16.90 -13.40 14.92
C ARG B 179 -16.08 -13.48 16.19
N VAL B 180 -15.90 -12.34 16.86
CA VAL B 180 -15.08 -12.24 18.06
C VAL B 180 -15.92 -11.60 19.16
N LEU B 181 -15.95 -12.24 20.32
CA LEU B 181 -16.68 -11.73 21.48
C LEU B 181 -15.69 -11.07 22.44
N TYR B 182 -15.79 -9.75 22.58
CA TYR B 182 -14.94 -8.99 23.48
C TYR B 182 -15.66 -8.84 24.81
N VAL B 183 -15.02 -9.26 25.89
CA VAL B 183 -15.51 -9.11 27.25
C VAL B 183 -14.54 -8.21 28.00
N ASP B 184 -15.07 -7.18 28.66
CA ASP B 184 -14.24 -6.21 29.37
C ASP B 184 -14.63 -6.23 30.83
N LEU B 185 -13.67 -6.59 31.69
CA LEU B 185 -13.87 -6.68 33.13
C LEU B 185 -13.15 -5.59 33.91
N ASP B 186 -12.50 -4.66 33.22
CA ASP B 186 -11.84 -3.55 33.88
C ASP B 186 -12.85 -2.67 34.60
N LEU B 187 -12.38 -1.93 35.60
CA LEU B 187 -13.26 -1.02 36.34
C LEU B 187 -13.84 0.05 35.43
N HIS B 188 -13.03 0.56 34.50
CA HIS B 188 -13.49 1.62 33.61
C HIS B 188 -14.08 1.02 32.33
N HIS B 189 -14.83 1.86 31.63
CA HIS B 189 -15.52 1.42 30.42
C HIS B 189 -14.54 1.20 29.27
N GLY B 190 -14.84 0.20 28.45
CA GLY B 190 -14.03 -0.09 27.28
C GLY B 190 -14.41 0.76 26.09
N ASP B 191 -14.10 2.06 26.18
CA ASP B 191 -14.55 3.00 25.16
C ASP B 191 -13.80 2.80 23.85
N GLY B 192 -12.49 2.56 23.90
CA GLY B 192 -11.72 2.46 22.67
C GLY B 192 -12.14 1.29 21.81
N VAL B 193 -12.30 0.11 22.41
CA VAL B 193 -12.71 -1.07 21.65
C VAL B 193 -14.12 -0.92 21.12
N GLU B 194 -15.03 -0.36 21.93
CA GLU B 194 -16.41 -0.18 21.51
C GLU B 194 -16.50 0.79 20.34
N GLU B 195 -15.76 1.89 20.39
CA GLU B 195 -15.78 2.86 19.29
C GLU B 195 -15.12 2.28 18.04
N ALA B 196 -14.06 1.48 18.21
CA ALA B 196 -13.35 0.94 17.06
C ALA B 196 -14.25 0.02 16.24
N PHE B 197 -15.06 -0.81 16.90
CA PHE B 197 -15.96 -1.75 16.25
C PHE B 197 -17.42 -1.34 16.40
N TRP B 198 -17.67 -0.02 16.40
CA TRP B 198 -19.02 0.49 16.60
C TRP B 198 -19.95 0.05 15.47
N TYR B 199 -19.47 0.09 14.23
CA TYR B 199 -20.27 -0.21 13.06
C TYR B 199 -20.06 -1.63 12.55
N SER B 200 -19.36 -2.47 13.31
CA SER B 200 -19.05 -3.83 12.87
C SER B 200 -19.85 -4.84 13.67
N PRO B 201 -20.81 -5.55 13.07
CA PRO B 201 -21.50 -6.62 13.79
C PRO B 201 -20.64 -7.84 14.04
N ARG B 202 -19.52 -7.98 13.32
CA ARG B 202 -18.68 -9.16 13.48
C ARG B 202 -18.11 -9.26 14.89
N VAL B 203 -17.67 -8.14 15.44
CA VAL B 203 -17.12 -8.09 16.79
C VAL B 203 -18.20 -7.59 17.72
N VAL B 204 -18.56 -8.41 18.71
CA VAL B 204 -19.59 -8.06 19.68
C VAL B 204 -18.88 -7.73 20.99
N THR B 205 -19.02 -6.48 21.43
CA THR B 205 -18.28 -5.95 22.57
C THR B 205 -19.22 -5.77 23.76
N PHE B 206 -18.87 -6.38 24.88
CA PHE B 206 -19.58 -6.20 26.14
C PHE B 206 -18.60 -5.75 27.21
N SER B 207 -18.99 -4.75 27.99
CA SER B 207 -18.16 -4.23 29.05
C SER B 207 -18.97 -4.18 30.34
N VAL B 208 -18.32 -4.50 31.47
CA VAL B 208 -18.92 -4.32 32.79
C VAL B 208 -18.01 -3.38 33.57
N HIS B 209 -18.58 -2.30 34.09
CA HIS B 209 -17.77 -1.22 34.62
C HIS B 209 -18.53 -0.46 35.69
N HIS B 210 -17.90 0.59 36.20
CA HIS B 210 -18.51 1.54 37.12
C HIS B 210 -18.75 2.86 36.38
N ALA B 211 -19.95 3.41 36.53
CA ALA B 211 -20.32 4.66 35.87
C ALA B 211 -20.94 5.61 36.89
N SER B 212 -20.24 6.70 37.17
CA SER B 212 -20.74 7.77 38.02
C SER B 212 -20.34 9.11 37.40
N PRO B 213 -21.10 10.17 37.68
CA PRO B 213 -20.73 11.48 37.14
C PRO B 213 -19.36 11.91 37.62
N GLY B 214 -18.53 12.36 36.67
CA GLY B 214 -17.17 12.73 36.96
C GLY B 214 -16.18 11.59 36.97
N PHE B 215 -16.62 10.37 36.70
CA PHE B 215 -15.75 9.21 36.71
C PHE B 215 -15.26 8.91 35.29
N PHE B 216 -13.96 8.66 35.16
CA PHE B 216 -13.39 8.39 33.85
C PHE B 216 -13.91 7.05 33.32
N PRO B 217 -14.23 6.98 32.01
CA PRO B 217 -14.23 8.10 31.08
C PRO B 217 -15.59 8.80 31.01
N GLY B 218 -16.58 8.25 31.71
CA GLY B 218 -17.92 8.79 31.74
C GLY B 218 -18.88 8.14 30.77
N THR B 219 -18.37 7.45 29.75
CA THR B 219 -19.22 6.79 28.77
C THR B 219 -19.57 5.38 29.24
N GLY B 220 -20.29 4.66 28.38
CA GLY B 220 -20.77 3.34 28.73
C GLY B 220 -21.97 3.33 29.66
N THR B 221 -22.83 4.34 29.58
CA THR B 221 -23.98 4.47 30.47
C THR B 221 -25.09 5.17 29.68
N TRP B 222 -26.07 5.71 30.41
CA TRP B 222 -27.20 6.39 29.78
C TRP B 222 -26.73 7.52 28.88
N ASN B 223 -27.29 7.59 27.68
CA ASN B 223 -26.93 8.64 26.73
C ASN B 223 -27.53 9.97 27.15
N MET B 224 -26.73 11.03 27.05
CA MET B 224 -27.13 12.36 27.50
C MET B 224 -27.47 13.20 26.26
N VAL B 225 -28.76 13.45 26.07
CA VAL B 225 -29.24 14.28 24.96
C VAL B 225 -30.23 15.29 25.51
N ASP B 226 -30.43 16.36 24.75
CA ASP B 226 -31.30 17.47 25.16
C ASP B 226 -32.73 17.15 24.73
N ASN B 227 -33.45 16.44 25.60
CA ASN B 227 -34.86 16.13 25.38
C ASN B 227 -35.46 15.72 26.72
N ASP B 228 -36.78 15.67 26.76
CA ASP B 228 -37.51 15.21 27.94
C ASP B 228 -37.79 13.72 27.91
N LYS B 229 -37.32 13.01 26.89
CA LYS B 229 -37.51 11.56 26.82
C LYS B 229 -36.59 10.85 27.79
N LEU B 230 -36.97 9.63 28.15
CA LEU B 230 -36.17 8.83 29.07
C LEU B 230 -34.86 8.42 28.41
N PRO B 231 -33.79 8.25 29.19
CA PRO B 231 -32.49 7.90 28.59
C PRO B 231 -32.50 6.50 27.98
N ILE B 232 -31.72 6.36 26.92
CA ILE B 232 -31.56 5.08 26.22
C ILE B 232 -30.06 4.79 26.08
N PHE B 233 -29.76 3.58 25.64
CA PHE B 233 -28.40 3.12 25.44
C PHE B 233 -28.05 3.11 23.96
N LEU B 234 -26.97 3.76 23.59
CA LEU B 234 -26.44 3.67 22.22
C LEU B 234 -25.61 2.39 22.11
N ASN B 235 -26.01 1.51 21.20
CA ASN B 235 -25.46 0.17 21.10
C ASN B 235 -25.00 -0.14 19.68
N GLY B 236 -24.28 0.79 19.07
CA GLY B 236 -23.82 0.62 17.71
C GLY B 236 -24.74 1.29 16.71
N ALA B 237 -24.28 1.33 15.46
CA ALA B 237 -25.02 1.94 14.36
C ALA B 237 -24.87 1.10 13.11
N GLY B 238 -25.86 1.21 12.22
CA GLY B 238 -25.81 0.46 10.98
C GLY B 238 -25.99 -1.03 11.24
N ARG B 239 -25.30 -1.85 10.44
CA ARG B 239 -25.38 -3.30 10.62
C ARG B 239 -24.76 -3.74 11.94
N GLY B 240 -23.96 -2.89 12.58
CA GLY B 240 -23.39 -3.21 13.88
C GLY B 240 -24.22 -2.69 15.03
N ARG B 241 -25.49 -2.39 14.77
CA ARG B 241 -26.39 -1.91 15.81
C ARG B 241 -26.76 -3.06 16.75
N PHE B 242 -27.05 -2.71 18.00
CA PHE B 242 -27.43 -3.64 19.06
C PHE B 242 -26.31 -4.61 19.43
N SER B 243 -25.08 -4.37 18.97
CA SER B 243 -23.96 -5.26 19.22
C SER B 243 -23.00 -4.74 20.29
N ALA B 244 -23.36 -3.67 21.00
CA ALA B 244 -22.52 -3.09 22.04
C ALA B 244 -23.30 -3.12 23.35
N PHE B 245 -22.83 -3.91 24.31
CA PHE B 245 -23.50 -4.10 25.59
C PHE B 245 -22.66 -3.51 26.72
N ASN B 246 -23.33 -2.78 27.62
CA ASN B 246 -22.66 -2.16 28.75
C ASN B 246 -23.44 -2.49 30.01
N LEU B 247 -22.72 -2.78 31.09
CA LEU B 247 -23.32 -3.05 32.40
C LEU B 247 -22.64 -2.12 33.41
N PRO B 248 -23.26 -0.98 33.72
CA PRO B 248 -22.70 -0.07 34.73
C PRO B 248 -23.22 -0.36 36.12
N LEU B 249 -22.31 -0.44 37.10
CA LEU B 249 -22.67 -0.73 38.47
C LEU B 249 -22.37 0.45 39.38
N GLU B 250 -23.17 0.55 40.44
CA GLU B 250 -22.86 1.48 41.52
C GLU B 250 -21.70 0.94 42.34
N GLU B 251 -21.01 1.84 43.02
CA GLU B 251 -19.87 1.44 43.84
C GLU B 251 -20.33 0.57 45.00
N GLY B 252 -19.45 -0.33 45.43
CA GLY B 252 -19.73 -1.18 46.56
C GLY B 252 -20.26 -2.56 46.24
N ILE B 253 -20.10 -3.03 45.01
CA ILE B 253 -20.58 -4.36 44.64
C ILE B 253 -19.59 -5.42 45.12
N ASN B 254 -20.11 -6.57 45.53
CA ASN B 254 -19.30 -7.65 46.05
C ASN B 254 -19.09 -8.73 44.99
N ASP B 255 -18.30 -9.75 45.37
CA ASP B 255 -17.98 -10.83 44.43
C ASP B 255 -19.25 -11.56 43.98
N LEU B 256 -20.13 -11.88 44.93
CA LEU B 256 -21.35 -12.62 44.58
C LEU B 256 -22.27 -11.79 43.70
N ASP B 257 -22.48 -10.52 44.05
CA ASP B 257 -23.38 -9.67 43.26
C ASP B 257 -22.81 -9.42 41.87
N TRP B 258 -21.50 -9.16 41.77
CA TRP B 258 -20.88 -8.97 40.47
C TRP B 258 -20.97 -10.25 39.62
N SER B 259 -20.72 -11.40 40.25
CA SER B 259 -20.80 -12.66 39.52
C SER B 259 -22.21 -12.91 39.01
N ASN B 260 -23.22 -12.67 39.84
CA ASN B 260 -24.60 -12.85 39.41
C ASN B 260 -24.98 -11.86 38.33
N ALA B 261 -24.43 -10.64 38.39
CA ALA B 261 -24.72 -9.64 37.36
C ALA B 261 -24.13 -10.05 36.02
N ILE B 262 -22.92 -10.63 36.02
CA ILE B 262 -22.27 -10.96 34.76
C ILE B 262 -22.61 -12.35 34.24
N GLY B 263 -23.17 -13.23 35.07
CA GLY B 263 -23.42 -14.59 34.69
C GLY B 263 -24.27 -14.79 33.45
N PRO B 264 -25.55 -14.44 33.52
CA PRO B 264 -26.46 -14.74 32.39
C PRO B 264 -26.06 -14.05 31.10
N ILE B 265 -25.49 -12.85 31.17
CA ILE B 265 -25.21 -12.07 29.96
C ILE B 265 -24.17 -12.78 29.11
N LEU B 266 -23.08 -13.25 29.72
CA LEU B 266 -22.02 -13.92 28.97
C LEU B 266 -22.53 -15.20 28.33
N ASP B 267 -23.32 -15.97 29.08
CA ASP B 267 -23.88 -17.22 28.54
C ASP B 267 -24.81 -16.94 27.37
N SER B 268 -25.66 -15.91 27.50
CA SER B 268 -26.58 -15.57 26.42
C SER B 268 -25.81 -15.12 25.17
N LEU B 269 -24.76 -14.30 25.37
CA LEU B 269 -23.96 -13.84 24.24
C LEU B 269 -23.27 -15.02 23.55
N ASN B 270 -22.73 -15.95 24.34
CA ASN B 270 -22.08 -17.12 23.76
C ASN B 270 -23.07 -17.97 22.98
N ILE B 271 -24.27 -18.17 23.54
CA ILE B 271 -25.26 -19.03 22.88
C ILE B 271 -25.75 -18.39 21.59
N VAL B 272 -26.01 -17.08 21.61
CA VAL B 272 -26.58 -16.43 20.43
C VAL B 272 -25.51 -16.19 19.37
N ILE B 273 -24.46 -15.44 19.72
CA ILE B 273 -23.46 -15.02 18.74
C ILE B 273 -22.71 -16.23 18.20
N GLN B 274 -22.31 -17.15 19.09
CA GLN B 274 -21.50 -18.30 18.75
C GLN B 274 -20.22 -17.86 18.05
N PRO B 275 -19.31 -17.16 18.74
CA PRO B 275 -18.12 -16.65 18.08
C PRO B 275 -17.04 -17.72 17.94
N SER B 276 -16.04 -17.40 17.11
CA SER B 276 -14.88 -18.25 16.94
C SER B 276 -13.75 -17.92 17.90
N TYR B 277 -13.74 -16.69 18.45
CA TYR B 277 -12.72 -16.28 19.41
C TYR B 277 -13.36 -15.40 20.47
N VAL B 278 -12.81 -15.46 21.67
CA VAL B 278 -13.28 -14.64 22.79
C VAL B 278 -12.09 -13.93 23.43
N VAL B 279 -12.11 -12.61 23.42
CA VAL B 279 -11.07 -11.79 24.02
C VAL B 279 -11.57 -11.32 25.39
N VAL B 280 -10.72 -11.39 26.41
CA VAL B 280 -11.10 -11.08 27.78
C VAL B 280 -10.09 -10.09 28.34
N GLN B 281 -10.56 -8.88 28.66
CA GLN B 281 -9.78 -7.90 29.40
C GLN B 281 -9.94 -8.18 30.89
N CYS B 282 -8.83 -8.17 31.62
CA CYS B 282 -8.84 -8.50 33.04
CA CYS B 282 -8.84 -8.50 33.04
C CYS B 282 -8.17 -7.42 33.87
N GLY B 283 -8.54 -6.16 33.62
CA GLY B 283 -7.97 -5.06 34.37
C GLY B 283 -8.26 -5.20 35.85
N ALA B 284 -7.23 -5.28 36.67
CA ALA B 284 -7.38 -5.57 38.10
C ALA B 284 -7.49 -4.31 38.94
N ASP B 285 -8.41 -3.42 38.55
CA ASP B 285 -8.68 -2.21 39.33
C ASP B 285 -10.05 -2.24 39.98
N CYS B 286 -10.72 -3.39 39.97
CA CYS B 286 -11.99 -3.57 40.67
C CYS B 286 -11.82 -4.16 42.06
N LEU B 287 -10.58 -4.44 42.48
CA LEU B 287 -10.35 -5.08 43.76
C LEU B 287 -10.67 -4.14 44.91
N ALA B 288 -11.08 -4.73 46.04
CA ALA B 288 -11.37 -3.94 47.23
C ALA B 288 -10.13 -3.33 47.83
N THR B 289 -8.94 -3.82 47.46
CA THR B 289 -7.69 -3.25 47.93
C THR B 289 -7.09 -2.25 46.95
N ASP B 290 -7.74 -2.01 45.81
CA ASP B 290 -7.21 -1.07 44.84
C ASP B 290 -7.26 0.35 45.39
N PRO B 291 -6.27 1.19 45.08
CA PRO B 291 -6.30 2.56 45.59
C PRO B 291 -7.52 3.36 45.18
N HIS B 292 -8.15 3.04 44.05
CA HIS B 292 -9.37 3.73 43.65
C HIS B 292 -10.48 3.52 44.67
N ARG B 293 -10.65 2.27 45.12
CA ARG B 293 -11.69 1.89 46.09
C ARG B 293 -13.09 2.23 45.56
N ILE B 294 -13.44 1.57 44.46
CA ILE B 294 -14.79 1.71 43.89
C ILE B 294 -15.54 0.41 44.13
N PHE B 295 -15.04 -0.69 43.58
CA PHE B 295 -15.67 -1.99 43.74
C PHE B 295 -15.00 -2.78 44.85
N ARG B 296 -15.62 -3.90 45.21
CA ARG B 296 -15.15 -4.71 46.33
C ARG B 296 -14.93 -6.16 45.93
N LEU B 297 -14.24 -6.38 44.82
CA LEU B 297 -13.91 -7.73 44.37
C LEU B 297 -12.66 -8.24 45.06
N THR B 298 -12.47 -9.56 45.02
CA THR B 298 -11.32 -10.21 45.63
C THR B 298 -10.78 -11.24 44.66
N ASN B 299 -9.86 -12.08 45.15
CA ASN B 299 -9.31 -13.20 44.39
C ASN B 299 -9.48 -14.52 45.12
N PHE B 300 -10.42 -14.59 46.06
CA PHE B 300 -10.57 -15.77 46.90
C PHE B 300 -11.04 -16.97 46.09
N TYR B 301 -10.61 -18.15 46.52
CA TYR B 301 -10.95 -19.40 45.85
C TYR B 301 -11.44 -20.44 46.85
N SER B 317 -14.50 -15.23 43.98
CA SER B 317 -13.94 -14.17 43.15
C SER B 317 -14.72 -14.03 41.85
N GLY B 318 -15.12 -12.80 41.53
CA GLY B 318 -15.83 -12.56 40.29
C GLY B 318 -14.96 -12.81 39.07
N TYR B 319 -13.69 -12.39 39.15
CA TYR B 319 -12.76 -12.63 38.06
C TYR B 319 -12.65 -14.12 37.75
N LEU B 320 -12.41 -14.93 38.79
CA LEU B 320 -12.22 -16.36 38.59
C LEU B 320 -13.49 -17.02 38.06
N TYR B 321 -14.65 -16.63 38.59
CA TYR B 321 -15.92 -17.18 38.10
C TYR B 321 -16.13 -16.85 36.63
N ALA B 322 -15.90 -15.59 36.25
CA ALA B 322 -16.08 -15.17 34.86
C ALA B 322 -15.11 -15.91 33.94
N ILE B 323 -13.85 -16.05 34.37
CA ILE B 323 -12.87 -16.73 33.54
C ILE B 323 -13.23 -18.20 33.38
N LYS B 324 -13.69 -18.84 34.47
CA LYS B 324 -14.09 -20.24 34.39
C LYS B 324 -15.25 -20.41 33.42
N LYS B 325 -16.26 -19.54 33.52
CA LYS B 325 -17.42 -19.67 32.64
C LYS B 325 -17.05 -19.38 31.18
N ILE B 326 -16.12 -18.44 30.96
CA ILE B 326 -15.69 -18.14 29.60
C ILE B 326 -14.93 -19.32 29.01
N LEU B 327 -14.00 -19.89 29.79
CA LEU B 327 -13.21 -21.01 29.30
C LEU B 327 -14.02 -22.30 29.18
N SER B 328 -15.15 -22.38 29.88
CA SER B 328 -16.01 -23.56 29.75
C SER B 328 -16.65 -23.66 28.38
N TRP B 329 -16.61 -22.58 27.59
CA TRP B 329 -17.19 -22.61 26.25
C TRP B 329 -16.34 -23.42 25.28
N LYS B 330 -15.10 -23.74 25.66
CA LYS B 330 -14.16 -24.44 24.78
C LYS B 330 -13.98 -23.69 23.46
N VAL B 331 -13.82 -22.38 23.57
CA VAL B 331 -13.65 -21.49 22.43
C VAL B 331 -12.26 -20.88 22.54
N PRO B 332 -11.52 -20.71 21.43
CA PRO B 332 -10.23 -20.03 21.49
C PRO B 332 -10.30 -18.69 22.21
N THR B 333 -9.63 -18.61 23.35
CA THR B 333 -9.72 -17.47 24.25
C THR B 333 -8.38 -16.76 24.35
N LEU B 334 -8.45 -15.43 24.43
CA LEU B 334 -7.30 -14.58 24.67
C LEU B 334 -7.55 -13.82 25.97
N ILE B 335 -6.53 -13.72 26.80
CA ILE B 335 -6.62 -13.04 28.09
C ILE B 335 -5.56 -11.94 28.13
N LEU B 336 -5.99 -10.71 28.43
CA LEU B 336 -5.09 -9.59 28.52
C LEU B 336 -5.23 -8.94 29.89
N GLY B 337 -4.19 -8.21 30.29
CA GLY B 337 -4.21 -7.51 31.57
C GLY B 337 -4.79 -6.12 31.46
N GLY B 338 -4.05 -5.12 31.94
CA GLY B 338 -4.51 -3.75 31.85
C GLY B 338 -4.44 -2.98 33.15
N GLY B 339 -5.60 -2.54 33.64
CA GLY B 339 -5.65 -1.67 34.79
C GLY B 339 -5.30 -2.38 36.09
N GLY B 340 -5.17 -1.58 37.14
CA GLY B 340 -4.78 -2.07 38.45
C GLY B 340 -3.50 -1.45 38.94
N TYR B 341 -3.59 -0.67 40.03
CA TYR B 341 -2.43 0.03 40.56
C TYR B 341 -1.84 -0.65 41.79
N ASN B 342 -2.55 -1.59 42.41
CA ASN B 342 -2.00 -2.37 43.51
C ASN B 342 -1.21 -3.52 42.91
N PHE B 343 0.09 -3.31 42.75
CA PHE B 343 0.92 -4.26 42.02
C PHE B 343 0.97 -5.64 42.66
N PRO B 344 1.23 -5.80 43.98
CA PRO B 344 1.25 -7.16 44.55
C PRO B 344 -0.08 -7.88 44.45
N ASP B 345 -1.18 -7.18 44.72
CA ASP B 345 -2.49 -7.82 44.65
C ASP B 345 -2.90 -8.11 43.21
N THR B 346 -2.52 -7.24 42.27
CA THR B 346 -2.74 -7.54 40.86
C THR B 346 -1.97 -8.79 40.44
N ALA B 347 -0.73 -8.92 40.90
CA ALA B 347 0.05 -10.12 40.63
C ALA B 347 -0.61 -11.34 41.24
N ARG B 348 -1.12 -11.22 42.47
CA ARG B 348 -1.81 -12.33 43.11
C ARG B 348 -3.01 -12.78 42.29
N LEU B 349 -3.85 -11.82 41.88
CA LEU B 349 -5.03 -12.15 41.09
C LEU B 349 -4.66 -12.80 39.77
N TRP B 350 -3.62 -12.27 39.11
CA TRP B 350 -3.26 -12.79 37.80
C TRP B 350 -2.60 -14.17 37.91
N THR B 351 -1.86 -14.44 38.98
CA THR B 351 -1.39 -15.80 39.22
C THR B 351 -2.54 -16.76 39.45
N ARG B 352 -3.56 -16.33 40.22
CA ARG B 352 -4.74 -17.16 40.40
C ARG B 352 -5.42 -17.43 39.06
N VAL B 353 -5.53 -16.41 38.22
CA VAL B 353 -6.19 -16.56 36.92
C VAL B 353 -5.41 -17.54 36.04
N THR B 354 -4.08 -17.42 36.03
CA THR B 354 -3.26 -18.33 35.23
C THR B 354 -3.42 -19.77 35.72
N ALA B 355 -3.43 -19.96 37.04
CA ALA B 355 -3.61 -21.30 37.59
C ALA B 355 -4.97 -21.87 37.19
N LEU B 356 -6.01 -21.04 37.25
CA LEU B 356 -7.34 -21.49 36.85
C LEU B 356 -7.36 -21.86 35.36
N THR B 357 -6.71 -21.07 34.52
CA THR B 357 -6.66 -21.39 33.10
C THR B 357 -5.94 -22.72 32.86
N ILE B 358 -4.84 -22.96 33.57
CA ILE B 358 -4.12 -24.23 33.44
C ILE B 358 -5.02 -25.38 33.85
N GLU B 359 -5.73 -25.22 34.98
CA GLU B 359 -6.60 -26.29 35.45
C GLU B 359 -7.74 -26.56 34.46
N GLU B 360 -8.29 -25.51 33.85
CA GLU B 360 -9.44 -25.67 32.97
C GLU B 360 -9.04 -26.28 31.63
N VAL B 361 -8.06 -25.67 30.96
CA VAL B 361 -7.79 -26.06 29.57
C VAL B 361 -6.88 -27.27 29.49
N LYS B 362 -5.91 -27.38 30.40
CA LYS B 362 -4.95 -28.48 30.32
C LYS B 362 -5.46 -29.73 31.02
N GLY B 363 -6.35 -29.57 32.00
CA GLY B 363 -6.84 -30.69 32.77
C GLY B 363 -5.94 -31.14 33.90
N LYS B 364 -4.86 -30.40 34.16
CA LYS B 364 -3.92 -30.74 35.23
C LYS B 364 -4.23 -29.87 36.43
N LYS B 365 -4.71 -30.49 37.51
CA LYS B 365 -5.01 -29.77 38.74
C LYS B 365 -3.76 -29.08 39.28
N MET B 366 -3.91 -27.81 39.64
CA MET B 366 -2.79 -27.00 40.10
C MET B 366 -2.93 -26.75 41.61
N THR B 367 -1.95 -27.18 42.37
CA THR B 367 -1.91 -26.98 43.81
C THR B 367 -1.09 -25.72 44.08
N ILE B 368 -1.77 -24.65 44.47
CA ILE B 368 -1.12 -23.35 44.68
C ILE B 368 -0.91 -23.16 46.18
N SER B 369 0.32 -22.91 46.58
CA SER B 369 0.65 -22.73 47.98
C SER B 369 0.00 -21.46 48.52
N PRO B 370 -0.74 -21.53 49.62
CA PRO B 370 -1.29 -20.29 50.21
C PRO B 370 -0.21 -19.29 50.56
N GLU B 371 0.93 -19.76 51.07
CA GLU B 371 2.04 -18.86 51.33
CA GLU B 371 2.05 -18.86 51.34
C GLU B 371 2.80 -18.56 50.04
N ILE B 372 3.16 -17.29 49.86
CA ILE B 372 3.85 -16.91 48.62
C ILE B 372 5.26 -17.47 48.64
N PRO B 373 5.76 -18.03 47.54
CA PRO B 373 7.12 -18.55 47.52
C PRO B 373 8.15 -17.44 47.60
N GLU B 374 9.30 -17.76 48.18
CA GLU B 374 10.37 -16.79 48.29
C GLU B 374 10.97 -16.50 46.93
N HIS B 375 11.11 -15.22 46.59
CA HIS B 375 11.66 -14.81 45.31
C HIS B 375 12.20 -13.39 45.45
N SER B 376 12.48 -12.77 44.30
CA SER B 376 13.14 -11.46 44.30
C SER B 376 12.28 -10.40 44.97
N TYR B 377 10.98 -10.40 44.70
CA TYR B 377 10.06 -9.40 45.24
C TYR B 377 9.26 -9.95 46.40
N PHE B 378 9.92 -10.76 47.23
CA PHE B 378 9.25 -11.37 48.38
C PHE B 378 8.76 -10.33 49.36
N SER B 379 9.57 -9.31 49.65
CA SER B 379 9.22 -8.31 50.66
C SER B 379 8.11 -7.37 50.18
N ARG B 380 7.79 -7.37 48.89
CA ARG B 380 6.80 -6.45 48.35
C ARG B 380 5.36 -6.87 48.64
N TYR B 381 5.16 -8.06 49.21
CA TYR B 381 3.82 -8.62 49.38
C TYR B 381 3.28 -8.45 50.80
N GLY B 382 3.63 -7.35 51.46
CA GLY B 382 3.03 -6.99 52.71
C GLY B 382 3.43 -7.88 53.87
N PRO B 383 2.77 -7.70 55.02
CA PRO B 383 3.12 -8.49 56.21
C PRO B 383 2.46 -9.86 56.25
N ASP B 384 1.49 -10.15 55.39
CA ASP B 384 0.82 -11.44 55.42
C ASP B 384 1.56 -12.47 54.56
N PHE B 385 2.12 -12.05 53.42
CA PHE B 385 2.81 -12.93 52.49
C PHE B 385 1.92 -14.10 52.06
N GLU B 386 0.64 -13.81 51.86
CA GLU B 386 -0.34 -14.81 51.47
C GLU B 386 -0.88 -14.48 50.09
N LEU B 387 -1.25 -15.51 49.34
CA LEU B 387 -1.79 -15.29 48.00
C LEU B 387 -3.14 -14.61 48.04
N ASP B 388 -3.93 -14.84 49.08
CA ASP B 388 -5.17 -14.11 49.26
C ASP B 388 -4.88 -12.66 49.63
N ILE B 389 -5.68 -11.74 49.09
CA ILE B 389 -5.50 -10.33 49.39
C ILE B 389 -5.89 -10.06 50.85
N ASP B 390 -5.39 -8.95 51.38
CA ASP B 390 -5.64 -8.57 52.77
C ASP B 390 -6.90 -7.70 52.84
N TYR B 391 -8.02 -8.35 52.60
CA TYR B 391 -9.33 -7.70 52.68
C TYR B 391 -10.34 -8.69 53.26
N PHE B 392 -11.22 -8.17 54.11
CA PHE B 392 -12.25 -9.00 54.77
C PHE B 392 -13.63 -8.58 54.28
N PRO B 393 -14.24 -9.33 53.35
CA PRO B 393 -15.59 -9.04 52.86
C PRO B 393 -16.67 -9.41 53.87
N LEU B 401 -29.23 -3.89 47.05
CA LEU B 401 -28.87 -3.90 45.64
C LEU B 401 -30.12 -3.98 44.75
N ASP B 402 -30.14 -3.15 43.71
CA ASP B 402 -31.26 -3.11 42.78
C ASP B 402 -30.72 -2.78 41.39
N SER B 403 -31.65 -2.53 40.46
CA SER B 403 -31.35 -2.16 39.08
C SER B 403 -30.52 -3.20 38.35
N ILE B 404 -30.52 -4.44 38.83
CA ILE B 404 -29.82 -5.51 38.13
C ILE B 404 -30.74 -6.25 37.17
N GLN B 405 -31.97 -6.54 37.59
CA GLN B 405 -32.91 -7.22 36.72
C GLN B 405 -33.36 -6.33 35.57
N LYS B 406 -33.45 -5.02 35.81
CA LYS B 406 -33.79 -4.10 34.72
C LYS B 406 -32.68 -4.05 33.68
N HIS B 407 -31.41 -4.03 34.12
CA HIS B 407 -30.30 -4.13 33.19
C HIS B 407 -30.33 -5.45 32.44
N HIS B 408 -30.67 -6.53 33.15
CA HIS B 408 -30.76 -7.84 32.50
C HIS B 408 -31.83 -7.83 31.41
N ARG B 409 -33.00 -7.24 31.70
CA ARG B 409 -34.08 -7.18 30.73
C ARG B 409 -33.69 -6.32 29.53
N ARG B 410 -33.06 -5.18 29.78
CA ARG B 410 -32.63 -4.31 28.69
C ARG B 410 -31.61 -5.02 27.80
N ILE B 411 -30.65 -5.71 28.41
CA ILE B 411 -29.64 -6.43 27.62
C ILE B 411 -30.27 -7.59 26.88
N LEU B 412 -31.26 -8.26 27.48
CA LEU B 412 -31.94 -9.35 26.81
C LEU B 412 -32.69 -8.86 25.58
N GLU B 413 -33.40 -7.74 25.71
CA GLU B 413 -34.10 -7.21 24.55
C GLU B 413 -33.14 -6.66 23.50
N GLN B 414 -32.01 -6.09 23.93
CA GLN B 414 -31.00 -5.66 22.97
C GLN B 414 -30.42 -6.85 22.21
N LEU B 415 -30.14 -7.94 22.91
CA LEU B 415 -29.64 -9.15 22.27
C LEU B 415 -30.66 -9.74 21.32
N ARG B 416 -31.94 -9.71 21.71
CA ARG B 416 -33.00 -10.16 20.81
C ARG B 416 -33.05 -9.32 19.55
N ASN B 417 -32.92 -8.00 19.69
CA ASN B 417 -32.91 -7.12 18.54
C ASN B 417 -31.72 -7.41 17.63
N TYR B 418 -30.54 -7.62 18.23
CA TYR B 418 -29.36 -7.94 17.43
C TYR B 418 -29.51 -9.27 16.70
N ALA B 419 -30.06 -10.27 17.39
CA ALA B 419 -30.27 -11.58 16.76
C ALA B 419 -31.24 -11.50 15.60
N ASP B 420 -32.33 -10.75 15.78
CA ASP B 420 -33.24 -10.52 14.66
C ASP B 420 -32.58 -9.72 13.55
N LEU B 421 -31.66 -8.83 13.90
CA LEU B 421 -30.97 -8.02 12.90
C LEU B 421 -30.08 -8.88 12.01
N ASN B 422 -29.28 -9.75 12.61
CA ASN B 422 -28.34 -10.56 11.83
C ASN B 422 -28.87 -11.96 11.52
N LYS B 423 -30.10 -12.26 11.93
CA LYS B 423 -30.79 -13.52 11.58
C LYS B 423 -29.97 -14.73 12.02
N LEU B 424 -29.82 -14.84 13.34
CA LEU B 424 -29.14 -15.97 13.95
C LEU B 424 -30.14 -16.95 14.52
N ILE B 425 -29.74 -18.22 14.60
CA ILE B 425 -30.61 -19.31 15.05
C ILE B 425 -30.27 -19.63 16.51
N TYR B 426 -31.30 -19.71 17.33
CA TYR B 426 -31.18 -20.04 18.76
C TYR B 426 -32.58 -20.30 19.29
N ASP B 427 -32.67 -20.54 20.59
CA ASP B 427 -33.94 -20.71 21.27
C ASP B 427 -34.11 -19.61 22.31
N TYR B 428 -35.28 -18.97 22.31
CA TYR B 428 -35.58 -17.88 23.22
C TYR B 428 -36.14 -18.37 24.56
N ASP B 429 -35.86 -19.62 24.90
CA ASP B 429 -36.27 -20.20 26.18
C ASP B 429 -35.08 -20.45 27.10
N GLN B 430 -34.05 -21.14 26.61
CA GLN B 430 -32.86 -21.38 27.42
C GLN B 430 -32.15 -20.07 27.76
N VAL B 431 -32.13 -19.11 26.83
CA VAL B 431 -31.50 -17.83 27.09
C VAL B 431 -32.28 -17.05 28.14
N TYR B 432 -33.61 -17.01 28.01
CA TYR B 432 -34.43 -16.24 28.94
C TYR B 432 -34.36 -16.83 30.34
N GLN B 433 -34.38 -18.16 30.47
CA GLN B 433 -34.44 -18.79 31.78
C GLN B 433 -33.19 -18.54 32.61
N LEU B 434 -32.07 -18.18 31.98
CA LEU B 434 -30.90 -17.79 32.76
C LEU B 434 -31.17 -16.54 33.58
N TYR B 435 -31.87 -15.57 33.00
CA TYR B 435 -32.21 -14.34 33.69
C TYR B 435 -33.34 -14.58 34.69
N SER C 2 -49.26 -3.37 -13.52
CA SER C 2 -48.66 -4.15 -14.59
C SER C 2 -47.17 -3.83 -14.74
N VAL C 3 -46.34 -4.88 -14.72
CA VAL C 3 -44.90 -4.73 -14.82
C VAL C 3 -44.37 -5.77 -15.81
N GLY C 4 -43.29 -5.41 -16.50
CA GLY C 4 -42.67 -6.30 -17.47
C GLY C 4 -41.17 -6.24 -17.38
N ILE C 5 -40.52 -7.34 -17.78
CA ILE C 5 -39.07 -7.42 -17.88
C ILE C 5 -38.69 -8.10 -19.18
N VAL C 6 -37.43 -7.90 -19.58
CA VAL C 6 -36.91 -8.44 -20.83
C VAL C 6 -35.99 -9.61 -20.50
N TYR C 7 -36.35 -10.80 -20.96
CA TYR C 7 -35.47 -11.96 -20.86
C TYR C 7 -35.88 -12.97 -21.92
N GLY C 8 -34.88 -13.67 -22.46
CA GLY C 8 -35.11 -14.68 -23.46
C GLY C 8 -33.89 -15.56 -23.61
N ASP C 9 -34.08 -16.69 -24.30
CA ASP C 9 -32.98 -17.63 -24.50
C ASP C 9 -31.87 -17.01 -25.32
N GLN C 10 -32.21 -16.47 -26.49
CA GLN C 10 -31.22 -15.80 -27.32
C GLN C 10 -30.78 -14.48 -26.71
N TYR C 11 -31.70 -13.79 -26.01
CA TYR C 11 -31.34 -12.56 -25.30
C TYR C 11 -30.30 -12.86 -24.22
N ARG C 12 -30.50 -13.92 -23.44
CA ARG C 12 -29.53 -14.29 -22.43
C ARG C 12 -28.22 -14.73 -23.06
N GLN C 13 -28.28 -15.47 -24.16
CA GLN C 13 -27.07 -15.92 -24.84
C GLN C 13 -26.25 -14.72 -25.33
N LEU C 14 -26.91 -13.74 -25.95
CA LEU C 14 -26.19 -12.61 -26.52
C LEU C 14 -25.69 -11.66 -25.45
N CYS C 15 -26.52 -11.38 -24.43
CA CYS C 15 -26.12 -10.43 -23.40
C CYS C 15 -24.97 -10.95 -22.56
N CYS C 16 -24.79 -12.27 -22.50
CA CYS C 16 -23.71 -12.89 -21.74
C CYS C 16 -22.57 -13.33 -22.65
N SER C 17 -22.36 -12.61 -23.74
CA SER C 17 -21.27 -12.91 -24.68
C SER C 17 -20.12 -11.92 -24.61
N SER C 18 -20.25 -10.84 -23.85
CA SER C 18 -19.17 -9.86 -23.75
C SER C 18 -18.06 -10.41 -22.86
N PRO C 19 -16.80 -10.33 -23.28
CA PRO C 19 -15.71 -10.80 -22.43
C PRO C 19 -15.53 -10.00 -21.16
N LYS C 20 -15.98 -8.75 -21.12
CA LYS C 20 -15.85 -7.94 -19.92
C LYS C 20 -16.84 -8.39 -18.85
N PHE C 21 -18.14 -8.31 -19.15
CA PHE C 21 -19.16 -8.67 -18.19
C PHE C 21 -19.32 -10.18 -18.03
N GLY C 22 -18.80 -10.97 -18.97
CA GLY C 22 -18.93 -12.41 -18.88
C GLY C 22 -20.37 -12.88 -18.94
N ASP C 23 -20.87 -13.40 -17.83
CA ASP C 23 -22.26 -13.85 -17.71
C ASP C 23 -22.94 -13.13 -16.55
N ARG C 24 -22.71 -11.82 -16.46
CA ARG C 24 -23.32 -11.02 -15.41
C ARG C 24 -24.84 -11.01 -15.55
N TYR C 25 -25.34 -10.88 -16.78
CA TYR C 25 -26.78 -10.91 -17.01
C TYR C 25 -27.37 -12.26 -16.63
N ALA C 26 -26.63 -13.35 -16.84
CA ALA C 26 -27.11 -14.66 -16.43
C ALA C 26 -27.28 -14.73 -14.92
N LEU C 27 -26.29 -14.23 -14.17
CA LEU C 27 -26.40 -14.21 -12.71
C LEU C 27 -27.59 -13.36 -12.27
N VAL C 28 -27.76 -12.19 -12.89
CA VAL C 28 -28.87 -11.31 -12.54
C VAL C 28 -30.20 -12.02 -12.76
N MET C 29 -30.37 -12.61 -13.95
CA MET C 29 -31.64 -13.23 -14.30
C MET C 29 -31.94 -14.45 -13.45
N ASP C 30 -30.92 -15.27 -13.18
CA ASP C 30 -31.18 -16.46 -12.37
C ASP C 30 -31.37 -16.12 -10.90
N LEU C 31 -30.79 -15.03 -10.41
CA LEU C 31 -31.14 -14.57 -9.06
C LEU C 31 -32.55 -14.01 -9.02
N ILE C 32 -32.98 -13.35 -10.09
CA ILE C 32 -34.36 -12.89 -10.18
C ILE C 32 -35.32 -14.07 -10.13
N ASN C 33 -35.01 -15.12 -10.89
CA ASN C 33 -35.87 -16.30 -10.90
C ASN C 33 -35.78 -17.07 -9.58
N ALA C 34 -34.61 -17.05 -8.94
CA ALA C 34 -34.42 -17.84 -7.73
C ALA C 34 -35.29 -17.34 -6.58
N TYR C 35 -35.62 -16.05 -6.59
CA TYR C 35 -36.48 -15.48 -5.57
C TYR C 35 -37.96 -15.55 -5.93
N LYS C 36 -38.29 -16.25 -7.02
CA LYS C 36 -39.67 -16.47 -7.44
C LYS C 36 -40.37 -15.15 -7.76
N LEU C 37 -39.66 -14.28 -8.48
CA LEU C 37 -40.23 -13.03 -8.97
C LEU C 37 -40.81 -13.15 -10.37
N ILE C 38 -40.29 -14.06 -11.18
CA ILE C 38 -40.66 -14.21 -12.59
C ILE C 38 -42.18 -14.33 -12.77
N PRO C 39 -42.89 -15.15 -12.00
CA PRO C 39 -44.35 -15.20 -12.16
C PRO C 39 -45.04 -13.89 -11.85
N GLU C 40 -44.41 -13.00 -11.07
CA GLU C 40 -45.02 -11.70 -10.79
C GLU C 40 -44.90 -10.76 -11.98
N LEU C 41 -43.82 -10.87 -12.74
CA LEU C 41 -43.56 -9.97 -13.86
C LEU C 41 -44.04 -10.57 -15.17
N SER C 42 -44.50 -9.71 -16.07
CA SER C 42 -44.78 -10.11 -17.44
C SER C 42 -43.50 -10.10 -18.26
N ARG C 43 -43.49 -10.88 -19.32
CA ARG C 43 -42.34 -10.96 -20.21
C ARG C 43 -42.57 -10.11 -21.45
N VAL C 44 -41.50 -9.44 -21.91
CA VAL C 44 -41.51 -8.75 -23.19
C VAL C 44 -40.36 -9.29 -24.04
N PRO C 45 -40.62 -9.80 -25.24
CA PRO C 45 -39.56 -10.35 -26.08
C PRO C 45 -38.78 -9.26 -26.78
N PRO C 46 -37.50 -9.48 -27.05
CA PRO C 46 -36.71 -8.47 -27.78
C PRO C 46 -37.32 -8.18 -29.14
N LEU C 47 -37.30 -6.92 -29.52
CA LEU C 47 -37.96 -6.49 -30.75
C LEU C 47 -37.09 -6.84 -31.96
N GLN C 48 -37.62 -7.66 -32.86
CA GLN C 48 -36.93 -8.05 -34.07
CA GLN C 48 -36.93 -8.04 -34.07
C GLN C 48 -37.32 -7.12 -35.22
N TRP C 49 -36.77 -7.39 -36.40
CA TRP C 49 -36.96 -6.52 -37.54
C TRP C 49 -37.28 -7.35 -38.78
N ASP C 50 -38.23 -6.87 -39.58
CA ASP C 50 -38.68 -7.63 -40.74
C ASP C 50 -37.58 -7.81 -41.77
N SER C 51 -36.70 -6.82 -41.91
CA SER C 51 -35.64 -6.88 -42.90
C SER C 51 -34.42 -6.18 -42.32
N PRO C 52 -33.22 -6.48 -42.84
CA PRO C 52 -32.03 -5.75 -42.38
C PRO C 52 -32.12 -4.24 -42.61
N SER C 53 -32.89 -3.81 -43.61
CA SER C 53 -33.09 -2.38 -43.82
C SER C 53 -33.85 -1.76 -42.65
N ARG C 54 -34.84 -2.47 -42.11
CA ARG C 54 -35.61 -1.93 -40.98
C ARG C 54 -34.72 -1.76 -39.75
N MET C 55 -33.92 -2.77 -39.42
CA MET C 55 -33.00 -2.63 -38.29
C MET C 55 -31.94 -1.58 -38.56
N TYR C 56 -31.52 -1.44 -39.82
CA TYR C 56 -30.54 -0.41 -40.17
C TYR C 56 -31.10 0.98 -39.93
N GLU C 57 -32.33 1.22 -40.37
CA GLU C 57 -32.93 2.54 -40.17
C GLU C 57 -33.25 2.79 -38.70
N ALA C 58 -33.61 1.74 -37.96
CA ALA C 58 -33.87 1.90 -36.54
C ALA C 58 -32.58 2.23 -35.78
N VAL C 59 -31.48 1.56 -36.11
CA VAL C 59 -30.21 1.84 -35.45
C VAL C 59 -29.69 3.21 -35.87
N THR C 60 -29.79 3.54 -37.15
CA THR C 60 -29.32 4.83 -37.65
C THR C 60 -30.25 5.97 -37.29
N ALA C 61 -31.28 5.73 -36.48
CA ALA C 61 -32.10 6.83 -35.99
C ALA C 61 -31.27 7.79 -35.15
N PHE C 62 -30.26 7.27 -34.44
CA PHE C 62 -29.30 8.08 -33.71
C PHE C 62 -27.90 7.95 -34.29
N HIS C 63 -27.44 6.72 -34.54
CA HIS C 63 -26.10 6.50 -35.03
C HIS C 63 -26.00 6.83 -36.52
N SER C 64 -24.77 6.92 -37.01
CA SER C 64 -24.53 7.13 -38.43
C SER C 64 -24.38 5.79 -39.13
N THR C 65 -24.67 5.79 -40.43
CA THR C 65 -24.57 4.56 -41.23
C THR C 65 -23.14 4.03 -41.27
N GLU C 66 -22.15 4.93 -41.34
CA GLU C 66 -20.76 4.51 -41.36
C GLU C 66 -20.38 3.78 -40.09
N TYR C 67 -20.85 4.26 -38.93
CA TYR C 67 -20.55 3.61 -37.66
C TYR C 67 -21.14 2.20 -37.61
N VAL C 68 -22.37 2.03 -38.09
CA VAL C 68 -23.01 0.72 -38.09
C VAL C 68 -22.26 -0.24 -39.02
N ASP C 69 -21.90 0.24 -40.22
CA ASP C 69 -21.15 -0.60 -41.13
C ASP C 69 -19.79 -0.96 -40.56
N ALA C 70 -19.14 -0.03 -39.84
CA ALA C 70 -17.87 -0.32 -39.21
C ALA C 70 -18.01 -1.38 -38.14
N LEU C 71 -19.07 -1.31 -37.33
CA LEU C 71 -19.29 -2.34 -36.32
C LEU C 71 -19.57 -3.70 -36.94
N LYS C 72 -20.33 -3.73 -38.04
CA LYS C 72 -20.56 -4.99 -38.75
C LYS C 72 -19.26 -5.54 -39.30
N LYS C 73 -18.41 -4.67 -39.85
CA LYS C 73 -17.10 -5.11 -40.33
C LYS C 73 -16.25 -5.64 -39.18
N LEU C 74 -16.37 -5.03 -37.99
CA LEU C 74 -15.65 -5.54 -36.83
C LEU C 74 -16.10 -6.95 -36.48
N GLN C 75 -17.41 -7.18 -36.48
CA GLN C 75 -17.92 -8.53 -36.21
C GLN C 75 -17.42 -9.51 -37.26
N MET C 76 -17.45 -9.11 -38.53
CA MET C 76 -17.00 -10.01 -39.60
C MET C 76 -15.52 -10.33 -39.46
N LEU C 77 -14.72 -9.33 -39.10
CA LEU C 77 -13.28 -9.53 -39.03
C LEU C 77 -12.90 -10.39 -37.83
N HIS C 78 -13.62 -10.23 -36.71
CA HIS C 78 -13.26 -10.96 -35.50
C HIS C 78 -13.80 -12.38 -35.47
N CYS C 79 -14.58 -12.79 -36.47
CA CYS C 79 -15.11 -14.15 -36.53
C CYS C 79 -14.23 -15.09 -37.34
N GLU C 80 -12.93 -14.84 -37.40
CA GLU C 80 -11.96 -15.69 -38.08
C GLU C 80 -10.57 -15.23 -37.67
N GLU C 81 -9.56 -16.01 -38.08
CA GLU C 81 -8.17 -15.64 -37.84
C GLU C 81 -7.91 -14.28 -38.48
N LYS C 82 -7.55 -13.29 -37.64
CA LYS C 82 -7.60 -11.89 -38.08
C LYS C 82 -6.37 -11.48 -38.89
N GLU C 83 -5.20 -11.49 -38.25
CA GLU C 83 -4.01 -10.86 -38.83
C GLU C 83 -4.37 -9.44 -39.25
N LEU C 84 -4.63 -8.58 -38.26
CA LEU C 84 -5.19 -7.26 -38.52
C LEU C 84 -4.34 -6.47 -39.51
N THR C 85 -5.02 -5.85 -40.48
CA THR C 85 -4.35 -5.02 -41.47
C THR C 85 -4.24 -3.58 -40.96
N ALA C 86 -3.36 -2.82 -41.60
CA ALA C 86 -3.21 -1.40 -41.25
C ALA C 86 -4.49 -0.63 -41.53
N ASP C 87 -5.11 -0.88 -42.70
CA ASP C 87 -6.33 -0.16 -43.05
C ASP C 87 -7.48 -0.52 -42.12
N ASP C 88 -7.61 -1.81 -41.79
CA ASP C 88 -8.67 -2.24 -40.88
C ASP C 88 -8.49 -1.64 -39.50
N GLU C 89 -7.26 -1.64 -38.99
CA GLU C 89 -6.99 -1.03 -37.70
C GLU C 89 -7.28 0.46 -37.72
N LEU C 90 -6.90 1.13 -38.82
CA LEU C 90 -7.16 2.57 -38.94
C LEU C 90 -8.66 2.85 -38.93
N LEU C 91 -9.42 2.07 -39.70
CA LEU C 91 -10.87 2.24 -39.72
C LEU C 91 -11.48 1.98 -38.35
N MET C 92 -10.96 0.98 -37.62
CA MET C 92 -11.53 0.65 -36.33
C MET C 92 -11.24 1.73 -35.31
N ASP C 93 -10.02 2.29 -35.34
CA ASP C 93 -9.65 3.32 -34.38
C ASP C 93 -10.29 4.66 -34.71
N SER C 94 -10.65 4.88 -35.98
CA SER C 94 -11.36 6.11 -36.34
C SER C 94 -12.69 6.22 -35.60
N PHE C 95 -13.35 5.09 -35.34
CA PHE C 95 -14.60 5.06 -34.60
C PHE C 95 -14.42 4.66 -33.15
N SER C 96 -13.18 4.66 -32.66
CA SER C 96 -12.86 4.26 -31.28
C SER C 96 -13.34 2.84 -31.00
N LEU C 97 -13.19 1.95 -31.96
CA LEU C 97 -13.56 0.55 -31.80
C LEU C 97 -12.35 -0.30 -31.43
N ASN C 98 -11.77 0.01 -30.27
CA ASN C 98 -10.58 -0.65 -29.75
C ASN C 98 -10.43 -0.27 -28.28
N TYR C 99 -9.25 -0.56 -27.72
CA TYR C 99 -8.92 -0.37 -26.30
C TYR C 99 -10.04 -0.77 -25.36
N ASP C 100 -10.60 0.20 -24.63
CA ASP C 100 -11.67 -0.09 -23.68
C ASP C 100 -12.98 -0.48 -24.35
N CYS C 101 -13.02 -0.48 -25.70
CA CYS C 101 -14.13 -1.04 -26.47
C CYS C 101 -13.55 -2.01 -27.48
N PRO C 102 -13.01 -3.14 -27.01
CA PRO C 102 -12.30 -4.05 -27.92
C PRO C 102 -13.26 -4.87 -28.77
N GLY C 103 -12.70 -5.45 -29.82
CA GLY C 103 -13.46 -6.31 -30.70
C GLY C 103 -13.48 -7.75 -30.21
N PHE C 104 -14.67 -8.35 -30.23
CA PHE C 104 -14.87 -9.76 -29.96
C PHE C 104 -15.92 -10.26 -30.94
N PRO C 105 -15.96 -11.57 -31.22
CA PRO C 105 -16.80 -12.09 -32.30
C PRO C 105 -18.28 -11.73 -32.21
N SER C 106 -18.73 -11.18 -31.09
CA SER C 106 -20.14 -10.88 -30.89
C SER C 106 -20.32 -9.48 -30.30
N VAL C 107 -19.63 -8.49 -30.86
CA VAL C 107 -19.84 -7.10 -30.46
C VAL C 107 -21.18 -6.59 -30.99
N PHE C 108 -21.36 -6.70 -32.30
CA PHE C 108 -22.54 -6.13 -32.95
C PHE C 108 -23.81 -6.80 -32.46
N ASP C 109 -23.79 -8.13 -32.32
CA ASP C 109 -24.99 -8.83 -31.89
C ASP C 109 -25.35 -8.48 -30.46
N TYR C 110 -24.36 -8.33 -29.58
CA TYR C 110 -24.61 -7.95 -28.19
C TYR C 110 -25.19 -6.55 -28.09
N SER C 111 -24.54 -5.59 -28.77
CA SER C 111 -25.03 -4.21 -28.75
C SER C 111 -26.41 -4.12 -29.38
N LEU C 112 -26.66 -4.92 -30.42
CA LEU C 112 -27.97 -4.98 -31.06
C LEU C 112 -29.02 -5.53 -30.10
N ALA C 113 -28.69 -6.60 -29.38
CA ALA C 113 -29.63 -7.22 -28.46
C ALA C 113 -30.04 -6.27 -27.36
N ALA C 114 -29.07 -5.49 -26.86
CA ALA C 114 -29.42 -4.46 -25.88
C ALA C 114 -30.47 -3.50 -26.45
N VAL C 115 -30.27 -3.06 -27.68
CA VAL C 115 -31.23 -2.15 -28.33
C VAL C 115 -32.57 -2.84 -28.53
N GLN C 116 -32.56 -4.12 -28.90
CA GLN C 116 -33.80 -4.87 -29.06
C GLN C 116 -34.60 -4.86 -27.77
N GLY C 117 -33.93 -5.17 -26.65
CA GLY C 117 -34.61 -5.16 -25.38
C GLY C 117 -35.15 -3.79 -24.99
N SER C 118 -34.33 -2.75 -25.18
CA SER C 118 -34.77 -1.41 -24.82
C SER C 118 -35.94 -0.94 -25.67
N LEU C 119 -35.91 -1.23 -26.98
CA LEU C 119 -37.00 -0.83 -27.86
C LEU C 119 -38.26 -1.64 -27.59
N ALA C 120 -38.12 -2.92 -27.25
CA ALA C 120 -39.29 -3.70 -26.85
C ALA C 120 -39.93 -3.14 -25.60
N ALA C 121 -39.11 -2.77 -24.61
CA ALA C 121 -39.65 -2.14 -23.40
C ALA C 121 -40.33 -0.82 -23.73
N ALA C 122 -39.73 -0.02 -24.60
CA ALA C 122 -40.32 1.24 -25.01
C ALA C 122 -41.68 1.03 -25.66
N SER C 123 -41.75 0.08 -26.59
CA SER C 123 -43.01 -0.21 -27.27
C SER C 123 -44.06 -0.72 -26.29
N ALA C 124 -43.65 -1.54 -25.33
CA ALA C 124 -44.56 -2.01 -24.29
C ALA C 124 -45.13 -0.84 -23.49
N LEU C 125 -44.27 0.13 -23.16
CA LEU C 125 -44.76 1.31 -22.45
C LEU C 125 -45.72 2.13 -23.30
N ILE C 126 -45.44 2.25 -24.61
CA ILE C 126 -46.28 3.07 -25.48
C ILE C 126 -47.67 2.49 -25.61
N CYS C 127 -47.77 1.17 -25.77
CA CYS C 127 -49.05 0.51 -25.98
C CYS C 127 -49.83 0.29 -24.69
N ARG C 128 -49.35 0.84 -23.57
CA ARG C 128 -50.03 0.75 -22.28
C ARG C 128 -50.16 -0.69 -21.79
N HIS C 129 -49.25 -1.57 -22.22
CA HIS C 129 -49.28 -2.95 -21.78
C HIS C 129 -48.82 -3.06 -20.33
N CYS C 130 -47.61 -2.58 -20.04
CA CYS C 130 -47.04 -2.60 -18.71
C CYS C 130 -46.86 -1.17 -18.22
N GLU C 131 -47.26 -0.93 -16.97
CA GLU C 131 -47.03 0.38 -16.37
C GLU C 131 -45.53 0.66 -16.22
N VAL C 132 -44.77 -0.35 -15.83
CA VAL C 132 -43.33 -0.24 -15.64
C VAL C 132 -42.66 -1.44 -16.31
N VAL C 133 -41.61 -1.18 -17.09
CA VAL C 133 -40.85 -2.23 -17.75
C VAL C 133 -39.39 -2.12 -17.34
N ILE C 134 -38.75 -3.27 -17.15
CA ILE C 134 -37.38 -3.36 -16.68
C ILE C 134 -36.55 -4.11 -17.72
N ASN C 135 -35.25 -3.82 -17.75
CA ASN C 135 -34.33 -4.50 -18.65
C ASN C 135 -32.93 -4.39 -18.06
N TRP C 136 -32.37 -5.50 -17.61
CA TRP C 136 -31.03 -5.53 -17.05
C TRP C 136 -29.95 -5.83 -18.08
N GLY C 137 -30.33 -6.09 -19.34
CA GLY C 137 -29.34 -6.37 -20.36
C GLY C 137 -28.83 -5.14 -21.09
N GLY C 138 -29.56 -4.04 -21.01
CA GLY C 138 -29.20 -2.82 -21.69
C GLY C 138 -28.88 -1.68 -20.74
N GLY C 139 -28.98 -0.46 -21.26
CA GLY C 139 -28.70 0.72 -20.47
C GLY C 139 -27.29 1.23 -20.67
N TRP C 140 -26.78 1.16 -21.89
CA TRP C 140 -25.42 1.58 -22.23
C TRP C 140 -25.48 3.02 -22.72
N HIS C 141 -24.97 3.94 -21.91
CA HIS C 141 -25.20 5.37 -22.10
C HIS C 141 -23.96 6.13 -22.56
N HIS C 142 -22.81 5.49 -22.69
CA HIS C 142 -21.62 6.18 -23.16
C HIS C 142 -21.48 6.19 -24.68
N ALA C 143 -22.33 5.45 -25.39
CA ALA C 143 -22.20 5.36 -26.84
C ALA C 143 -22.59 6.66 -27.51
N LYS C 144 -21.80 7.07 -28.51
CA LYS C 144 -22.03 8.29 -29.25
C LYS C 144 -22.68 7.96 -30.60
N ARG C 145 -22.87 9.00 -31.41
CA ARG C 145 -23.42 8.81 -32.74
C ARG C 145 -22.47 8.02 -33.62
N SER C 146 -21.20 8.42 -33.66
CA SER C 146 -20.19 7.79 -34.49
C SER C 146 -18.94 7.50 -33.66
N GLU C 147 -19.14 7.00 -32.44
CA GLU C 147 -18.03 6.70 -31.56
C GLU C 147 -18.48 5.70 -30.51
N ALA C 148 -17.54 4.88 -30.06
CA ALA C 148 -17.76 3.94 -28.97
C ALA C 148 -16.91 4.34 -27.77
N SER C 149 -17.52 4.32 -26.59
CA SER C 149 -16.83 4.70 -25.36
C SER C 149 -17.37 3.88 -24.20
N GLY C 150 -16.48 3.53 -23.28
CA GLY C 150 -16.86 2.85 -22.06
C GLY C 150 -17.60 1.55 -22.28
N PHE C 151 -17.12 0.74 -23.23
CA PHE C 151 -17.74 -0.53 -23.60
C PHE C 151 -19.18 -0.37 -24.06
N CYS C 152 -19.57 0.85 -24.42
CA CYS C 152 -20.92 1.14 -24.91
C CYS C 152 -20.80 1.41 -26.41
N TYR C 153 -21.24 0.43 -27.21
CA TYR C 153 -21.15 0.54 -28.66
C TYR C 153 -22.40 1.18 -29.26
N LEU C 154 -23.57 0.67 -28.89
CA LEU C 154 -24.84 1.23 -29.31
C LEU C 154 -25.58 1.79 -28.10
N ASN C 155 -26.05 3.02 -28.22
CA ASN C 155 -26.82 3.66 -27.15
C ASN C 155 -28.28 3.25 -27.28
N ASP C 156 -28.70 2.29 -26.46
CA ASP C 156 -30.09 1.84 -26.49
C ASP C 156 -31.02 2.83 -25.81
N ILE C 157 -30.52 3.57 -24.82
CA ILE C 157 -31.36 4.51 -24.08
C ILE C 157 -31.88 5.60 -25.00
N VAL C 158 -31.02 6.15 -25.85
CA VAL C 158 -31.43 7.24 -26.74
C VAL C 158 -32.42 6.72 -27.77
N LEU C 159 -32.22 5.49 -28.26
CA LEU C 159 -33.16 4.93 -29.22
C LEU C 159 -34.53 4.72 -28.57
N ALA C 160 -34.55 4.22 -27.32
CA ALA C 160 -35.82 4.07 -26.62
C ALA C 160 -36.50 5.41 -26.39
N ILE C 161 -35.72 6.43 -26.00
CA ILE C 161 -36.30 7.75 -25.75
C ILE C 161 -36.84 8.34 -27.05
N HIS C 162 -36.13 8.14 -28.15
CA HIS C 162 -36.60 8.62 -29.45
C HIS C 162 -37.88 7.91 -29.85
N ARG C 163 -37.97 6.60 -29.56
CA ARG C 163 -39.21 5.88 -29.84
C ARG C 163 -40.36 6.43 -29.00
N LEU C 164 -40.09 6.79 -27.74
CA LEU C 164 -41.13 7.38 -26.90
C LEU C 164 -41.57 8.73 -27.45
N VAL C 165 -40.62 9.60 -27.78
CA VAL C 165 -40.95 10.97 -28.22
C VAL C 165 -41.65 10.94 -29.57
N SER C 166 -41.26 10.00 -30.45
CA SER C 166 -41.83 9.94 -31.78
C SER C 166 -43.34 9.71 -31.73
N SER C 167 -43.80 8.97 -30.72
CA SER C 167 -45.23 8.69 -30.59
C SER C 167 -45.98 9.90 -30.04
N ARG C 176 -50.18 9.76 -25.40
CA ARG C 176 -49.32 10.52 -26.29
C ARG C 176 -48.94 11.86 -25.69
N GLN C 177 -48.46 12.78 -26.53
CA GLN C 177 -47.92 14.07 -26.07
C GLN C 177 -46.77 13.84 -25.08
N THR C 178 -45.72 13.21 -25.59
CA THR C 178 -44.67 12.63 -24.76
C THR C 178 -43.61 13.67 -24.43
N ARG C 179 -43.31 13.82 -23.13
CA ARG C 179 -42.15 14.55 -22.65
C ARG C 179 -41.38 13.62 -21.72
N VAL C 180 -40.15 13.28 -22.10
CA VAL C 180 -39.38 12.25 -21.42
C VAL C 180 -38.42 12.89 -20.42
N LEU C 181 -38.40 12.36 -19.21
CA LEU C 181 -37.44 12.73 -18.17
C LEU C 181 -36.49 11.55 -17.98
N TYR C 182 -35.23 11.76 -18.36
CA TYR C 182 -34.20 10.74 -18.20
C TYR C 182 -33.41 11.04 -16.92
N VAL C 183 -33.21 10.02 -16.10
CA VAL C 183 -32.41 10.13 -14.89
C VAL C 183 -31.33 9.06 -14.95
N ASP C 184 -30.08 9.46 -14.67
CA ASP C 184 -28.93 8.58 -14.75
C ASP C 184 -28.30 8.47 -13.37
N LEU C 185 -28.26 7.25 -12.84
CA LEU C 185 -27.75 6.97 -11.50
C LEU C 185 -26.39 6.27 -11.53
N ASP C 186 -25.86 5.98 -12.71
CA ASP C 186 -24.57 5.30 -12.82
C ASP C 186 -23.46 6.18 -12.26
N LEU C 187 -22.36 5.54 -11.87
CA LEU C 187 -21.22 6.29 -11.33
C LEU C 187 -20.65 7.25 -12.37
N HIS C 188 -20.56 6.81 -13.62
CA HIS C 188 -20.02 7.64 -14.68
C HIS C 188 -21.11 8.47 -15.33
N HIS C 189 -20.69 9.58 -15.94
CA HIS C 189 -21.64 10.53 -16.52
C HIS C 189 -22.21 10.01 -17.83
N GLY C 190 -23.52 10.14 -18.01
CA GLY C 190 -24.18 9.74 -19.23
C GLY C 190 -23.98 10.75 -20.33
N ASP C 191 -22.75 10.84 -20.86
CA ASP C 191 -22.43 11.87 -21.83
C ASP C 191 -23.10 11.62 -23.17
N GLY C 192 -23.23 10.36 -23.56
CA GLY C 192 -23.82 10.05 -24.86
C GLY C 192 -25.27 10.50 -24.96
N VAL C 193 -26.07 10.18 -23.94
CA VAL C 193 -27.48 10.55 -23.96
C VAL C 193 -27.64 12.07 -23.90
N GLU C 194 -26.85 12.74 -23.06
CA GLU C 194 -26.94 14.19 -22.95
C GLU C 194 -26.55 14.87 -24.25
N GLU C 195 -25.48 14.38 -24.88
CA GLU C 195 -25.06 14.93 -26.18
C GLU C 195 -26.11 14.69 -27.24
N ALA C 196 -26.78 13.53 -27.19
CA ALA C 196 -27.80 13.21 -28.17
C ALA C 196 -28.96 14.20 -28.13
N PHE C 197 -29.40 14.55 -26.92
CA PHE C 197 -30.49 15.51 -26.73
C PHE C 197 -29.99 16.84 -26.20
N TRP C 198 -28.81 17.26 -26.65
CA TRP C 198 -28.23 18.52 -26.20
C TRP C 198 -29.10 19.70 -26.58
N TYR C 199 -29.61 19.69 -27.81
CA TYR C 199 -30.46 20.78 -28.30
C TYR C 199 -31.95 20.52 -28.08
N SER C 200 -32.32 19.32 -27.66
CA SER C 200 -33.73 18.95 -27.52
C SER C 200 -34.20 19.21 -26.09
N PRO C 201 -35.20 20.08 -25.88
CA PRO C 201 -35.73 20.26 -24.52
C PRO C 201 -36.89 19.33 -24.17
N ARG C 202 -37.46 18.65 -25.15
CA ARG C 202 -38.55 17.71 -24.86
C ARG C 202 -38.05 16.51 -24.08
N VAL C 203 -36.74 16.28 -24.09
CA VAL C 203 -36.10 15.24 -23.28
C VAL C 203 -35.21 15.96 -22.27
N VAL C 204 -35.54 15.84 -21.00
CA VAL C 204 -34.78 16.49 -19.94
C VAL C 204 -33.90 15.44 -19.26
N THR C 205 -32.58 15.62 -19.34
CA THR C 205 -31.61 14.64 -18.89
C THR C 205 -30.94 15.13 -17.61
N PHE C 206 -31.17 14.42 -16.51
CA PHE C 206 -30.45 14.64 -15.26
C PHE C 206 -29.56 13.44 -14.97
N SER C 207 -28.31 13.72 -14.58
CA SER C 207 -27.35 12.67 -14.33
C SER C 207 -26.59 13.00 -13.04
N VAL C 208 -26.49 12.03 -12.14
CA VAL C 208 -25.70 12.17 -10.92
C VAL C 208 -24.48 11.26 -11.04
N HIS C 209 -23.30 11.81 -10.79
CA HIS C 209 -22.07 11.10 -11.09
C HIS C 209 -20.95 11.59 -10.20
N HIS C 210 -19.82 10.90 -10.26
CA HIS C 210 -18.58 11.34 -9.63
C HIS C 210 -17.77 12.15 -10.63
N ALA C 211 -16.95 13.07 -10.12
CA ALA C 211 -16.11 13.91 -10.96
C ALA C 211 -14.80 14.17 -10.24
N SER C 212 -13.74 13.49 -10.69
CA SER C 212 -12.38 13.77 -10.29
C SER C 212 -11.56 14.12 -11.52
N PRO C 213 -10.42 14.83 -11.36
CA PRO C 213 -9.70 15.33 -12.54
C PRO C 213 -9.42 14.28 -13.61
N GLY C 214 -9.08 13.06 -13.20
CA GLY C 214 -8.82 11.99 -14.13
C GLY C 214 -9.94 10.98 -14.32
N PHE C 215 -11.08 11.17 -13.65
CA PHE C 215 -12.15 10.18 -13.71
C PHE C 215 -12.84 10.22 -15.06
N PHE C 216 -13.09 9.03 -15.61
CA PHE C 216 -13.82 8.92 -16.87
C PHE C 216 -15.28 9.32 -16.65
N PRO C 217 -15.88 10.06 -17.60
CA PRO C 217 -15.24 10.62 -18.79
C PRO C 217 -14.74 12.04 -18.57
N GLY C 218 -14.77 12.50 -17.32
CA GLY C 218 -14.39 13.87 -17.02
C GLY C 218 -15.33 14.90 -17.59
N THR C 219 -16.62 14.62 -17.62
CA THR C 219 -17.62 15.54 -18.15
C THR C 219 -18.80 15.60 -17.17
N GLY C 220 -19.77 16.45 -17.51
CA GLY C 220 -20.86 16.71 -16.59
C GLY C 220 -20.43 17.47 -15.35
N THR C 221 -19.55 18.44 -15.50
CA THR C 221 -18.97 19.17 -14.38
C THR C 221 -18.64 20.59 -14.80
N TRP C 222 -17.76 21.25 -14.04
CA TRP C 222 -17.41 22.64 -14.31
C TRP C 222 -16.82 22.78 -15.71
N ASN C 223 -17.12 23.91 -16.35
CA ASN C 223 -16.60 24.20 -17.69
C ASN C 223 -15.24 24.87 -17.56
N MET C 224 -14.20 24.20 -18.05
CA MET C 224 -12.84 24.75 -17.98
C MET C 224 -12.50 25.41 -19.29
N VAL C 225 -12.49 26.75 -19.29
CA VAL C 225 -12.20 27.55 -20.47
C VAL C 225 -11.15 28.60 -20.10
N ASP C 226 -10.55 29.18 -21.14
CA ASP C 226 -9.47 30.16 -20.96
C ASP C 226 -10.07 31.51 -20.62
N ASN C 227 -10.21 31.78 -19.33
CA ASN C 227 -10.69 33.08 -18.84
C ASN C 227 -10.41 33.17 -17.35
N ASP C 228 -10.45 34.40 -16.85
CA ASP C 228 -10.33 34.64 -15.41
C ASP C 228 -11.67 34.55 -14.70
N LYS C 229 -12.77 34.62 -15.45
CA LYS C 229 -14.10 34.48 -14.86
C LYS C 229 -14.31 33.05 -14.35
N LEU C 230 -15.14 32.94 -13.32
CA LEU C 230 -15.32 31.65 -12.67
C LEU C 230 -16.00 30.66 -13.61
N PRO C 231 -15.65 29.37 -13.53
CA PRO C 231 -16.27 28.37 -14.41
C PRO C 231 -17.76 28.25 -14.18
N ILE C 232 -18.48 27.93 -15.25
CA ILE C 232 -19.94 27.80 -15.23
C ILE C 232 -20.32 26.40 -15.69
N PHE C 233 -21.62 26.14 -15.78
CA PHE C 233 -22.14 24.87 -16.26
C PHE C 233 -22.88 25.07 -17.58
N LEU C 234 -22.57 24.24 -18.57
CA LEU C 234 -23.22 24.29 -19.87
C LEU C 234 -24.31 23.23 -19.92
N ASN C 235 -25.55 23.65 -20.22
CA ASN C 235 -26.72 22.81 -20.09
C ASN C 235 -27.60 22.90 -21.33
N GLY C 236 -27.00 22.78 -22.51
CA GLY C 236 -27.73 22.74 -23.76
C GLY C 236 -27.49 23.98 -24.60
N ALA C 237 -27.98 23.91 -25.83
CA ALA C 237 -27.87 25.00 -26.79
C ALA C 237 -29.18 25.10 -27.57
N GLY C 238 -29.66 26.31 -27.76
CA GLY C 238 -30.91 26.54 -28.48
C GLY C 238 -32.11 26.42 -27.55
N ARG C 239 -33.16 25.74 -28.02
CA ARG C 239 -34.34 25.53 -27.18
C ARG C 239 -34.06 24.56 -26.05
N GLY C 240 -33.02 23.73 -26.18
CA GLY C 240 -32.62 22.80 -25.14
C GLY C 240 -31.73 23.38 -24.08
N ARG C 241 -31.60 24.70 -24.01
CA ARG C 241 -30.80 25.32 -22.96
C ARG C 241 -31.47 25.14 -21.60
N PHE C 242 -30.63 25.04 -20.57
CA PHE C 242 -31.07 24.82 -19.18
C PHE C 242 -31.78 23.49 -19.01
N SER C 243 -31.57 22.53 -19.93
CA SER C 243 -32.26 21.25 -19.89
C SER C 243 -31.37 20.09 -19.44
N ALA C 244 -30.05 20.27 -19.43
CA ALA C 244 -29.13 19.22 -19.02
C ALA C 244 -28.69 19.49 -17.58
N PHE C 245 -29.07 18.61 -16.67
CA PHE C 245 -28.76 18.76 -15.25
C PHE C 245 -27.71 17.72 -14.86
N ASN C 246 -26.66 18.17 -14.18
CA ASN C 246 -25.57 17.29 -13.79
C ASN C 246 -25.21 17.54 -12.33
N LEU C 247 -25.03 16.47 -11.58
CA LEU C 247 -24.69 16.53 -10.16
C LEU C 247 -23.37 15.79 -9.94
N PRO C 248 -22.24 16.49 -9.96
CA PRO C 248 -20.96 15.85 -9.66
C PRO C 248 -20.71 15.81 -8.16
N LEU C 249 -20.21 14.68 -7.68
CA LEU C 249 -20.03 14.44 -6.26
C LEU C 249 -18.63 13.91 -5.97
N GLU C 250 -18.16 14.19 -4.77
CA GLU C 250 -16.89 13.66 -4.30
C GLU C 250 -17.03 12.19 -3.95
N GLU C 251 -15.91 11.48 -3.98
CA GLU C 251 -15.90 10.07 -3.64
C GLU C 251 -16.14 9.87 -2.14
N GLY C 252 -16.70 8.73 -1.79
CA GLY C 252 -16.96 8.38 -0.41
C GLY C 252 -18.31 8.81 0.13
N ILE C 253 -19.20 9.34 -0.72
CA ILE C 253 -20.52 9.74 -0.25
C ILE C 253 -21.33 8.51 0.14
N ASN C 254 -22.25 8.70 1.08
CA ASN C 254 -23.03 7.60 1.64
C ASN C 254 -24.45 7.60 1.09
N ASP C 255 -25.24 6.62 1.54
CA ASP C 255 -26.61 6.48 1.07
C ASP C 255 -27.46 7.68 1.48
N LEU C 256 -27.30 8.14 2.72
CA LEU C 256 -28.14 9.24 3.21
C LEU C 256 -27.83 10.53 2.48
N ASP C 257 -26.54 10.87 2.34
CA ASP C 257 -26.15 12.10 1.67
C ASP C 257 -26.55 12.08 0.20
N TRP C 258 -26.31 10.94 -0.47
CA TRP C 258 -26.71 10.80 -1.87
C TRP C 258 -28.23 10.92 -2.02
N SER C 259 -28.97 10.31 -1.10
CA SER C 259 -30.43 10.38 -1.16
C SER C 259 -30.92 11.82 -1.00
N ASN C 260 -30.34 12.55 -0.04
CA ASN C 260 -30.74 13.93 0.17
C ASN C 260 -30.31 14.82 -0.98
N ALA C 261 -29.24 14.45 -1.69
CA ALA C 261 -28.82 15.20 -2.86
C ALA C 261 -29.73 14.93 -4.05
N ILE C 262 -30.27 13.73 -4.17
CA ILE C 262 -31.04 13.32 -5.35
C ILE C 262 -32.52 13.67 -5.22
N GLY C 263 -33.13 13.31 -4.08
CA GLY C 263 -34.56 13.42 -3.89
C GLY C 263 -35.24 14.69 -4.36
N PRO C 264 -34.85 15.85 -3.80
CA PRO C 264 -35.55 17.09 -4.16
C PRO C 264 -35.43 17.45 -5.63
N ILE C 265 -34.30 17.15 -6.26
CA ILE C 265 -34.14 17.44 -7.68
C ILE C 265 -35.13 16.62 -8.51
N LEU C 266 -35.21 15.31 -8.24
CA LEU C 266 -36.13 14.46 -8.97
C LEU C 266 -37.57 14.89 -8.74
N ASP C 267 -37.91 15.21 -7.49
CA ASP C 267 -39.27 15.64 -7.19
C ASP C 267 -39.63 16.92 -7.93
N SER C 268 -38.74 17.91 -7.88
CA SER C 268 -39.00 19.19 -8.53
C SER C 268 -39.13 19.01 -10.03
N LEU C 269 -38.26 18.18 -10.62
CA LEU C 269 -38.37 17.89 -12.06
C LEU C 269 -39.72 17.28 -12.38
N ASN C 270 -40.18 16.34 -11.56
CA ASN C 270 -41.47 15.71 -11.81
C ASN C 270 -42.61 16.72 -11.74
N ILE C 271 -42.61 17.57 -10.70
CA ILE C 271 -43.72 18.52 -10.54
C ILE C 271 -43.73 19.55 -11.66
N VAL C 272 -42.58 20.10 -12.03
CA VAL C 272 -42.60 21.22 -12.97
C VAL C 272 -42.65 20.74 -14.41
N ILE C 273 -41.91 19.69 -14.78
CA ILE C 273 -41.96 19.20 -16.15
C ILE C 273 -43.29 18.53 -16.43
N GLN C 274 -43.79 17.74 -15.47
CA GLN C 274 -44.96 16.88 -15.64
C GLN C 274 -44.73 15.96 -16.84
N PRO C 275 -43.80 15.02 -16.74
CA PRO C 275 -43.37 14.27 -17.93
C PRO C 275 -44.30 13.12 -18.27
N SER C 276 -44.30 12.76 -19.55
CA SER C 276 -44.91 11.52 -20.01
C SER C 276 -43.80 10.50 -20.20
N TYR C 277 -43.82 9.45 -19.37
CA TYR C 277 -42.80 8.41 -19.32
C TYR C 277 -41.49 8.92 -18.72
N VAL C 278 -40.89 8.13 -17.84
CA VAL C 278 -39.61 8.45 -17.22
C VAL C 278 -38.69 7.25 -17.39
N VAL C 279 -37.47 7.49 -17.89
CA VAL C 279 -36.49 6.44 -18.15
C VAL C 279 -35.37 6.54 -17.11
N VAL C 280 -35.02 5.41 -16.52
CA VAL C 280 -34.06 5.34 -15.43
C VAL C 280 -32.89 4.46 -15.85
N GLN C 281 -31.68 4.98 -15.67
CA GLN C 281 -30.45 4.20 -15.81
C GLN C 281 -30.00 3.82 -14.40
N CYS C 282 -29.82 2.52 -14.16
CA CYS C 282 -29.49 2.03 -12.82
CA CYS C 282 -29.49 2.03 -12.82
C CYS C 282 -28.16 1.30 -12.82
N GLY C 283 -27.14 1.89 -13.45
CA GLY C 283 -25.84 1.27 -13.48
C GLY C 283 -25.30 1.05 -12.08
N ALA C 284 -24.90 -0.19 -11.80
CA ALA C 284 -24.49 -0.61 -10.45
C ALA C 284 -22.98 -0.51 -10.26
N ASP C 285 -22.40 0.65 -10.50
CA ASP C 285 -20.99 0.88 -10.18
C ASP C 285 -20.82 1.97 -9.12
N CYS C 286 -21.88 2.34 -8.41
CA CYS C 286 -21.80 3.25 -7.28
C CYS C 286 -21.70 2.52 -5.95
N LEU C 287 -21.57 1.20 -5.97
CA LEU C 287 -21.54 0.43 -4.74
C LEU C 287 -20.19 0.59 -4.02
N ALA C 288 -20.23 0.43 -2.70
CA ALA C 288 -18.99 0.40 -1.94
C ALA C 288 -18.13 -0.81 -2.32
N THR C 289 -18.78 -1.94 -2.57
CA THR C 289 -18.05 -3.16 -2.92
C THR C 289 -17.46 -3.11 -4.31
N ASP C 290 -17.79 -2.09 -5.10
CA ASP C 290 -17.27 -1.98 -6.45
C ASP C 290 -15.74 -1.89 -6.41
N PRO C 291 -15.04 -2.54 -7.36
CA PRO C 291 -13.57 -2.45 -7.37
C PRO C 291 -13.05 -1.04 -7.55
N HIS C 292 -13.84 -0.13 -8.13
CA HIS C 292 -13.42 1.25 -8.25
C HIS C 292 -13.29 1.91 -6.88
N ARG C 293 -14.22 1.61 -5.97
CA ARG C 293 -14.26 2.18 -4.62
C ARG C 293 -14.35 3.71 -4.69
N ILE C 294 -15.49 4.16 -5.23
CA ILE C 294 -15.74 5.59 -5.35
C ILE C 294 -16.89 6.00 -4.43
N PHE C 295 -18.07 5.44 -4.65
CA PHE C 295 -19.23 5.71 -3.81
C PHE C 295 -19.50 4.55 -2.87
N ARG C 296 -20.30 4.81 -1.84
CA ARG C 296 -20.56 3.87 -0.76
C ARG C 296 -22.04 3.49 -0.69
N LEU C 297 -22.69 3.37 -1.84
CA LEU C 297 -24.09 2.96 -1.88
C LEU C 297 -24.20 1.45 -1.64
N THR C 298 -25.35 1.03 -1.12
CA THR C 298 -25.59 -0.35 -0.72
C THR C 298 -26.94 -0.82 -1.26
N ASN C 299 -27.28 -2.07 -0.91
CA ASN C 299 -28.56 -2.67 -1.24
C ASN C 299 -29.46 -2.86 -0.02
N PHE C 300 -29.11 -2.23 1.10
CA PHE C 300 -29.82 -2.50 2.34
C PHE C 300 -31.27 -2.05 2.25
N TYR C 301 -32.16 -2.83 2.87
CA TYR C 301 -33.58 -2.52 2.95
C TYR C 301 -33.93 -2.41 4.43
N PRO C 302 -33.74 -1.23 5.03
CA PRO C 302 -33.97 -1.09 6.47
C PRO C 302 -35.43 -1.18 6.88
N ASN C 303 -36.30 -1.52 5.94
CA ASN C 303 -37.67 -1.88 6.31
C ASN C 303 -37.71 -3.25 6.99
N LEU C 304 -36.73 -4.10 6.72
CA LEU C 304 -36.59 -5.39 7.37
C LEU C 304 -35.38 -5.48 8.28
N ASN C 305 -34.34 -4.68 8.04
CA ASN C 305 -33.17 -4.60 8.90
C ASN C 305 -33.18 -3.27 9.65
N LEU C 306 -32.27 -3.14 10.61
CA LEU C 306 -32.12 -1.92 11.41
C LEU C 306 -33.45 -1.47 11.98
N ASP C 307 -34.21 -2.43 12.50
CA ASP C 307 -35.60 -2.21 12.89
C ASP C 307 -35.76 -2.38 14.40
N SER C 308 -35.52 -1.30 15.13
CA SER C 308 -35.95 -1.25 16.52
C SER C 308 -37.45 -1.05 16.62
N ASP C 309 -37.99 -0.19 15.77
CA ASP C 309 -39.43 0.01 15.65
C ASP C 309 -39.75 0.24 14.18
N CYS C 310 -40.95 -0.13 13.77
CA CYS C 310 -41.33 -0.03 12.37
C CYS C 310 -42.56 0.86 12.18
N ASP C 311 -42.59 2.00 12.87
CA ASP C 311 -43.66 2.98 12.70
C ASP C 311 -43.16 4.24 12.00
N SER C 312 -42.12 4.12 11.17
CA SER C 312 -41.54 5.27 10.48
C SER C 312 -41.08 4.81 9.10
N GLU C 313 -41.59 5.45 8.05
CA GLU C 313 -41.24 5.14 6.68
C GLU C 313 -40.11 6.08 6.23
N CYS C 314 -38.89 5.75 6.65
CA CYS C 314 -37.74 6.58 6.34
C CYS C 314 -36.49 5.70 6.26
N SER C 315 -35.36 6.35 6.02
CA SER C 315 -34.03 5.72 6.05
C SER C 315 -33.91 4.56 5.06
N LEU C 316 -33.94 4.86 3.77
CA LEU C 316 -33.79 3.85 2.73
C LEU C 316 -32.52 4.12 1.93
N SER C 317 -31.95 3.04 1.39
CA SER C 317 -30.74 3.15 0.58
C SER C 317 -30.99 3.99 -0.67
N GLY C 318 -29.93 4.65 -1.13
CA GLY C 318 -30.04 5.64 -2.20
C GLY C 318 -30.64 5.15 -3.50
N TYR C 319 -30.17 4.01 -4.01
CA TYR C 319 -30.75 3.45 -5.22
C TYR C 319 -32.24 3.15 -5.01
N LEU C 320 -32.55 2.44 -3.93
CA LEU C 320 -33.94 2.04 -3.69
C LEU C 320 -34.81 3.24 -3.37
N TYR C 321 -34.26 4.20 -2.63
CA TYR C 321 -35.01 5.43 -2.33
C TYR C 321 -35.34 6.19 -3.60
N ALA C 322 -34.36 6.33 -4.50
CA ALA C 322 -34.59 7.02 -5.76
C ALA C 322 -35.63 6.27 -6.61
N ILE C 323 -35.54 4.95 -6.67
CA ILE C 323 -36.49 4.16 -7.44
C ILE C 323 -37.90 4.33 -6.87
N LYS C 324 -38.03 4.29 -5.54
CA LYS C 324 -39.33 4.44 -4.91
C LYS C 324 -39.91 5.83 -5.17
N LYS C 325 -39.08 6.87 -5.07
CA LYS C 325 -39.57 8.22 -5.33
C LYS C 325 -39.99 8.38 -6.79
N ILE C 326 -39.24 7.80 -7.72
CA ILE C 326 -39.61 7.86 -9.13
C ILE C 326 -40.94 7.14 -9.36
N LEU C 327 -41.11 5.96 -8.76
CA LEU C 327 -42.33 5.20 -8.95
C LEU C 327 -43.53 5.83 -8.27
N SER C 328 -43.32 6.62 -7.22
CA SER C 328 -44.44 7.26 -6.52
C SER C 328 -45.19 8.25 -7.38
N TRP C 329 -44.60 8.72 -8.48
CA TRP C 329 -45.25 9.72 -9.32
C TRP C 329 -46.41 9.15 -10.13
N LYS C 330 -46.59 7.83 -10.14
CA LYS C 330 -47.67 7.18 -10.89
C LYS C 330 -47.60 7.54 -12.38
N VAL C 331 -46.41 7.34 -12.95
CA VAL C 331 -46.17 7.57 -14.37
C VAL C 331 -45.48 6.33 -14.94
N PRO C 332 -45.67 6.03 -16.23
CA PRO C 332 -44.94 4.90 -16.82
C PRO C 332 -43.45 5.11 -16.71
N THR C 333 -42.73 4.06 -16.33
CA THR C 333 -41.32 4.15 -16.01
C THR C 333 -40.55 3.03 -16.70
N LEU C 334 -39.34 3.34 -17.14
CA LEU C 334 -38.44 2.38 -17.78
C LEU C 334 -37.16 2.29 -16.96
N ILE C 335 -36.81 1.08 -16.55
CA ILE C 335 -35.60 0.83 -15.76
C ILE C 335 -34.62 0.05 -16.60
N LEU C 336 -33.39 0.55 -16.68
CA LEU C 336 -32.30 -0.13 -17.35
C LEU C 336 -31.11 -0.23 -16.41
N GLY C 337 -30.39 -1.34 -16.50
CA GLY C 337 -29.19 -1.49 -15.70
C GLY C 337 -27.96 -1.83 -16.52
N GLY C 338 -27.01 -0.91 -16.59
CA GLY C 338 -25.77 -1.15 -17.28
C GLY C 338 -24.59 -0.52 -16.56
N GLY C 339 -23.61 -1.33 -16.18
CA GLY C 339 -22.47 -0.85 -15.43
C GLY C 339 -22.29 -1.57 -14.10
N GLY C 340 -21.05 -1.84 -13.74
CA GLY C 340 -20.76 -2.56 -12.51
C GLY C 340 -20.06 -3.89 -12.78
N TYR C 341 -18.85 -4.03 -12.27
CA TYR C 341 -18.07 -5.25 -12.47
C TYR C 341 -18.25 -6.26 -11.34
N ASN C 342 -18.93 -5.89 -10.26
CA ASN C 342 -19.23 -6.81 -9.16
C ASN C 342 -20.55 -7.51 -9.48
N PHE C 343 -20.44 -8.59 -10.28
CA PHE C 343 -21.64 -9.23 -10.83
C PHE C 343 -22.55 -9.79 -9.74
N PRO C 344 -22.08 -10.54 -8.74
CA PRO C 344 -23.01 -11.03 -7.70
C PRO C 344 -23.70 -9.90 -6.94
N ASP C 345 -22.96 -8.88 -6.53
CA ASP C 345 -23.57 -7.77 -5.82
C ASP C 345 -24.46 -6.93 -6.72
N THR C 346 -24.11 -6.82 -8.01
CA THR C 346 -25.00 -6.17 -8.96
C THR C 346 -26.32 -6.92 -9.06
N ALA C 347 -26.26 -8.25 -9.11
CA ALA C 347 -27.48 -9.05 -9.14
C ALA C 347 -28.29 -8.86 -7.87
N ARG C 348 -27.62 -8.80 -6.72
CA ARG C 348 -28.31 -8.53 -5.46
C ARG C 348 -29.05 -7.20 -5.53
N LEU C 349 -28.35 -6.15 -5.98
CA LEU C 349 -28.94 -4.81 -6.07
C LEU C 349 -30.15 -4.82 -6.99
N TRP C 350 -30.03 -5.43 -8.16
CA TRP C 350 -31.11 -5.38 -9.13
C TRP C 350 -32.28 -6.27 -8.73
N THR C 351 -32.02 -7.37 -8.01
CA THR C 351 -33.11 -8.14 -7.44
C THR C 351 -33.89 -7.33 -6.42
N ARG C 352 -33.19 -6.60 -5.55
CA ARG C 352 -33.88 -5.71 -4.62
C ARG C 352 -34.67 -4.64 -5.35
N VAL C 353 -34.11 -4.10 -6.43
CA VAL C 353 -34.79 -3.07 -7.22
C VAL C 353 -36.08 -3.63 -7.82
N THR C 354 -36.01 -4.84 -8.38
CA THR C 354 -37.20 -5.47 -8.95
C THR C 354 -38.25 -5.72 -7.89
N ALA C 355 -37.82 -6.18 -6.70
CA ALA C 355 -38.77 -6.42 -5.63
C ALA C 355 -39.48 -5.14 -5.22
N LEU C 356 -38.73 -4.05 -5.07
CA LEU C 356 -39.35 -2.77 -4.70
C LEU C 356 -40.27 -2.28 -5.82
N THR C 357 -39.88 -2.47 -7.07
CA THR C 357 -40.74 -2.07 -8.18
C THR C 357 -42.07 -2.83 -8.14
N ILE C 358 -42.00 -4.14 -7.88
CA ILE C 358 -43.22 -4.95 -7.77
C ILE C 358 -44.08 -4.43 -6.62
N GLU C 359 -43.45 -4.13 -5.48
CA GLU C 359 -44.19 -3.65 -4.33
C GLU C 359 -44.91 -2.35 -4.64
N GLU C 360 -44.23 -1.40 -5.30
CA GLU C 360 -44.83 -0.09 -5.53
C GLU C 360 -45.87 -0.10 -6.65
N VAL C 361 -45.64 -0.87 -7.71
CA VAL C 361 -46.54 -0.81 -8.86
C VAL C 361 -47.75 -1.72 -8.68
N LYS C 362 -47.58 -2.87 -8.01
CA LYS C 362 -48.65 -3.85 -7.89
C LYS C 362 -49.28 -3.88 -6.50
N GLY C 363 -48.71 -3.15 -5.54
CA GLY C 363 -49.22 -3.17 -4.18
C GLY C 363 -49.16 -4.56 -3.58
N LYS C 364 -48.17 -5.33 -4.00
CA LYS C 364 -47.98 -6.71 -3.54
C LYS C 364 -46.63 -6.81 -2.86
N LYS C 365 -46.65 -7.02 -1.55
CA LYS C 365 -45.42 -7.18 -0.79
C LYS C 365 -44.67 -8.41 -1.26
N MET C 366 -43.37 -8.26 -1.51
CA MET C 366 -42.50 -9.36 -1.89
C MET C 366 -41.52 -9.62 -0.74
N THR C 367 -41.71 -10.75 -0.06
CA THR C 367 -40.87 -11.12 1.07
C THR C 367 -39.59 -11.74 0.54
N ILE C 368 -38.54 -10.92 0.48
CA ILE C 368 -37.24 -11.37 -0.02
C ILE C 368 -36.47 -12.01 1.13
N SER C 369 -36.00 -13.23 0.90
CA SER C 369 -35.25 -13.96 1.91
C SER C 369 -33.85 -13.35 2.04
N PRO C 370 -33.42 -12.97 3.25
CA PRO C 370 -32.03 -12.50 3.42
C PRO C 370 -31.01 -13.53 2.97
N GLU C 371 -31.32 -14.82 3.15
CA GLU C 371 -30.47 -15.88 2.63
CA GLU C 371 -30.48 -15.88 2.62
C GLU C 371 -30.86 -16.17 1.18
N ILE C 372 -29.86 -16.19 0.31
CA ILE C 372 -30.11 -16.42 -1.12
C ILE C 372 -30.64 -17.84 -1.31
N PRO C 373 -31.66 -18.05 -2.15
CA PRO C 373 -32.08 -19.42 -2.47
C PRO C 373 -31.06 -20.08 -3.38
N GLU C 374 -30.74 -21.34 -3.07
CA GLU C 374 -29.72 -22.06 -3.83
C GLU C 374 -30.14 -22.20 -5.29
N HIS C 375 -29.19 -21.98 -6.19
CA HIS C 375 -29.45 -21.98 -7.62
C HIS C 375 -28.14 -22.29 -8.35
N SER C 376 -28.12 -22.06 -9.66
CA SER C 376 -26.99 -22.46 -10.48
C SER C 376 -25.71 -21.75 -10.07
N TYR C 377 -25.77 -20.46 -9.82
CA TYR C 377 -24.59 -19.66 -9.45
C TYR C 377 -24.53 -19.40 -7.94
N PHE C 378 -24.95 -20.38 -7.13
CA PHE C 378 -24.96 -20.20 -5.69
C PHE C 378 -23.56 -19.95 -5.13
N SER C 379 -22.58 -20.71 -5.61
CA SER C 379 -21.22 -20.58 -5.11
C SER C 379 -20.60 -19.23 -5.44
N ARG C 380 -21.10 -18.54 -6.48
CA ARG C 380 -20.55 -17.25 -6.86
C ARG C 380 -20.89 -16.15 -5.88
N TYR C 381 -21.79 -16.39 -4.93
CA TYR C 381 -22.23 -15.37 -3.98
C TYR C 381 -21.57 -15.51 -2.62
N GLY C 382 -20.43 -16.20 -2.53
CA GLY C 382 -19.75 -16.39 -1.28
C GLY C 382 -19.12 -15.11 -0.78
N PRO C 383 -18.68 -15.10 0.49
CA PRO C 383 -18.79 -16.24 1.41
C PRO C 383 -20.04 -16.22 2.29
N ASP C 384 -20.66 -15.05 2.43
CA ASP C 384 -21.80 -14.93 3.34
C ASP C 384 -23.07 -15.53 2.74
N PHE C 385 -23.21 -15.48 1.42
CA PHE C 385 -24.42 -15.92 0.72
C PHE C 385 -25.65 -15.17 1.25
N GLU C 386 -25.45 -13.91 1.62
CA GLU C 386 -26.51 -13.07 2.16
C GLU C 386 -26.99 -12.10 1.09
N LEU C 387 -28.29 -11.81 1.12
CA LEU C 387 -28.86 -10.87 0.16
C LEU C 387 -28.24 -9.48 0.31
N ASP C 388 -27.97 -9.07 1.55
CA ASP C 388 -27.27 -7.81 1.78
C ASP C 388 -25.79 -7.96 1.43
N ILE C 389 -25.22 -6.90 0.86
CA ILE C 389 -23.82 -6.94 0.48
C ILE C 389 -22.93 -7.01 1.73
N ASP C 390 -21.71 -7.52 1.55
CA ASP C 390 -20.76 -7.68 2.65
C ASP C 390 -19.99 -6.37 2.86
N TYR C 391 -20.74 -5.34 3.25
CA TYR C 391 -20.19 -4.05 3.58
C TYR C 391 -20.89 -3.50 4.81
N PHE C 392 -20.15 -2.77 5.64
CA PHE C 392 -20.70 -2.22 6.87
C PHE C 392 -20.99 -0.74 6.71
N PRO C 393 -22.23 -0.30 6.95
CA PRO C 393 -22.65 1.03 6.50
C PRO C 393 -22.10 2.19 7.30
N HIS C 394 -22.60 3.39 7.00
CA HIS C 394 -22.06 4.65 7.47
C HIS C 394 -22.77 5.11 8.75
N LYS C 395 -22.50 6.33 9.17
CA LYS C 395 -23.16 6.97 10.30
C LYS C 395 -24.03 8.12 9.81
N SER C 396 -25.22 8.23 10.37
CA SER C 396 -26.15 9.29 10.00
C SER C 396 -26.31 10.31 11.11
N ILE C 404 -23.34 20.82 -1.48
CA ILE C 404 -23.23 21.67 -0.30
C ILE C 404 -24.03 22.95 -0.51
N GLN C 405 -25.30 22.77 -0.91
CA GLN C 405 -26.28 23.85 -1.07
C GLN C 405 -25.98 24.70 -2.29
N LYS C 406 -24.83 24.48 -2.92
CA LYS C 406 -24.49 25.24 -4.13
C LYS C 406 -25.07 24.58 -5.36
N HIS C 407 -24.91 23.26 -5.46
CA HIS C 407 -25.48 22.52 -6.59
C HIS C 407 -27.00 22.61 -6.57
N HIS C 408 -27.61 22.53 -5.39
CA HIS C 408 -29.07 22.60 -5.30
C HIS C 408 -29.59 23.94 -5.78
N ARG C 409 -28.96 25.04 -5.34
CA ARG C 409 -29.39 26.36 -5.78
CA ARG C 409 -29.40 26.36 -5.78
C ARG C 409 -29.14 26.56 -7.27
N ARG C 410 -28.03 26.02 -7.76
CA ARG C 410 -27.70 26.13 -9.21
C ARG C 410 -28.77 25.38 -10.02
N ILE C 411 -29.17 24.19 -9.56
CA ILE C 411 -30.17 23.41 -10.28
C ILE C 411 -31.53 24.08 -10.19
N LEU C 412 -31.83 24.68 -9.04
CA LEU C 412 -33.12 25.41 -8.86
C LEU C 412 -33.17 26.57 -9.86
N GLU C 413 -32.08 27.32 -9.98
CA GLU C 413 -32.06 28.46 -10.91
C GLU C 413 -32.06 27.99 -12.36
N GLN C 414 -31.42 26.86 -12.66
CA GLN C 414 -31.46 26.30 -14.00
C GLN C 414 -32.88 25.88 -14.38
N LEU C 415 -33.58 25.24 -13.45
CA LEU C 415 -34.96 24.85 -13.67
C LEU C 415 -35.87 26.07 -13.82
N ARG C 416 -35.59 27.13 -13.07
CA ARG C 416 -36.30 28.39 -13.26
C ARG C 416 -36.06 28.96 -14.65
N ASN C 417 -34.81 28.91 -15.12
CA ASN C 417 -34.51 29.40 -16.47
C ASN C 417 -35.12 28.50 -17.52
N TYR C 418 -35.13 27.19 -17.30
CA TYR C 418 -35.73 26.25 -18.24
C TYR C 418 -37.23 26.46 -18.31
N ALA C 419 -37.76 26.61 -19.51
CA ALA C 419 -39.17 26.86 -19.75
C ALA C 419 -39.67 28.07 -18.96
N TYR C 426 -46.27 27.05 -12.81
CA TYR C 426 -46.06 26.40 -11.52
C TYR C 426 -45.80 27.41 -10.42
N ASP C 427 -45.87 26.96 -9.17
CA ASP C 427 -45.49 27.76 -8.02
C ASP C 427 -44.07 27.41 -7.61
N TYR C 428 -43.28 28.43 -7.28
CA TYR C 428 -41.86 28.26 -6.96
C TYR C 428 -41.62 28.23 -5.46
N ASP C 429 -42.56 27.67 -4.70
CA ASP C 429 -42.43 27.51 -3.26
C ASP C 429 -42.22 26.06 -2.85
N GLN C 430 -43.00 25.13 -3.41
CA GLN C 430 -42.83 23.73 -3.05
C GLN C 430 -41.55 23.15 -3.64
N VAL C 431 -40.98 23.80 -4.63
CA VAL C 431 -39.73 23.36 -5.25
C VAL C 431 -38.56 23.57 -4.28
N SER D 2 1.74 1.21 -37.33
CA SER D 2 1.00 2.38 -37.77
C SER D 2 1.48 3.63 -37.04
N VAL D 3 0.83 4.76 -37.29
CA VAL D 3 1.16 6.03 -36.67
C VAL D 3 -0.02 6.46 -35.81
N GLY D 4 0.22 6.64 -34.52
CA GLY D 4 -0.82 7.03 -33.60
C GLY D 4 -0.86 8.53 -33.33
N ILE D 5 -2.06 9.03 -33.10
CA ILE D 5 -2.28 10.42 -32.73
C ILE D 5 -3.18 10.45 -31.50
N VAL D 6 -2.84 11.30 -30.54
CA VAL D 6 -3.59 11.41 -29.29
C VAL D 6 -4.40 12.70 -29.37
N TYR D 7 -5.69 12.55 -29.70
CA TYR D 7 -6.60 13.68 -29.75
C TYR D 7 -8.00 13.22 -29.37
N GLY D 8 -8.77 14.12 -28.77
CA GLY D 8 -10.12 13.83 -28.33
C GLY D 8 -10.88 15.11 -28.08
N ASP D 9 -12.19 14.96 -27.84
CA ASP D 9 -13.05 16.11 -27.62
C ASP D 9 -12.70 16.81 -26.30
N GLN D 10 -12.87 16.10 -25.19
CA GLN D 10 -12.51 16.66 -23.91
C GLN D 10 -11.00 16.90 -23.82
N TYR D 11 -10.20 16.10 -24.52
CA TYR D 11 -8.77 16.35 -24.58
C TYR D 11 -8.48 17.70 -25.23
N ARG D 12 -9.12 17.99 -26.36
CA ARG D 12 -8.94 19.29 -27.01
C ARG D 12 -9.40 20.42 -26.10
N GLN D 13 -10.58 20.24 -25.48
CA GLN D 13 -11.14 21.31 -24.65
C GLN D 13 -10.23 21.60 -23.46
N LEU D 14 -9.67 20.55 -22.84
CA LEU D 14 -8.81 20.74 -21.67
C LEU D 14 -7.44 21.27 -22.08
N CYS D 15 -6.92 20.83 -23.22
CA CYS D 15 -5.63 21.32 -23.68
C CYS D 15 -5.70 22.81 -24.00
N CYS D 16 -6.79 23.25 -24.63
CA CYS D 16 -6.91 24.63 -25.08
C CYS D 16 -7.47 25.55 -24.00
N SER D 17 -7.26 25.23 -22.73
CA SER D 17 -7.68 26.07 -21.61
C SER D 17 -6.54 26.87 -20.99
N SER D 18 -5.30 26.62 -21.37
CA SER D 18 -4.17 27.34 -20.79
C SER D 18 -4.08 28.75 -21.38
N PRO D 19 -4.12 29.80 -20.56
CA PRO D 19 -4.03 31.16 -21.11
C PRO D 19 -2.72 31.46 -21.81
N LYS D 20 -1.60 30.89 -21.37
CA LYS D 20 -0.32 31.16 -22.01
C LYS D 20 -0.30 30.63 -23.43
N PHE D 21 -0.81 29.42 -23.64
CA PHE D 21 -0.84 28.82 -24.96
C PHE D 21 -2.17 29.03 -25.69
N GLY D 22 -3.21 29.45 -24.98
CA GLY D 22 -4.49 29.69 -25.60
C GLY D 22 -5.11 28.45 -26.20
N ASP D 23 -5.22 28.43 -27.52
CA ASP D 23 -5.80 27.31 -28.26
C ASP D 23 -4.84 26.85 -29.36
N ARG D 24 -3.54 26.79 -29.04
CA ARG D 24 -2.56 26.35 -30.02
C ARG D 24 -2.80 24.91 -30.45
N TYR D 25 -3.19 24.05 -29.51
CA TYR D 25 -3.49 22.66 -29.85
C TYR D 25 -4.68 22.57 -30.79
N ALA D 26 -5.70 23.40 -30.58
CA ALA D 26 -6.83 23.43 -31.50
C ALA D 26 -6.38 23.84 -32.90
N LEU D 27 -5.52 24.86 -32.98
CA LEU D 27 -5.00 25.29 -34.28
C LEU D 27 -4.21 24.18 -34.96
N VAL D 28 -3.37 23.47 -34.20
CA VAL D 28 -2.54 22.41 -34.77
C VAL D 28 -3.43 21.28 -35.30
N MET D 29 -4.40 20.85 -34.48
CA MET D 29 -5.27 19.75 -34.89
C MET D 29 -6.16 20.16 -36.06
N ASP D 30 -6.63 21.41 -36.09
CA ASP D 30 -7.45 21.88 -37.20
C ASP D 30 -6.64 22.07 -38.47
N LEU D 31 -5.33 22.29 -38.36
CA LEU D 31 -4.48 22.27 -39.54
C LEU D 31 -4.19 20.86 -40.02
N ILE D 32 -4.05 19.90 -39.10
CA ILE D 32 -3.83 18.52 -39.52
C ILE D 32 -5.08 17.96 -40.19
N ASN D 33 -6.24 18.13 -39.57
CA ASN D 33 -7.45 17.51 -40.11
C ASN D 33 -7.88 18.14 -41.42
N ALA D 34 -7.45 19.38 -41.68
CA ALA D 34 -7.79 20.06 -42.92
C ALA D 34 -6.61 20.03 -43.88
N ILE D 38 -5.69 12.95 -40.92
CA ILE D 38 -6.25 12.09 -39.89
C ILE D 38 -6.64 10.68 -40.39
N PRO D 39 -7.13 10.54 -41.63
CA PRO D 39 -7.28 9.19 -42.19
C PRO D 39 -5.98 8.43 -42.33
N GLU D 40 -4.83 9.10 -42.23
CA GLU D 40 -3.55 8.42 -42.16
C GLU D 40 -3.16 8.07 -40.73
N LEU D 41 -3.67 8.83 -39.75
CA LEU D 41 -3.25 8.69 -38.37
C LEU D 41 -4.23 7.84 -37.57
N SER D 42 -3.71 7.16 -36.55
CA SER D 42 -4.49 6.27 -35.71
C SER D 42 -4.88 7.00 -34.43
N ARG D 43 -6.19 7.07 -34.17
CA ARG D 43 -6.67 7.79 -33.00
C ARG D 43 -6.32 7.04 -31.72
N VAL D 44 -5.81 7.78 -30.74
CA VAL D 44 -5.48 7.24 -29.42
C VAL D 44 -6.05 8.18 -28.35
N PRO D 45 -7.08 7.78 -27.63
CA PRO D 45 -7.65 8.66 -26.60
C PRO D 45 -6.75 8.71 -25.38
N PRO D 46 -6.85 9.76 -24.58
CA PRO D 46 -6.04 9.84 -23.35
C PRO D 46 -6.39 8.74 -22.38
N LEU D 47 -5.41 8.35 -21.57
CA LEU D 47 -5.61 7.28 -20.60
C LEU D 47 -6.42 7.79 -19.42
N GLN D 48 -7.48 7.08 -19.07
CA GLN D 48 -8.34 7.44 -17.94
C GLN D 48 -8.13 6.46 -16.80
N TRP D 49 -8.43 6.92 -15.59
CA TRP D 49 -8.27 6.13 -14.38
C TRP D 49 -9.63 5.75 -13.80
N ASP D 50 -9.70 4.54 -13.23
CA ASP D 50 -10.95 4.07 -12.64
C ASP D 50 -11.22 4.76 -11.30
N SER D 51 -10.19 5.20 -10.60
CA SER D 51 -10.33 5.81 -9.30
C SER D 51 -9.33 6.95 -9.17
N PRO D 52 -9.62 7.95 -8.34
CA PRO D 52 -8.62 9.00 -8.09
C PRO D 52 -7.35 8.48 -7.46
N SER D 53 -7.41 7.37 -6.73
CA SER D 53 -6.19 6.80 -6.15
C SER D 53 -5.26 6.27 -7.24
N ARG D 54 -5.82 5.68 -8.30
CA ARG D 54 -4.99 5.26 -9.42
C ARG D 54 -4.33 6.44 -10.10
N MET D 55 -5.08 7.53 -10.31
CA MET D 55 -4.48 8.77 -10.80
C MET D 55 -3.37 9.25 -9.89
N TYR D 56 -3.58 9.16 -8.57
CA TYR D 56 -2.59 9.65 -7.63
C TYR D 56 -1.31 8.84 -7.69
N GLU D 57 -1.43 7.51 -7.68
CA GLU D 57 -0.23 6.67 -7.76
C GLU D 57 0.46 6.81 -9.11
N ALA D 58 -0.29 7.08 -10.18
CA ALA D 58 0.35 7.31 -11.47
C ALA D 58 1.11 8.64 -11.46
N VAL D 59 0.52 9.69 -10.91
CA VAL D 59 1.16 11.00 -10.89
C VAL D 59 2.33 11.02 -9.90
N THR D 60 2.16 10.40 -8.74
CA THR D 60 3.18 10.47 -7.69
C THR D 60 4.35 9.54 -7.92
N ALA D 61 4.36 8.77 -9.02
CA ALA D 61 5.53 7.97 -9.35
C ALA D 61 6.75 8.84 -9.55
N PHE D 62 6.55 10.08 -10.00
CA PHE D 62 7.61 11.06 -10.15
C PHE D 62 7.44 12.23 -9.18
N HIS D 63 6.27 12.87 -9.20
CA HIS D 63 6.01 14.02 -8.35
C HIS D 63 5.73 13.56 -6.91
N SER D 64 5.61 14.54 -6.02
CA SER D 64 5.34 14.27 -4.61
C SER D 64 3.86 14.48 -4.30
N THR D 65 3.42 13.83 -3.21
CA THR D 65 2.02 13.93 -2.80
C THR D 65 1.65 15.37 -2.43
N GLU D 66 2.54 16.06 -1.71
CA GLU D 66 2.26 17.43 -1.29
C GLU D 66 2.11 18.35 -2.50
N TYR D 67 2.98 18.19 -3.50
CA TYR D 67 2.94 19.06 -4.68
C TYR D 67 1.65 18.88 -5.47
N VAL D 68 1.24 17.63 -5.68
CA VAL D 68 0.01 17.39 -6.45
C VAL D 68 -1.21 17.85 -5.66
N ASP D 69 -1.20 17.68 -4.34
CA ASP D 69 -2.26 18.23 -3.52
C ASP D 69 -2.33 19.75 -3.63
N ALA D 70 -1.16 20.41 -3.61
CA ALA D 70 -1.12 21.85 -3.73
C ALA D 70 -1.63 22.31 -5.09
N LEU D 71 -1.26 21.60 -6.16
CA LEU D 71 -1.74 21.95 -7.49
C LEU D 71 -3.26 21.80 -7.61
N LYS D 72 -3.81 20.71 -7.06
CA LYS D 72 -5.26 20.54 -7.06
C LYS D 72 -5.94 21.64 -6.25
N LYS D 73 -5.36 22.00 -5.10
CA LYS D 73 -5.91 23.09 -4.30
C LYS D 73 -5.86 24.41 -5.04
N LEU D 74 -4.78 24.66 -5.78
CA LEU D 74 -4.69 25.87 -6.59
C LEU D 74 -5.78 25.90 -7.65
N GLN D 75 -6.02 24.76 -8.31
CA GLN D 75 -7.10 24.70 -9.29
C GLN D 75 -8.44 24.97 -8.63
N MET D 76 -8.67 24.39 -7.45
CA MET D 76 -9.91 24.66 -6.72
C MET D 76 -10.01 26.11 -6.31
N LEU D 77 -8.91 26.68 -5.81
CA LEU D 77 -8.90 28.06 -5.34
C LEU D 77 -8.45 29.02 -6.43
N LEU D 84 -7.65 33.64 -1.62
CA LEU D 84 -6.27 33.23 -1.42
C LEU D 84 -5.72 33.80 -0.12
N THR D 85 -5.79 33.01 0.94
CA THR D 85 -5.30 33.45 2.24
C THR D 85 -3.77 33.44 2.26
N ALA D 86 -3.20 34.10 3.28
CA ALA D 86 -1.76 34.27 3.34
C ALA D 86 -1.04 32.93 3.41
N ASP D 87 -1.56 31.99 4.21
CA ASP D 87 -0.96 30.67 4.29
C ASP D 87 -1.04 29.95 2.96
N ASP D 88 -2.19 30.06 2.27
CA ASP D 88 -2.34 29.43 0.97
C ASP D 88 -1.36 30.02 -0.04
N GLU D 89 -1.17 31.35 -0.02
CA GLU D 89 -0.17 31.96 -0.87
C GLU D 89 1.23 31.45 -0.51
N LEU D 90 1.49 31.22 0.77
CA LEU D 90 2.78 30.69 1.20
C LEU D 90 3.02 29.31 0.59
N LEU D 91 2.03 28.41 0.64
CA LEU D 91 2.34 27.07 0.04
C LEU D 91 2.34 27.17 -1.49
N MET D 92 1.57 28.09 -2.08
CA MET D 92 1.66 28.25 -3.53
C MET D 92 3.06 28.69 -3.96
N ASP D 93 3.65 29.62 -3.21
CA ASP D 93 5.00 30.08 -3.53
C ASP D 93 6.06 29.04 -3.16
N SER D 94 5.80 28.22 -2.14
CA SER D 94 6.77 27.21 -1.75
C SER D 94 6.92 26.11 -2.79
N PHE D 95 5.92 25.92 -3.65
CA PHE D 95 5.98 24.96 -4.74
C PHE D 95 6.17 25.63 -6.09
N SER D 96 6.51 26.92 -6.11
CA SER D 96 6.67 27.70 -7.33
C SER D 96 5.41 27.64 -8.20
N LEU D 97 4.27 27.85 -7.56
CA LEU D 97 2.99 27.86 -8.25
C LEU D 97 2.40 29.27 -8.27
N PRO D 102 0.95 31.75 -11.98
CA PRO D 102 0.00 31.58 -13.09
C PRO D 102 -1.10 30.58 -12.78
N GLY D 103 -1.93 30.92 -11.80
CA GLY D 103 -3.01 30.04 -11.39
C GLY D 103 -4.33 30.35 -12.05
N PHE D 104 -4.69 29.59 -13.07
CA PHE D 104 -5.97 29.72 -13.74
C PHE D 104 -6.90 28.59 -13.32
N PRO D 105 -8.23 28.78 -13.45
CA PRO D 105 -9.17 27.80 -12.88
C PRO D 105 -9.10 26.41 -13.47
N SER D 106 -8.20 26.16 -14.41
CA SER D 106 -8.07 24.86 -15.04
C SER D 106 -6.61 24.45 -15.16
N VAL D 107 -5.84 24.68 -14.09
CA VAL D 107 -4.42 24.31 -14.10
C VAL D 107 -4.26 22.81 -13.98
N PHE D 108 -4.83 22.21 -12.93
CA PHE D 108 -4.59 20.81 -12.63
C PHE D 108 -5.13 19.91 -13.74
N ASP D 109 -6.33 20.19 -14.24
CA ASP D 109 -6.91 19.34 -15.27
C ASP D 109 -6.13 19.43 -16.58
N TYR D 110 -5.66 20.63 -16.92
CA TYR D 110 -4.84 20.78 -18.13
C TYR D 110 -3.52 20.04 -18.00
N SER D 111 -2.86 20.19 -16.85
CA SER D 111 -1.61 19.47 -16.61
C SER D 111 -1.83 17.97 -16.63
N LEU D 112 -2.94 17.51 -16.07
CA LEU D 112 -3.25 16.08 -16.04
C LEU D 112 -3.64 15.58 -17.43
N ALA D 113 -4.27 16.42 -18.25
CA ALA D 113 -4.58 16.03 -19.62
C ALA D 113 -3.30 15.81 -20.42
N ALA D 114 -2.29 16.65 -20.17
CA ALA D 114 -1.00 16.45 -20.82
C ALA D 114 -0.44 15.06 -20.51
N VAL D 115 -0.38 14.71 -19.22
CA VAL D 115 0.19 13.41 -18.83
C VAL D 115 -0.73 12.28 -19.27
N GLN D 116 -2.04 12.53 -19.36
CA GLN D 116 -2.96 11.53 -19.88
C GLN D 116 -2.62 11.18 -21.32
N GLY D 117 -2.44 12.19 -22.16
CA GLY D 117 -2.04 11.94 -23.53
C GLY D 117 -0.70 11.25 -23.62
N SER D 118 0.27 11.69 -22.82
CA SER D 118 1.60 11.08 -22.86
C SER D 118 1.56 9.61 -22.45
N LEU D 119 0.82 9.29 -21.38
CA LEU D 119 0.77 7.92 -20.90
C LEU D 119 -0.03 7.04 -21.85
N ALA D 120 -1.07 7.59 -22.48
CA ALA D 120 -1.78 6.84 -23.50
C ALA D 120 -0.88 6.53 -24.68
N ALA D 121 -0.06 7.50 -25.09
CA ALA D 121 0.90 7.26 -26.17
C ALA D 121 1.92 6.19 -25.79
N ALA D 122 2.42 6.25 -24.54
CA ALA D 122 3.38 5.26 -24.08
C ALA D 122 2.77 3.87 -24.06
N SER D 123 1.54 3.75 -23.55
CA SER D 123 0.87 2.46 -23.51
C SER D 123 0.59 1.93 -24.90
N ALA D 124 0.29 2.84 -25.84
CA ALA D 124 0.13 2.43 -27.24
C ALA D 124 1.43 1.87 -27.79
N LEU D 125 2.56 2.50 -27.49
CA LEU D 125 3.84 1.96 -27.93
C LEU D 125 4.12 0.60 -27.30
N ILE D 126 3.84 0.46 -26.00
CA ILE D 126 4.15 -0.78 -25.31
C ILE D 126 3.28 -1.92 -25.82
N CYS D 127 2.00 -1.65 -26.08
CA CYS D 127 1.11 -2.68 -26.58
C CYS D 127 1.32 -2.98 -28.06
N ARG D 128 2.32 -2.37 -28.69
CA ARG D 128 2.71 -2.65 -30.07
C ARG D 128 1.60 -2.34 -31.07
N HIS D 129 0.67 -1.46 -30.70
CA HIS D 129 -0.41 -1.10 -31.62
C HIS D 129 0.08 -0.18 -32.72
N CYS D 130 0.91 0.80 -32.37
CA CYS D 130 1.46 1.74 -33.33
C CYS D 130 2.98 1.72 -33.24
N GLU D 131 3.64 1.76 -34.40
CA GLU D 131 5.10 1.84 -34.42
C GLU D 131 5.58 3.17 -33.82
N VAL D 132 4.91 4.27 -34.19
CA VAL D 132 5.23 5.59 -33.69
C VAL D 132 3.92 6.27 -33.30
N VAL D 133 3.94 6.97 -32.17
CA VAL D 133 2.76 7.66 -31.66
C VAL D 133 3.08 9.14 -31.51
N ILE D 134 2.10 9.99 -31.84
CA ILE D 134 2.27 11.44 -31.83
C ILE D 134 1.25 12.05 -30.88
N ASN D 135 1.70 12.96 -30.03
CA ASN D 135 0.79 13.72 -29.18
C ASN D 135 1.30 15.16 -29.11
N TRP D 136 0.43 16.11 -29.44
CA TRP D 136 0.79 17.52 -29.46
C TRP D 136 0.26 18.29 -28.27
N GLY D 137 -0.21 17.60 -27.24
CA GLY D 137 -0.76 18.28 -26.07
C GLY D 137 0.17 18.29 -24.87
N GLY D 138 1.31 17.63 -25.00
CA GLY D 138 2.26 17.55 -23.90
C GLY D 138 3.57 18.24 -24.19
N GLY D 139 4.67 17.51 -24.04
CA GLY D 139 5.98 18.06 -24.30
C GLY D 139 6.52 18.97 -23.21
N TRP D 140 5.94 18.92 -22.01
CA TRP D 140 6.40 19.77 -20.90
C TRP D 140 7.53 19.07 -20.19
N HIS D 141 8.74 19.64 -20.29
CA HIS D 141 9.96 19.00 -19.84
C HIS D 141 10.67 19.78 -18.74
N HIS D 142 10.03 20.78 -18.16
CA HIS D 142 10.68 21.61 -17.11
C HIS D 142 10.10 21.32 -15.73
N ALA D 143 9.11 20.42 -15.62
CA ALA D 143 8.45 20.18 -14.35
C ALA D 143 9.34 19.32 -13.45
N LYS D 144 9.67 19.83 -12.27
CA LYS D 144 10.44 19.09 -11.29
C LYS D 144 9.49 18.23 -10.44
N ARG D 145 10.07 17.45 -9.52
CA ARG D 145 9.27 16.60 -8.66
C ARG D 145 8.36 17.43 -7.75
N SER D 146 8.96 18.39 -7.04
CA SER D 146 8.19 19.23 -6.11
C SER D 146 8.31 20.70 -6.49
N GLU D 147 8.18 20.99 -7.78
CA GLU D 147 8.32 22.36 -8.27
C GLU D 147 7.78 22.44 -9.69
N ALA D 148 7.28 23.62 -10.04
CA ALA D 148 6.83 23.92 -11.40
C ALA D 148 7.73 24.98 -12.01
N SER D 149 7.97 24.87 -13.31
CA SER D 149 8.90 25.76 -13.98
C SER D 149 8.55 25.84 -15.46
N GLY D 150 8.66 27.04 -16.02
CA GLY D 150 8.45 27.23 -17.45
C GLY D 150 7.08 26.84 -17.94
N PHE D 151 6.04 27.16 -17.18
CA PHE D 151 4.66 26.79 -17.49
C PHE D 151 4.49 25.29 -17.61
N CYS D 152 5.31 24.53 -16.89
CA CYS D 152 5.23 23.08 -16.83
C CYS D 152 4.93 22.68 -15.38
N TYR D 153 3.74 22.14 -15.15
CA TYR D 153 3.33 21.73 -13.81
C TYR D 153 3.64 20.25 -13.57
N LEU D 154 3.16 19.39 -14.46
CA LEU D 154 3.46 17.96 -14.43
C LEU D 154 4.35 17.61 -15.61
N ASN D 155 5.32 16.73 -15.37
CA ASN D 155 6.24 16.29 -16.41
C ASN D 155 5.65 15.04 -17.07
N ASP D 156 4.95 15.25 -18.18
CA ASP D 156 4.37 14.13 -18.92
C ASP D 156 5.44 13.25 -19.52
N ILE D 157 6.55 13.84 -19.96
CA ILE D 157 7.63 13.05 -20.56
C ILE D 157 8.22 12.07 -19.56
N VAL D 158 8.47 12.54 -18.33
CA VAL D 158 9.07 11.69 -17.31
C VAL D 158 8.16 10.52 -16.99
N LEU D 159 6.86 10.79 -16.84
CA LEU D 159 5.90 9.73 -16.55
C LEU D 159 5.83 8.73 -17.69
N ALA D 160 5.82 9.22 -18.94
CA ALA D 160 5.78 8.32 -20.08
C ALA D 160 7.02 7.44 -20.15
N ILE D 161 8.19 8.02 -19.89
CA ILE D 161 9.42 7.24 -19.95
C ILE D 161 9.47 6.23 -18.81
N HIS D 162 8.98 6.62 -17.63
CA HIS D 162 8.89 5.68 -16.52
C HIS D 162 7.97 4.52 -16.85
N ARG D 163 6.85 4.80 -17.52
CA ARG D 163 5.96 3.74 -17.97
C ARG D 163 6.64 2.85 -19.00
N LEU D 164 7.44 3.43 -19.89
CA LEU D 164 8.13 2.64 -20.90
C LEU D 164 9.17 1.72 -20.29
N VAL D 165 9.89 2.19 -19.26
CA VAL D 165 10.93 1.36 -18.65
C VAL D 165 10.39 0.43 -17.56
N SER D 166 9.19 0.69 -17.05
CA SER D 166 8.62 -0.17 -16.02
C SER D 166 8.38 -1.57 -16.55
N SER D 167 7.84 -1.67 -17.77
CA SER D 167 7.58 -2.97 -18.38
C SER D 167 8.83 -3.53 -19.04
N GLN D 177 17.40 -6.31 -21.46
CA GLN D 177 16.99 -5.09 -20.77
C GLN D 177 16.44 -4.05 -21.75
N THR D 178 15.66 -3.12 -21.23
CA THR D 178 15.02 -2.08 -22.05
C THR D 178 15.69 -0.74 -21.75
N ARG D 179 16.06 -0.01 -22.80
CA ARG D 179 16.67 1.30 -22.69
C ARG D 179 15.85 2.30 -23.49
N VAL D 180 15.79 3.54 -22.99
CA VAL D 180 15.03 4.61 -23.63
C VAL D 180 15.98 5.79 -23.87
N LEU D 181 15.94 6.33 -25.08
CA LEU D 181 16.79 7.45 -25.47
C LEU D 181 15.92 8.69 -25.67
N TYR D 182 16.23 9.74 -24.93
CA TYR D 182 15.49 10.99 -24.97
C TYR D 182 16.29 12.01 -25.78
N VAL D 183 15.66 12.59 -26.80
CA VAL D 183 16.26 13.67 -27.57
C VAL D 183 15.38 14.90 -27.39
N ASP D 184 15.93 15.93 -26.76
CA ASP D 184 15.20 17.14 -26.43
C ASP D 184 15.63 18.25 -27.39
N LEU D 185 14.74 18.56 -28.34
CA LEU D 185 15.01 19.56 -29.37
C LEU D 185 14.49 20.94 -29.01
N ASP D 186 13.94 21.12 -27.81
CA ASP D 186 13.42 22.40 -27.40
C ASP D 186 14.54 23.42 -27.24
N LEU D 187 14.19 24.69 -27.31
CA LEU D 187 15.19 25.76 -27.20
C LEU D 187 15.83 25.77 -25.81
N HIS D 188 15.03 25.53 -24.76
CA HIS D 188 15.54 25.52 -23.41
C HIS D 188 16.02 24.13 -23.02
N HIS D 189 16.88 24.07 -22.00
CA HIS D 189 17.46 22.82 -21.57
C HIS D 189 16.42 21.92 -20.92
N GLY D 190 16.50 20.63 -21.21
CA GLY D 190 15.63 19.66 -20.60
C GLY D 190 16.08 19.31 -19.20
N ASP D 191 15.89 20.24 -18.27
CA ASP D 191 16.41 20.04 -16.91
C ASP D 191 15.58 19.04 -16.13
N GLY D 192 14.26 19.07 -16.27
CA GLY D 192 13.42 18.20 -15.47
C GLY D 192 13.63 16.72 -15.79
N VAL D 193 13.63 16.38 -17.08
CA VAL D 193 13.78 14.99 -17.47
C VAL D 193 15.20 14.49 -17.16
N GLU D 194 16.20 15.34 -17.35
CA GLU D 194 17.57 14.97 -16.99
C GLU D 194 17.68 14.74 -15.48
N GLU D 195 17.04 15.59 -14.68
CA GLU D 195 17.06 15.41 -13.23
C GLU D 195 16.37 14.12 -12.82
N ALA D 196 15.25 13.79 -13.48
CA ALA D 196 14.47 12.61 -13.08
C ALA D 196 15.28 11.34 -13.23
N PHE D 197 16.01 11.21 -14.34
CA PHE D 197 16.88 10.06 -14.59
C PHE D 197 18.35 10.44 -14.46
N TRP D 198 18.65 11.34 -13.52
CA TRP D 198 20.03 11.73 -13.26
C TRP D 198 20.86 10.56 -12.77
N TYR D 199 20.22 9.58 -12.14
CA TYR D 199 20.92 8.42 -11.61
CA TYR D 199 20.91 8.41 -11.60
C TYR D 199 20.72 7.15 -12.43
N SER D 200 19.76 7.14 -13.35
CA SER D 200 19.44 5.94 -14.11
C SER D 200 20.26 5.90 -15.39
N PRO D 201 21.10 4.88 -15.59
CA PRO D 201 21.80 4.76 -16.88
C PRO D 201 20.95 4.13 -17.98
N ARG D 202 19.85 3.47 -17.64
CA ARG D 202 19.00 2.84 -18.65
C ARG D 202 18.39 3.89 -19.57
N VAL D 203 17.92 5.01 -19.01
CA VAL D 203 17.36 6.10 -19.79
C VAL D 203 18.47 7.11 -20.03
N VAL D 204 18.83 7.31 -21.30
CA VAL D 204 19.89 8.23 -21.66
C VAL D 204 19.26 9.50 -22.22
N THR D 205 19.56 10.64 -21.59
CA THR D 205 18.95 11.92 -21.92
C THR D 205 19.97 12.78 -22.64
N PHE D 206 19.64 13.18 -23.88
CA PHE D 206 20.41 14.13 -24.65
C PHE D 206 19.53 15.32 -24.99
N SER D 207 20.06 16.52 -24.78
CA SER D 207 19.30 17.75 -24.99
C SER D 207 20.16 18.73 -25.77
N VAL D 208 19.59 19.32 -26.82
CA VAL D 208 20.25 20.38 -27.58
C VAL D 208 19.51 21.68 -27.29
N HIS D 209 20.25 22.71 -26.89
CA HIS D 209 19.62 23.93 -26.42
C HIS D 209 20.56 25.11 -26.60
N HIS D 210 20.06 26.29 -26.23
CA HIS D 210 20.87 27.50 -26.18
C HIS D 210 21.21 27.80 -24.72
N ALA D 211 22.48 28.13 -24.47
CA ALA D 211 22.96 28.38 -23.11
C ALA D 211 23.71 29.71 -23.08
N SER D 212 22.97 30.77 -22.78
CA SER D 212 23.52 32.11 -22.57
C SER D 212 23.23 32.57 -21.14
N PRO D 213 24.01 33.48 -20.59
CA PRO D 213 23.73 33.96 -19.23
C PRO D 213 22.34 34.59 -19.14
N GLY D 214 21.62 34.25 -18.07
CA GLY D 214 20.27 34.72 -17.90
C GLY D 214 19.21 34.00 -18.70
N PHE D 215 19.58 32.97 -19.46
CA PHE D 215 18.64 32.24 -20.30
C PHE D 215 18.04 31.10 -19.50
N PHE D 216 16.71 31.11 -19.38
CA PHE D 216 16.03 30.09 -18.60
C PHE D 216 16.22 28.72 -19.23
N PRO D 217 16.45 27.67 -18.42
CA PRO D 217 16.61 27.74 -16.96
C PRO D 217 18.05 28.02 -16.52
N GLY D 218 18.98 28.04 -17.46
CA GLY D 218 20.39 28.25 -17.17
C GLY D 218 21.19 26.98 -17.00
N THR D 219 20.55 25.82 -16.99
CA THR D 219 21.24 24.55 -16.86
C THR D 219 21.59 23.98 -18.23
N GLY D 220 22.22 22.81 -18.23
CA GLY D 220 22.65 22.20 -19.47
C GLY D 220 23.92 22.80 -20.04
N THR D 221 24.79 23.33 -19.19
CA THR D 221 26.01 24.00 -19.63
C THR D 221 27.12 23.84 -18.61
N TRP D 222 28.14 24.70 -18.68
CA TRP D 222 29.28 24.62 -17.77
C TRP D 222 28.81 24.70 -16.32
N ASN D 223 29.43 23.88 -15.47
CA ASN D 223 29.12 23.86 -14.04
C ASN D 223 29.98 24.91 -13.33
N MET D 224 29.34 25.90 -12.73
CA MET D 224 30.05 27.00 -12.10
C MET D 224 30.46 26.59 -10.68
N VAL D 225 31.76 26.49 -10.45
CA VAL D 225 32.31 26.10 -9.15
C VAL D 225 33.49 26.99 -8.81
N ASP D 226 33.83 27.02 -7.53
CA ASP D 226 34.91 27.87 -7.03
C ASP D 226 36.23 27.13 -7.20
N ASN D 227 36.92 27.40 -8.30
CA ASN D 227 38.22 26.82 -8.61
C ASN D 227 38.79 27.55 -9.82
N ASP D 228 40.12 27.58 -9.90
CA ASP D 228 40.78 28.11 -11.09
C ASP D 228 40.80 27.12 -12.24
N LYS D 229 40.53 25.85 -11.97
CA LYS D 229 40.57 24.84 -13.01
C LYS D 229 39.36 24.96 -13.93
N LEU D 230 39.47 24.32 -15.09
CA LEU D 230 38.47 24.45 -16.15
C LEU D 230 37.16 23.77 -15.74
N PRO D 231 36.02 24.47 -15.77
CA PRO D 231 34.74 23.82 -15.47
C PRO D 231 34.44 22.70 -16.46
N ILE D 232 33.72 21.68 -15.98
CA ILE D 232 33.33 20.55 -16.81
C ILE D 232 31.81 20.47 -16.88
N PHE D 233 31.30 19.47 -17.59
CA PHE D 233 29.87 19.23 -17.72
C PHE D 233 29.47 18.10 -16.78
N LEU D 234 28.57 18.39 -15.85
CA LEU D 234 28.03 17.36 -14.98
C LEU D 234 27.01 16.53 -15.74
N ASN D 235 27.23 15.22 -15.81
CA ASN D 235 26.44 14.34 -16.67
C ASN D 235 25.98 13.10 -15.92
N GLY D 236 25.45 13.28 -14.72
CA GLY D 236 24.91 12.18 -13.95
C GLY D 236 25.78 11.82 -12.77
N ALA D 237 25.27 10.89 -11.96
CA ALA D 237 25.96 10.41 -10.78
C ALA D 237 25.63 8.94 -10.55
N GLY D 238 26.49 8.28 -9.80
CA GLY D 238 26.29 6.86 -9.52
C GLY D 238 26.41 6.05 -10.79
N ARG D 239 25.55 5.03 -10.92
CA ARG D 239 25.57 4.19 -12.11
C ARG D 239 25.11 4.95 -13.35
N GLY D 240 24.39 6.06 -13.16
CA GLY D 240 23.92 6.86 -14.26
C GLY D 240 24.86 8.00 -14.61
N ARG D 241 26.11 7.92 -14.15
CA ARG D 241 27.10 8.92 -14.49
C ARG D 241 27.48 8.79 -15.97
N PHE D 242 27.86 9.94 -16.55
CA PHE D 242 28.19 10.08 -17.97
C PHE D 242 27.02 9.79 -18.89
N SER D 243 25.79 9.88 -18.39
CA SER D 243 24.59 9.54 -19.16
C SER D 243 23.67 10.75 -19.34
N ALA D 244 24.23 11.94 -19.41
CA ALA D 244 23.46 13.17 -19.63
C ALA D 244 24.20 14.01 -20.67
N PHE D 245 23.81 13.82 -21.94
CA PHE D 245 24.45 14.53 -23.04
C PHE D 245 23.76 15.86 -23.31
N ASN D 246 24.55 16.91 -23.46
CA ASN D 246 24.02 18.25 -23.66
C ASN D 246 24.82 18.96 -24.73
N LEU D 247 24.11 19.62 -25.65
CA LEU D 247 24.70 20.41 -26.72
C LEU D 247 24.24 21.86 -26.58
N PRO D 248 25.02 22.71 -25.93
CA PRO D 248 24.67 24.14 -25.84
C PRO D 248 25.25 24.90 -27.03
N LEU D 249 24.41 25.70 -27.68
CA LEU D 249 24.82 26.46 -28.85
C LEU D 249 24.84 27.95 -28.55
N GLU D 251 23.82 31.96 -30.04
CA GLU D 251 22.50 32.11 -30.63
C GLU D 251 22.59 32.24 -32.14
N GLY D 252 21.45 32.37 -32.80
CA GLY D 252 21.41 32.59 -34.24
C GLY D 252 21.97 31.44 -35.06
N ILE D 253 21.61 30.21 -34.74
CA ILE D 253 22.09 29.05 -35.47
C ILE D 253 21.04 28.64 -36.49
N ASN D 254 21.47 28.48 -37.73
CA ASN D 254 20.57 28.19 -38.84
C ASN D 254 20.29 26.69 -38.96
N ASP D 255 19.45 26.34 -39.93
CA ASP D 255 19.05 24.94 -40.11
C ASP D 255 20.24 24.05 -40.41
N LEU D 256 21.13 24.51 -41.28
CA LEU D 256 22.26 23.68 -41.70
C LEU D 256 23.23 23.44 -40.54
N ASP D 257 23.60 24.51 -39.84
CA ASP D 257 24.51 24.37 -38.70
C ASP D 257 23.90 23.53 -37.60
N TRP D 258 22.62 23.76 -37.29
CA TRP D 258 21.93 22.99 -36.27
C TRP D 258 21.89 21.51 -36.64
N SER D 259 21.56 21.20 -37.89
CA SER D 259 21.48 19.82 -38.34
C SER D 259 22.84 19.14 -38.28
N ASN D 260 23.89 19.84 -38.74
CA ASN D 260 25.23 19.28 -38.68
C ASN D 260 25.69 19.06 -37.25
N ALA D 261 25.26 19.93 -36.33
CA ALA D 261 25.63 19.75 -34.93
C ALA D 261 24.88 18.59 -34.29
N ILE D 262 23.63 18.36 -34.69
CA ILE D 262 22.82 17.36 -33.99
C ILE D 262 23.03 15.96 -34.55
N GLY D 263 23.19 15.82 -35.87
CA GLY D 263 23.19 14.52 -36.52
C GLY D 263 24.10 13.47 -35.90
N PRO D 264 25.41 13.72 -35.93
CA PRO D 264 26.35 12.71 -35.43
C PRO D 264 26.14 12.32 -33.97
N ILE D 265 25.73 13.26 -33.13
CA ILE D 265 25.54 12.95 -31.71
C ILE D 265 24.46 11.88 -31.54
N LEU D 266 23.30 12.11 -32.15
CA LEU D 266 22.21 11.15 -31.98
C LEU D 266 22.46 9.87 -32.77
N ASP D 267 23.17 9.94 -33.89
CA ASP D 267 23.57 8.71 -34.59
C ASP D 267 24.44 7.84 -33.68
N SER D 268 25.44 8.45 -33.05
CA SER D 268 26.31 7.70 -32.14
C SER D 268 25.55 7.19 -30.93
N LEU D 269 24.61 7.99 -30.41
CA LEU D 269 23.79 7.55 -29.28
C LEU D 269 22.98 6.33 -29.66
N ASN D 270 22.38 6.32 -30.85
CA ASN D 270 21.64 5.15 -31.29
C ASN D 270 22.56 3.94 -31.45
N ILE D 271 23.75 4.15 -32.02
CA ILE D 271 24.66 3.04 -32.26
C ILE D 271 25.08 2.40 -30.95
N VAL D 272 25.42 3.23 -29.96
CA VAL D 272 25.98 2.71 -28.71
C VAL D 272 24.87 2.21 -27.78
N ILE D 273 23.92 3.10 -27.44
CA ILE D 273 22.94 2.79 -26.41
C ILE D 273 22.04 1.64 -26.86
N GLN D 274 21.60 1.66 -28.12
CA GLN D 274 20.67 0.69 -28.68
C GLN D 274 19.36 0.68 -27.90
N PRO D 275 18.59 1.77 -27.94
CA PRO D 275 17.38 1.86 -27.11
C PRO D 275 16.19 1.16 -27.75
N SER D 276 15.31 0.67 -26.88
CA SER D 276 14.05 0.10 -27.35
C SER D 276 13.04 1.17 -27.72
N TYR D 277 13.10 2.34 -27.08
CA TYR D 277 12.22 3.46 -27.37
C TYR D 277 13.03 4.73 -27.48
N VAL D 278 12.62 5.60 -28.41
CA VAL D 278 13.24 6.90 -28.59
C VAL D 278 12.13 7.95 -28.41
N VAL D 279 12.26 8.76 -27.39
CA VAL D 279 11.30 9.81 -27.11
C VAL D 279 11.85 11.15 -27.60
N VAL D 280 11.00 11.92 -28.27
CA VAL D 280 11.40 13.13 -28.96
C VAL D 280 10.62 14.30 -28.36
N GLN D 281 11.34 15.31 -27.90
CA GLN D 281 10.73 16.59 -27.53
C GLN D 281 10.88 17.51 -28.74
N CYS D 282 9.76 17.93 -29.32
CA CYS D 282 9.80 18.72 -30.54
C CYS D 282 9.23 20.12 -30.29
N GLY D 283 9.63 20.74 -29.19
CA GLY D 283 9.19 22.09 -28.89
C GLY D 283 9.60 23.04 -29.99
N ALA D 284 8.63 23.72 -30.60
CA ALA D 284 8.90 24.59 -31.75
C ALA D 284 9.13 26.02 -31.31
N ASP D 285 10.13 26.21 -30.45
CA ASP D 285 10.55 27.53 -30.03
C ASP D 285 11.94 27.89 -30.54
N CYS D 286 12.53 27.06 -31.40
CA CYS D 286 13.80 27.37 -32.04
C CYS D 286 13.62 28.08 -33.37
N LEU D 287 12.38 28.31 -33.80
CA LEU D 287 12.14 29.00 -35.06
C LEU D 287 12.55 30.46 -34.97
N ALA D 288 12.91 31.03 -36.12
CA ALA D 288 13.21 32.45 -36.18
C ALA D 288 11.98 33.29 -35.90
N THR D 289 10.80 32.80 -36.28
CA THR D 289 9.55 33.52 -36.06
C THR D 289 9.13 33.53 -34.60
N ASP D 290 9.79 32.75 -33.75
CA ASP D 290 9.46 32.74 -32.34
C ASP D 290 9.74 34.12 -31.73
N PRO D 291 8.90 34.61 -30.82
CA PRO D 291 9.11 35.96 -30.26
C PRO D 291 10.44 36.13 -29.57
N HIS D 292 11.05 35.05 -29.07
CA HIS D 292 12.36 35.17 -28.44
C HIS D 292 13.44 35.49 -29.47
N ARG D 293 13.33 34.92 -30.67
CA ARG D 293 14.29 35.14 -31.75
C ARG D 293 15.70 34.75 -31.32
N ILE D 294 15.83 33.56 -30.74
CA ILE D 294 17.13 33.06 -30.30
C ILE D 294 17.80 32.31 -31.45
N PHE D 295 17.18 31.24 -31.90
CA PHE D 295 17.65 30.52 -33.07
C PHE D 295 16.84 30.90 -34.30
N ARG D 296 17.28 30.42 -35.45
CA ARG D 296 16.67 30.77 -36.73
C ARG D 296 16.35 29.50 -37.54
N LEU D 297 15.72 28.54 -36.88
CA LEU D 297 15.26 27.34 -37.58
C LEU D 297 13.97 27.64 -38.34
N THR D 298 13.65 26.79 -39.31
CA THR D 298 12.50 27.00 -40.18
C THR D 298 11.70 25.72 -40.34
N ASN D 299 10.75 25.71 -41.27
CA ASN D 299 9.97 24.52 -41.61
C ASN D 299 9.92 24.33 -43.12
N PHE D 300 11.02 24.65 -43.80
CA PHE D 300 11.08 24.53 -45.25
C PHE D 300 11.16 23.08 -45.66
N TYR D 301 10.52 22.75 -46.80
CA TYR D 301 10.50 21.40 -47.34
C TYR D 301 10.98 21.44 -48.78
N PRO D 302 12.31 21.37 -49.01
CA PRO D 302 12.90 21.32 -50.35
C PRO D 302 12.35 20.20 -51.22
N LEU D 316 17.05 22.30 -46.01
CA LEU D 316 16.08 21.52 -45.25
C LEU D 316 16.02 21.99 -43.81
N SER D 317 14.81 21.98 -43.24
CA SER D 317 14.64 22.40 -41.85
C SER D 317 15.34 21.45 -40.91
N GLY D 318 15.87 22.01 -39.81
CA GLY D 318 16.55 21.18 -38.83
C GLY D 318 15.63 20.18 -38.15
N TYR D 319 14.43 20.63 -37.79
CA TYR D 319 13.46 19.74 -37.17
C TYR D 319 13.13 18.57 -38.08
N LEU D 320 12.89 18.85 -39.37
CA LEU D 320 12.56 17.79 -40.31
C LEU D 320 13.69 16.80 -40.47
N TYR D 321 14.93 17.30 -40.57
CA TYR D 321 16.08 16.41 -40.69
C TYR D 321 16.23 15.54 -39.45
N ALA D 322 16.06 16.13 -38.26
CA ALA D 322 16.19 15.36 -37.02
C ALA D 322 15.13 14.27 -36.95
N ILE D 323 13.88 14.62 -37.27
CA ILE D 323 12.79 13.65 -37.21
C ILE D 323 13.01 12.54 -38.23
N LYS D 324 13.45 12.90 -39.44
CA LYS D 324 13.70 11.88 -40.47
C LYS D 324 14.79 10.93 -40.03
N LYS D 325 15.88 11.46 -39.47
CA LYS D 325 16.96 10.60 -39.00
C LYS D 325 16.49 9.72 -37.84
N ILE D 326 15.65 10.25 -36.95
CA ILE D 326 15.15 9.48 -35.82
C ILE D 326 14.29 8.32 -36.31
N LEU D 327 13.38 8.59 -37.26
CA LEU D 327 12.55 7.50 -37.80
C LEU D 327 13.32 6.56 -38.71
N SER D 328 14.48 6.99 -39.22
CA SER D 328 15.29 6.09 -40.04
C SER D 328 15.85 4.92 -39.23
N TRP D 329 15.89 5.04 -37.90
CA TRP D 329 16.38 3.95 -37.07
C TRP D 329 15.37 2.83 -36.90
N LYS D 330 14.11 3.06 -37.28
CA LYS D 330 13.05 2.06 -37.17
C LYS D 330 12.90 1.59 -35.72
N VAL D 331 12.93 2.53 -34.80
CA VAL D 331 12.76 2.28 -33.36
C VAL D 331 11.47 2.93 -32.91
N PRO D 332 10.65 2.24 -32.10
CA PRO D 332 9.39 2.86 -31.62
C PRO D 332 9.61 4.22 -31.00
N THR D 333 8.95 5.24 -31.55
CA THR D 333 9.20 6.63 -31.18
C THR D 333 7.94 7.29 -30.65
N LEU D 334 8.13 8.01 -29.53
CA LEU D 334 7.06 8.82 -28.89
C LEU D 334 7.45 10.28 -29.11
N ILE D 335 6.81 10.97 -30.05
CA ILE D 335 7.18 12.34 -30.41
C ILE D 335 6.15 13.29 -29.82
N LEU D 336 6.64 14.27 -29.06
CA LEU D 336 5.81 15.24 -28.36
C LEU D 336 6.19 16.66 -28.78
N GLY D 337 5.24 17.58 -28.62
CA GLY D 337 5.47 18.97 -28.95
C GLY D 337 5.31 19.90 -27.77
N GLY D 338 6.39 20.56 -27.36
CA GLY D 338 6.39 21.36 -26.16
C GLY D 338 6.31 22.85 -26.38
N GLY D 339 7.46 23.53 -26.29
CA GLY D 339 7.49 24.97 -26.31
C GLY D 339 7.16 25.57 -27.67
N GLY D 340 6.90 26.88 -27.65
CA GLY D 340 6.53 27.61 -28.84
C GLY D 340 5.37 28.55 -28.60
N TYR D 341 5.56 29.83 -28.93
CA TYR D 341 4.55 30.85 -28.71
C TYR D 341 3.93 31.40 -29.98
N ASN D 342 4.56 31.19 -31.14
CA ASN D 342 3.99 31.59 -32.42
C ASN D 342 3.10 30.45 -32.90
N PHE D 343 1.84 30.49 -32.46
CA PHE D 343 0.94 29.35 -32.65
C PHE D 343 0.76 28.96 -34.12
N PRO D 344 0.53 29.89 -35.07
CA PRO D 344 0.36 29.44 -36.46
C PRO D 344 1.60 28.76 -37.05
N ASP D 345 2.78 29.37 -36.89
CA ASP D 345 3.98 28.78 -37.47
C ASP D 345 4.36 27.47 -36.78
N THR D 346 4.18 27.40 -35.45
CA THR D 346 4.40 26.14 -34.76
C THR D 346 3.44 25.08 -35.27
N ALA D 347 2.19 25.46 -35.57
CA ALA D 347 1.24 24.53 -36.14
C ALA D 347 1.69 24.05 -37.52
N ARG D 348 2.22 24.96 -38.35
CA ARG D 348 2.73 24.54 -39.66
C ARG D 348 3.88 23.54 -39.49
N LEU D 349 4.80 23.82 -38.58
CA LEU D 349 5.91 22.91 -38.34
C LEU D 349 5.43 21.54 -37.85
N TRP D 350 4.46 21.55 -36.94
CA TRP D 350 3.96 20.30 -36.39
C TRP D 350 3.20 19.49 -37.44
N THR D 351 2.44 20.17 -38.30
CA THR D 351 1.78 19.48 -39.40
C THR D 351 2.81 18.89 -40.36
N ARG D 352 3.88 19.64 -40.65
CA ARG D 352 4.91 19.12 -41.55
C ARG D 352 5.59 17.88 -40.96
N VAL D 353 5.91 17.91 -39.66
CA VAL D 353 6.58 16.75 -39.08
C VAL D 353 5.62 15.57 -38.97
N THR D 354 4.33 15.83 -38.73
CA THR D 354 3.36 14.74 -38.77
C THR D 354 3.27 14.12 -40.16
N ALA D 355 3.27 14.95 -41.20
CA ALA D 355 3.27 14.44 -42.56
C ALA D 355 4.53 13.64 -42.85
N LEU D 356 5.67 14.11 -42.35
CA LEU D 356 6.93 13.38 -42.55
C LEU D 356 6.86 12.02 -41.88
N THR D 357 6.29 11.96 -40.68
CA THR D 357 6.09 10.67 -40.03
C THR D 357 5.19 9.77 -40.85
N ILE D 358 4.14 10.35 -41.45
CA ILE D 358 3.25 9.55 -42.29
C ILE D 358 3.98 8.97 -43.49
N GLU D 359 4.79 9.80 -44.17
CA GLU D 359 5.50 9.31 -45.35
C GLU D 359 6.55 8.27 -44.99
N GLU D 360 7.34 8.54 -43.94
CA GLU D 360 8.42 7.62 -43.60
C GLU D 360 7.88 6.27 -43.13
N VAL D 361 6.64 6.22 -42.66
CA VAL D 361 6.03 4.98 -42.22
C VAL D 361 4.51 5.08 -42.27
N PRO D 370 1.60 24.54 -51.33
CA PRO D 370 2.01 25.26 -50.12
C PRO D 370 0.99 26.31 -49.67
N GLU D 371 -0.17 26.31 -50.30
CA GLU D 371 -1.26 27.21 -49.94
C GLU D 371 -2.09 26.52 -48.88
N ILE D 372 -2.20 27.14 -47.70
CA ILE D 372 -2.90 26.57 -46.56
C ILE D 372 -4.37 26.37 -46.90
N PRO D 373 -4.93 25.19 -46.64
CA PRO D 373 -6.36 24.99 -46.90
C PRO D 373 -7.22 25.75 -45.92
N GLU D 374 -8.42 26.12 -46.37
CA GLU D 374 -9.33 26.87 -45.52
C GLU D 374 -9.89 25.98 -44.41
N HIS D 375 -10.10 26.58 -43.25
CA HIS D 375 -10.61 25.87 -42.07
C HIS D 375 -11.07 26.92 -41.07
N SER D 376 -11.36 26.47 -39.84
CA SER D 376 -11.93 27.36 -38.84
C SER D 376 -10.98 28.46 -38.40
N TYR D 377 -9.68 28.18 -38.40
CA TYR D 377 -8.67 29.14 -37.92
C TYR D 377 -7.87 29.76 -39.06
N PHE D 378 -8.47 29.85 -40.25
CA PHE D 378 -7.77 30.42 -41.41
C PHE D 378 -7.40 31.88 -41.19
N SER D 379 -8.28 32.67 -40.57
CA SER D 379 -8.01 34.08 -40.39
C SER D 379 -6.80 34.35 -39.50
N ARG D 380 -6.34 33.34 -38.76
CA ARG D 380 -5.18 33.47 -37.90
C ARG D 380 -3.89 32.98 -38.57
N TYR D 381 -3.95 32.57 -39.84
CA TYR D 381 -2.80 32.05 -40.55
C TYR D 381 -2.24 33.04 -41.57
N GLY D 382 -2.50 34.32 -41.39
CA GLY D 382 -2.01 35.33 -42.31
C GLY D 382 -0.56 35.65 -42.08
N PRO D 383 -0.04 36.62 -42.86
CA PRO D 383 -0.80 37.32 -43.91
C PRO D 383 -0.66 36.65 -45.27
N ASP D 384 0.27 35.71 -45.40
CA ASP D 384 0.52 35.05 -46.68
C ASP D 384 -0.21 33.72 -46.80
N PHE D 385 -0.64 33.13 -45.68
CA PHE D 385 -1.27 31.81 -45.67
C PHE D 385 -0.43 30.79 -46.44
N GLU D 386 0.88 30.80 -46.20
CA GLU D 386 1.79 29.86 -46.83
C GLU D 386 2.02 28.64 -45.95
N SER D 403 33.43 25.35 -29.29
CA SER D 403 32.66 25.54 -30.51
C SER D 403 31.88 24.28 -30.88
N ILE D 404 31.73 24.03 -32.18
CA ILE D 404 30.95 22.89 -32.64
C ILE D 404 31.77 21.61 -32.53
N GLN D 405 32.95 21.59 -33.17
CA GLN D 405 33.79 20.40 -33.15
C GLN D 405 34.31 20.11 -31.75
N LYS D 406 34.53 21.15 -30.94
CA LYS D 406 34.94 20.93 -29.56
C LYS D 406 33.86 20.20 -28.77
N HIS D 407 32.60 20.60 -28.94
CA HIS D 407 31.51 19.90 -28.28
C HIS D 407 31.35 18.50 -28.85
N HIS D 408 31.60 18.32 -30.14
CA HIS D 408 31.56 16.98 -30.72
C HIS D 408 32.60 16.07 -30.07
N ARG D 409 33.83 16.57 -29.90
CA ARG D 409 34.87 15.80 -29.26
C ARG D 409 34.52 15.47 -27.81
N ARG D 410 34.00 16.46 -27.08
CA ARG D 410 33.63 16.24 -25.69
C ARG D 410 32.53 15.19 -25.57
N ILE D 411 31.52 15.27 -26.44
CA ILE D 411 30.42 14.33 -26.39
C ILE D 411 30.88 12.94 -26.80
N LEU D 412 31.80 12.86 -27.77
CA LEU D 412 32.37 11.57 -28.14
C LEU D 412 33.12 10.94 -26.97
N GLU D 413 33.92 11.73 -26.26
CA GLU D 413 34.63 11.20 -25.10
C GLU D 413 33.65 10.79 -24.00
N GLN D 414 32.59 11.56 -23.80
CA GLN D 414 31.58 11.20 -22.82
C GLN D 414 30.89 9.89 -23.19
N LEU D 415 30.60 9.71 -24.48
CA LEU D 415 30.05 8.44 -24.96
C LEU D 415 31.00 7.29 -24.70
N ARG D 416 32.29 7.49 -24.96
CA ARG D 416 33.27 6.44 -24.67
C ARG D 416 33.27 6.09 -23.19
N ASN D 417 33.24 7.11 -22.32
CA ASN D 417 33.25 6.88 -20.88
C ASN D 417 32.01 6.12 -20.44
N TYR D 418 30.83 6.53 -20.93
CA TYR D 418 29.59 5.87 -20.55
C TYR D 418 29.57 4.43 -21.03
N ALA D 419 29.99 4.19 -22.27
CA ALA D 419 30.04 2.84 -22.81
C ALA D 419 30.99 1.95 -22.02
N ASP D 420 32.16 2.48 -21.66
CA ASP D 420 33.08 1.71 -20.83
C ASP D 420 32.49 1.44 -19.45
N LEU D 421 31.77 2.41 -18.88
CA LEU D 421 31.17 2.23 -17.57
C LEU D 421 30.16 1.10 -17.58
N ASN D 422 29.30 1.05 -18.61
CA ASN D 422 28.31 -0.02 -18.68
C ASN D 422 28.77 -1.21 -19.51
N LYS D 423 29.91 -1.08 -20.21
CA LYS D 423 30.49 -2.16 -21.01
C LYS D 423 29.49 -2.68 -22.05
N LEU D 424 29.07 -1.76 -22.92
CA LEU D 424 28.22 -2.08 -24.05
C LEU D 424 29.06 -2.58 -25.22
N ILE D 425 28.40 -3.23 -26.16
CA ILE D 425 29.06 -3.81 -27.32
C ILE D 425 28.97 -2.82 -28.49
N TYR D 426 30.12 -2.38 -28.98
CA TYR D 426 30.19 -1.48 -30.12
C TYR D 426 31.64 -1.46 -30.60
N ASP D 427 31.90 -0.61 -31.61
CA ASP D 427 33.25 -0.40 -32.12
C ASP D 427 33.55 1.10 -32.09
N TYR D 428 34.71 1.46 -31.54
CA TYR D 428 35.09 2.85 -31.37
C TYR D 428 35.48 3.53 -32.68
N ASP D 429 35.69 2.77 -33.76
CA ASP D 429 36.04 3.36 -35.04
C ASP D 429 34.80 3.84 -35.81
N GLN D 430 33.74 3.03 -35.81
CA GLN D 430 32.53 3.42 -36.52
C GLN D 430 31.91 4.68 -35.93
N VAL D 431 31.91 4.77 -34.60
CA VAL D 431 31.32 5.94 -33.94
C VAL D 431 32.18 7.18 -34.18
N TYR D 432 33.50 7.04 -34.09
CA TYR D 432 34.38 8.19 -34.27
C TYR D 432 34.31 8.73 -35.69
N GLN D 433 34.20 7.84 -36.69
CA GLN D 433 34.13 8.28 -38.08
C GLN D 433 32.87 9.07 -38.37
N LEU D 434 31.85 8.98 -37.52
CA LEU D 434 30.66 9.80 -37.71
C LEU D 434 30.98 11.28 -37.56
N TYR D 435 32.01 11.61 -36.81
CA TYR D 435 32.40 13.01 -36.59
C TYR D 435 33.54 13.42 -37.51
ZN ZN E . 20.35 -10.20 9.78
K K F . 25.31 -5.95 13.16
K K G . 32.55 -7.56 25.23
C11 4VX H . 12.85 -14.28 11.78
C10 4VX H . 9.32 -11.93 9.98
C9 4VX H . 10.77 -12.15 10.41
C8 4VX H . 10.12 -14.21 9.32
C7 4VX H . 10.96 -13.62 10.23
C2 4VX H . 10.52 -17.91 8.77
S1 4VX H . 9.01 -13.07 8.59
C6 4VX H . 10.43 -15.58 9.26
C5 4VX H . 11.49 -15.76 10.19
C3 4VX H . 11.55 -18.09 9.69
N2 4VX H . 18.77 -12.83 10.44
C4 4VX H . 12.06 -17.02 10.39
C1 4VX H . 9.94 -16.68 8.55
N1 4VX H . 11.82 -14.53 10.78
C12 4VX H . 14.10 -13.74 11.18
S2 4VX H . 15.33 -14.83 10.63
C13 4VX H . 16.45 -13.53 10.55
C14 4VX H . 15.83 -12.30 10.65
C15 4VX H . 14.47 -12.44 10.99
C16 4VX H . 17.90 -13.84 10.38
O1 4VX H . 18.26 -15.00 10.20
O2 4VX H . 20.13 -13.07 10.38
BR1 4VX H . 9.86 -19.42 7.82
C17 4VX H . 8.28 -12.07 11.07
C18 4VX H . 8.52 -12.81 12.21
C19 4VX H . 7.56 -12.92 13.20
C20 4VX H . 6.35 -12.28 13.07
C21 4VX H . 6.10 -11.53 11.95
C22 4VX H . 7.06 -11.42 10.95
ZN ZN I . -9.35 0.77 34.53
K K J . -14.80 -2.85 31.60
K K K . -19.79 -3.88 18.14
K K L . 15.78 17.28 20.73
C11 4VX M . -7.01 8.48 34.77
C10 4VX M . -6.56 10.86 38.60
C9 4VX M . -7.12 10.60 37.20
C8 4VX M . -4.74 10.26 37.02
C7 4VX M . -5.98 9.92 36.53
C2 4VX M . -1.75 8.62 35.43
S1 4VX M . -4.85 11.42 38.33
C6 4VX M . -3.77 9.55 36.30
C5 4VX M . -4.49 8.77 35.35
C3 4VX M . -2.46 7.86 34.50
N2 4VX M . -7.40 2.22 34.85
C4 4VX M . -3.83 7.93 34.45
C1 4VX M . -2.38 9.46 36.33
N1 4VX M . -5.88 9.02 35.51
C12 4VX M . -6.93 7.00 34.55
S2 4VX M . -6.37 5.95 35.81
C13 4VX M . -6.89 4.57 34.91
C14 4VX M . -7.25 4.90 33.62
C15 4VX M . -7.26 6.30 33.43
C16 4VX M . -6.90 3.24 35.55
O1 4VX M . -6.48 3.09 36.70
O2 4VX M . -7.53 0.96 35.42
BR1 4VX M . 0.15 8.49 35.45
C17 4VX M . -7.36 11.85 39.41
C18 4VX M . -7.20 13.21 39.22
C19 4VX M . -7.94 14.11 39.97
C20 4VX M . -8.84 13.67 40.91
C21 4VX M . -8.99 12.31 41.11
C22 4VX M . -8.26 11.41 40.36
ZN ZN N . -20.39 3.59 -15.04
K K O . -24.71 9.08 -14.05
K K P . -31.44 17.89 -22.69
C11 4VX Q . -13.57 1.50 -19.05
C10 4VX Q . -9.47 0.63 -17.29
C9 4VX Q . -10.50 1.46 -18.07
C8 4VX Q . -10.73 -0.81 -18.89
C7 4VX Q . -11.36 0.40 -18.69
C2 4VX Q . -12.76 -3.56 -20.46
S1 4VX Q . -9.07 -0.79 -18.35
C6 4VX Q . -11.65 -1.68 -19.49
C5 4VX Q . -12.86 -0.94 -19.62
C3 4VX Q . -13.94 -2.82 -20.60
N2 4VX Q . -19.22 1.34 -16.39
C4 4VX Q . -14.00 -1.51 -20.19
C1 4VX Q . -11.61 -3.01 -19.92
N1 4VX Q . -12.65 0.37 -19.12
C12 4VX Q . -14.93 1.12 -18.56
S2 4VX Q . -15.28 1.12 -16.87
C13 4VX Q . -16.97 1.03 -17.20
C14 4VX Q . -17.22 0.73 -18.53
C15 4VX Q . -16.04 0.77 -19.30
C16 4VX Q . -17.93 1.24 -16.09
O1 4VX Q . -17.52 1.32 -14.94
O2 4VX Q . -20.15 1.65 -15.40
BR1 4VX Q . -12.73 -5.36 -21.07
C17 4VX Q . -8.24 1.40 -16.92
C18 4VX Q . -7.18 1.51 -17.80
C19 4VX Q . -6.03 2.22 -17.46
C20 4VX Q . -5.95 2.82 -16.23
C21 4VX Q . -6.98 2.72 -15.33
C22 4VX Q . -8.13 2.01 -15.68
C1 144 R . -44.85 1.10 3.31
N 144 R . -43.49 0.62 3.52
C2 144 R . -43.20 0.64 4.95
O2 144 R . -41.99 -0.02 5.20
C3 144 R . -43.38 -0.74 3.02
O3 144 R . -42.06 -1.19 3.16
C4 144 R . -42.57 1.49 2.82
O4 144 R . -41.70 0.75 2.02
K K S . -15.11 0.20 -49.39
ZN ZN T . 11.10 25.69 -24.41
K K U . 16.55 20.98 -25.27
K K V . 20.37 9.75 -17.67
CL CL W . 15.33 8.46 -43.66
C11 4VX X . 9.49 33.69 -21.26
C10 4VX X . 8.89 36.42 -17.61
C9 4VX X . 9.33 35.12 -18.30
C8 4VX X . 7.15 35.61 -19.19
C7 4VX X . 8.35 35.01 -19.43
C2 4VX X . 4.57 35.41 -21.92
S1 4VX X . 7.07 36.37 -17.61
C6 4VX X . 6.33 35.42 -20.32
C5 4VX X . 7.12 34.68 -21.23
C3 4VX X . 5.34 34.66 -22.81
N2 4VX X . 9.84 27.43 -21.28
C4 4VX X . 6.62 34.29 -22.48
C1 4VX X . 5.03 35.79 -20.69
N1 4VX X . 8.38 34.42 -20.65
C12 4VX X . 9.46 32.24 -20.91
S2 4VX X . 8.56 31.15 -21.91
C13 4VX X . 9.35 29.81 -21.18
C14 4VX X . 10.02 30.18 -20.03
C15 4VX X . 10.07 31.57 -19.88
C16 4VX X . 9.21 28.48 -21.82
O1 4VX X . 8.54 28.36 -22.85
O2 4VX X . 9.77 26.18 -21.87
BR1 4VX X . 2.79 35.89 -22.44
C17 4VX X . 9.45 36.61 -16.23
C18 4VX X . 8.77 37.38 -15.30
C19 4VX X . 9.29 37.54 -14.02
C20 4VX X . 10.46 36.92 -13.66
C21 4VX X . 11.12 36.15 -14.56
C22 4VX X . 10.62 35.98 -15.85
C1 144 Y . 24.54 5.77 -43.14
N 144 Y . 23.51 6.71 -43.53
C2 144 Y . 23.44 6.80 -44.98
O2 144 Y . 22.91 5.60 -45.50
C3 144 Y . 23.84 8.03 -42.99
O3 144 Y . 23.83 7.98 -41.60
C4 144 Y . 22.22 6.29 -43.01
O4 144 Y . 21.85 5.07 -43.58
#